data_6HWR
#
_entry.id   6HWR
#
_cell.length_a   126.242
_cell.length_b   126.242
_cell.length_c   296.877
_cell.angle_alpha   90.00
_cell.angle_beta   90.00
_cell.angle_gamma   120.00
#
_symmetry.space_group_name_H-M   'P 31 2 1'
#
loop_
_entity.id
_entity.type
_entity.pdbx_description
1 polymer 'Fe(3+)-Zn(2+) purple acid phosphatase'
2 polymer 'Fe(3+)-Zn(2+) purple acid phosphatase'
3 branched alpha-L-fucopyranose-(1-3)-[2-acetamido-2-deoxy-beta-D-glucopyranose-(1-4)]2-acetamido-2-deoxy-beta-D-glucopyranose
4 branched 2-acetamido-2-deoxy-beta-D-glucopyranose-(1-4)-2-acetamido-2-deoxy-beta-D-glucopyranose
5 non-polymer 'ZINC ION'
6 non-polymer 'FE (III) ION'
7 non-polymer 'SULFATE ION'
8 non-polymer GLYCEROL
9 non-polymer 1,2-ETHANEDIOL
10 non-polymer 'TRIETHYLENE GLYCOL'
11 non-polymer 2-acetamido-2-deoxy-beta-D-glucopyranose
12 non-polymer 'SODIUM ION'
13 non-polymer [[[[bis($l^{1}-oxidanyl)-[$l^{1}-oxidanyl-[tris($l^{1}-oxidanyl)vanadiooxy]vanadio]oxy-vanadio]oxy-bis($l^{1}-oxidanyl)vanadio]oxy-oxidanylidene-vanadio]-[bis($l^{1}-oxidanyl)vanadio]-$l^{3}-oxidanyl]-tetrakis($l^{1}-oxidanyl)vanadium
14 non-polymer [[[[bis(oxidanyl)-[tris(oxidanyl)vanadiooxy]vanadio]oxy-bis(oxidanyl)vanadio]-oxidanylidene-vanadio]oxy-oxidanyl-vanadio]oxy-tetrakis(oxidanyl)vanadium
15 non-polymer 'adenosine divanadate'
16 non-polymer pentakis(oxidanyl)vanadium
17 non-polymer 'ISOPROPYL ALCOHOL'
18 non-polymer 'VANADATE ION'
19 water water
#
loop_
_entity_poly.entity_id
_entity_poly.type
_entity_poly.pdbx_seq_one_letter_code
_entity_poly.pdbx_strand_id
1 'polypeptide(L)'
;KNRDMPLDSDVFRVPPGYNAPQQVHITQGDLVGRAMIISWVTMDEPGSSAVRYWSEKNGRKRIAKGKMSTYRFFNYSSGF
IHHTTIRKLKYNTKYYYEVGLRNTTRRFSFITPPQTGLDVPYTFGLIGDLGQSFDSNTTLSHYELSPKKGQTVLFVGDLS
YADRYPNHDNVRWDTWGRFTERSVAYQPWIWTAGNHEIEFAPEINETEPFKPFSYRYHVPYEASQSTSPFWYSIKRASAH
IIVLSSYSAYGRGTPQYTWLKKELRKVKRSETPWLIVLMHSPLYNSYNHHFMEGEAMRTKFEAWFVKYKVDVVFAGHVHA
YERSERVSNIAYKITNGLCTPVKDQSAPVYITIGDAGNYGVIDSNMIQPQPEYSAFREASFGHGMFDIKNRTHAHFSWNR
NQDGVAVEADSVWFFNRHWYPVDDST
;
C,B,A
2 'polypeptide(L)'
;KNRDMPLDSDVFRVPPGYNAPQQVHITQGDLVGRAMIISWVTMDEPGSSAVRYWSEKNGRKRIAKGKMSTYRFFNYSSGF
IHHTTIRKLKYNTKYYYEVGLRNTTRRFSFITPPQTGLDVPYTFGLIGDLGQSFDSNTTLSHYELSPKKGQTVLFVGDLS
YADRYPNHDNVRWDTWGRFTERSVAYQPWIWTAGNHEIEFAPEINETEPFKPFSYRYHVPYEASQSTSPFWYSIKRASAH
IIVLSSYSAYGRGTPQYTWLKKELRKVKRSETPWLIVLMHSPLYNSYNHHFMEGEAMRTKFEAWFVKYKVDVVFAGHVHA
YERSERVSNIAYKITNGLCTPVKDQSAPVYITIGDAGDYGVIDSNMIQPQPEYSAFREASFGHGMFDIKNRTHAHFSWNR
NQDGVAVEADSVWFFNRHWYPVDDST
;
D
#
# COMPACT_ATOMS: atom_id res chain seq x y z
N ARG A 3 31.32 -26.26 7.85
CA ARG A 3 32.47 -25.67 7.16
C ARG A 3 32.23 -24.21 6.81
N ASP A 4 31.11 -23.65 7.28
CA ASP A 4 30.88 -22.22 7.09
C ASP A 4 31.86 -21.41 7.94
N MET A 5 32.34 -20.31 7.38
CA MET A 5 33.29 -19.50 8.12
C MET A 5 32.63 -18.88 9.34
N PRO A 6 33.31 -18.86 10.49
CA PRO A 6 32.75 -18.28 11.71
C PRO A 6 32.47 -16.79 11.59
N LEU A 7 31.53 -16.31 12.42
CA LEU A 7 31.14 -14.91 12.36
C LEU A 7 32.32 -13.97 12.63
N ASP A 8 33.35 -14.42 13.36
CA ASP A 8 34.48 -13.54 13.62
C ASP A 8 35.58 -13.61 12.55
N SER A 9 35.30 -14.21 11.39
CA SER A 9 36.31 -14.29 10.34
C SER A 9 36.64 -12.91 9.80
N ASP A 10 37.88 -12.78 9.33
CA ASP A 10 38.34 -11.49 8.82
C ASP A 10 37.50 -11.01 7.65
N VAL A 11 37.04 -11.94 6.80
CA VAL A 11 36.25 -11.57 5.64
C VAL A 11 34.90 -10.97 6.04
N PHE A 12 34.50 -11.14 7.30
CA PHE A 12 33.23 -10.63 7.78
C PHE A 12 33.38 -9.36 8.61
N ARG A 13 34.59 -8.82 8.73
CA ARG A 13 34.81 -7.62 9.54
C ARG A 13 33.90 -6.49 9.10
N VAL A 14 33.43 -5.70 10.06
CA VAL A 14 32.58 -4.54 9.81
C VAL A 14 33.48 -3.35 9.48
N PRO A 15 33.29 -2.68 8.35
CA PRO A 15 34.08 -1.47 8.07
C PRO A 15 33.94 -0.46 9.19
N PRO A 16 35.04 0.11 9.66
CA PRO A 16 34.98 0.98 10.85
C PRO A 16 34.40 2.35 10.54
N GLY A 17 33.92 3.00 11.58
CA GLY A 17 33.45 4.36 11.49
C GLY A 17 31.94 4.41 11.62
N TYR A 18 31.43 5.52 12.18
CA TYR A 18 30.01 5.62 12.43
C TYR A 18 29.23 5.53 11.13
N ASN A 19 28.30 4.56 11.09
CA ASN A 19 27.42 4.33 9.94
C ASN A 19 28.20 4.10 8.65
N ALA A 20 29.36 3.44 8.74
CA ALA A 20 30.13 3.17 7.54
C ALA A 20 29.35 2.26 6.61
N PRO A 21 29.25 2.59 5.32
CA PRO A 21 28.62 1.66 4.37
C PRO A 21 29.32 0.32 4.39
N GLN A 22 28.54 -0.74 4.26
CA GLN A 22 29.07 -2.09 4.16
C GLN A 22 28.26 -2.85 3.13
N GLN A 23 28.70 -4.08 2.84
CA GLN A 23 28.08 -4.91 1.81
C GLN A 23 27.91 -4.16 0.49
N VAL A 24 28.95 -3.45 0.10
CA VAL A 24 28.87 -2.62 -1.10
C VAL A 24 28.95 -3.54 -2.32
N HIS A 25 28.00 -3.39 -3.25
CA HIS A 25 28.01 -4.21 -4.46
C HIS A 25 27.45 -3.42 -5.62
N ILE A 26 27.96 -3.71 -6.83
CA ILE A 26 27.50 -3.02 -8.04
C ILE A 26 27.10 -4.05 -9.10
N THR A 27 26.21 -3.63 -10.00
CA THR A 27 25.87 -4.42 -11.16
C THR A 27 25.45 -3.47 -12.27
N GLN A 28 25.35 -4.00 -13.49
CA GLN A 28 24.98 -3.14 -14.61
C GLN A 28 23.58 -2.58 -14.41
N GLY A 29 23.40 -1.31 -14.76
CA GLY A 29 22.17 -0.62 -14.45
C GLY A 29 21.31 -0.26 -15.64
N ASP A 30 21.70 -0.68 -16.84
CA ASP A 30 20.96 -0.34 -18.06
C ASP A 30 21.14 -1.49 -19.04
N LEU A 31 20.66 -1.29 -20.27
CA LEU A 31 20.74 -2.39 -21.22
C LEU A 31 22.13 -2.57 -21.82
N VAL A 32 22.90 -1.48 -21.98
CA VAL A 32 24.09 -1.53 -22.85
C VAL A 32 25.39 -1.21 -22.13
N GLY A 33 25.37 -0.80 -20.87
CA GLY A 33 26.60 -0.65 -20.11
C GLY A 33 26.91 0.76 -19.67
N ARG A 34 26.06 1.75 -19.96
CA ARG A 34 26.30 3.13 -19.55
C ARG A 34 25.77 3.42 -18.16
N ALA A 35 25.28 2.43 -17.44
CA ALA A 35 24.77 2.67 -16.09
C ALA A 35 25.24 1.58 -15.15
N MET A 36 25.23 1.92 -13.85
CA MET A 36 25.61 1.01 -12.79
C MET A 36 24.67 1.19 -11.61
N ILE A 37 24.14 0.08 -11.08
CA ILE A 37 23.43 0.11 -9.81
C ILE A 37 24.45 -0.05 -8.70
N ILE A 38 24.50 0.94 -7.82
CA ILE A 38 25.38 0.94 -6.65
C ILE A 38 24.53 0.62 -5.43
N SER A 39 24.94 -0.40 -4.68
CA SER A 39 24.14 -0.90 -3.58
C SER A 39 25.00 -1.05 -2.34
N TRP A 40 24.42 -0.72 -1.19
CA TRP A 40 25.14 -0.90 0.06
C TRP A 40 24.15 -0.84 1.22
N VAL A 41 24.67 -1.12 2.41
CA VAL A 41 23.89 -1.18 3.64
C VAL A 41 24.55 -0.26 4.67
N THR A 42 23.74 0.52 5.38
CA THR A 42 24.18 1.20 6.59
C THR A 42 23.44 0.62 7.78
N MET A 43 24.15 0.44 8.88
CA MET A 43 23.61 -0.27 10.04
C MET A 43 23.20 0.65 11.18
N ASP A 44 23.84 1.81 11.32
CA ASP A 44 23.59 2.66 12.47
C ASP A 44 22.41 3.61 12.27
N GLU A 45 22.20 4.11 11.06
CA GLU A 45 21.04 4.96 10.82
C GLU A 45 20.80 4.99 9.31
N PRO A 46 19.60 5.42 8.87
CA PRO A 46 19.31 5.41 7.42
C PRO A 46 20.43 5.94 6.55
N GLY A 47 20.96 7.12 6.84
CA GLY A 47 21.98 7.71 6.01
C GLY A 47 21.48 8.21 4.65
N SER A 48 22.43 8.72 3.88
CA SER A 48 22.16 9.28 2.57
C SER A 48 22.26 8.20 1.50
N SER A 49 21.32 8.21 0.56
CA SER A 49 21.40 7.34 -0.61
C SER A 49 22.14 8.01 -1.78
N ALA A 50 22.84 9.10 -1.54
CA ALA A 50 23.62 9.76 -2.59
C ALA A 50 24.90 9.00 -2.87
N VAL A 51 25.26 8.93 -4.15
CA VAL A 51 26.56 8.42 -4.57
C VAL A 51 27.29 9.56 -5.25
N ARG A 52 28.50 9.87 -4.77
CA ARG A 52 29.36 10.81 -5.47
C ARG A 52 30.28 10.01 -6.38
N TYR A 53 30.45 10.45 -7.62
CA TYR A 53 31.22 9.69 -8.59
C TYR A 53 31.88 10.63 -9.59
N TRP A 54 32.97 10.15 -10.18
CA TRP A 54 33.71 10.92 -11.17
C TRP A 54 34.55 9.98 -12.01
N SER A 55 34.74 10.35 -13.28
CA SER A 55 35.65 9.63 -14.15
C SER A 55 37.08 10.10 -13.92
N GLU A 56 38.02 9.16 -14.06
CA GLU A 56 39.42 9.53 -14.08
C GLU A 56 39.71 10.47 -15.23
N LYS A 57 39.00 10.32 -16.35
CA LYS A 57 39.27 11.09 -17.56
C LYS A 57 38.87 12.55 -17.40
N ASN A 58 37.72 12.83 -16.79
CA ASN A 58 37.25 14.19 -16.68
C ASN A 58 37.27 14.76 -15.26
N GLY A 59 37.32 13.91 -14.24
CA GLY A 59 37.52 14.36 -12.87
C GLY A 59 36.45 15.31 -12.37
N ARG A 60 35.24 15.22 -12.93
CA ARG A 60 34.12 16.06 -12.53
C ARG A 60 33.26 15.28 -11.55
N LYS A 61 33.21 15.74 -10.30
CA LYS A 61 32.45 15.04 -9.28
C LYS A 61 30.97 15.29 -9.49
N ARG A 62 30.19 14.21 -9.57
CA ARG A 62 28.76 14.28 -9.78
C ARG A 62 28.06 13.53 -8.66
N ILE A 63 26.76 13.80 -8.51
CA ILE A 63 25.95 13.20 -7.47
C ILE A 63 24.77 12.52 -8.13
N ALA A 64 24.52 11.26 -7.74
CA ALA A 64 23.30 10.55 -8.11
C ALA A 64 22.54 10.20 -6.85
N LYS A 65 21.22 10.35 -6.88
CA LYS A 65 20.36 10.07 -5.73
C LYS A 65 19.64 8.75 -5.93
N GLY A 66 19.53 7.97 -4.85
CA GLY A 66 18.90 6.67 -4.90
C GLY A 66 17.78 6.56 -3.88
N LYS A 67 17.56 5.33 -3.42
CA LYS A 67 16.44 4.99 -2.57
C LYS A 67 16.90 4.06 -1.46
N MET A 68 16.32 4.23 -0.29
CA MET A 68 16.61 3.37 0.85
C MET A 68 15.40 2.50 1.12
N SER A 69 15.64 1.26 1.49
CA SER A 69 14.56 0.33 1.83
C SER A 69 15.00 -0.50 3.04
N THR A 70 14.02 -1.11 3.69
CA THR A 70 14.27 -2.05 4.78
C THR A 70 13.32 -3.23 4.62
N TYR A 71 13.65 -4.34 5.28
CA TYR A 71 12.72 -5.46 5.31
C TYR A 71 12.89 -6.19 6.64
N ARG A 72 11.89 -7.02 6.96
CA ARG A 72 11.93 -7.94 8.09
C ARG A 72 11.76 -9.35 7.56
N PHE A 73 12.35 -10.32 8.26
CA PHE A 73 12.14 -11.74 7.96
C PHE A 73 12.00 -12.44 9.30
N PHE A 74 10.80 -12.92 9.63
CA PHE A 74 10.57 -13.49 10.95
C PHE A 74 10.99 -12.47 12.01
N ASN A 75 11.95 -12.80 12.87
CA ASN A 75 12.36 -11.87 13.92
C ASN A 75 13.63 -11.10 13.56
N TYR A 76 14.08 -11.17 12.31
CA TYR A 76 15.22 -10.38 11.85
C TYR A 76 14.72 -9.06 11.29
N SER A 77 15.46 -7.98 11.56
CA SER A 77 15.16 -6.68 10.97
C SER A 77 16.39 -6.18 10.24
N SER A 78 16.23 -5.83 8.97
CA SER A 78 17.38 -5.43 8.18
C SER A 78 17.92 -4.08 8.65
N GLY A 79 19.16 -3.82 8.30
CA GLY A 79 19.67 -2.47 8.27
C GLY A 79 19.09 -1.71 7.10
N PHE A 80 19.70 -0.60 6.76
CA PHE A 80 19.16 0.31 5.77
C PHE A 80 19.85 0.05 4.44
N ILE A 81 19.09 -0.46 3.49
CA ILE A 81 19.58 -0.90 2.20
C ILE A 81 19.44 0.25 1.22
N HIS A 82 20.54 0.58 0.52
CA HIS A 82 20.56 1.65 -0.47
C HIS A 82 20.80 1.08 -1.86
N HIS A 83 20.03 1.56 -2.83
CA HIS A 83 20.24 1.26 -4.25
C HIS A 83 20.18 2.57 -5.03
N THR A 84 21.23 2.85 -5.79
CA THR A 84 21.36 4.11 -6.50
C THR A 84 21.92 3.81 -7.87
N THR A 85 21.26 4.30 -8.91
CA THR A 85 21.67 4.05 -10.27
C THR A 85 22.42 5.27 -10.79
N ILE A 86 23.68 5.06 -11.17
CA ILE A 86 24.46 6.07 -11.87
C ILE A 86 24.27 5.85 -13.36
N ARG A 87 23.92 6.91 -14.09
CA ARG A 87 23.54 6.82 -15.50
C ARG A 87 24.47 7.66 -16.37
N LYS A 88 24.32 7.45 -17.69
CA LYS A 88 24.99 8.27 -18.70
C LYS A 88 26.52 8.22 -18.55
N LEU A 89 27.04 7.03 -18.23
CA LEU A 89 28.47 6.86 -18.07
C LEU A 89 29.15 6.73 -19.42
N LYS A 90 30.41 7.15 -19.49
CA LYS A 90 31.19 6.99 -20.69
C LYS A 90 31.71 5.55 -20.80
N TYR A 91 31.78 5.04 -22.03
CA TYR A 91 32.26 3.68 -22.25
C TYR A 91 33.76 3.58 -21.98
N ASN A 92 34.18 2.39 -21.56
CA ASN A 92 35.59 2.03 -21.41
C ASN A 92 36.36 3.05 -20.57
N THR A 93 35.78 3.45 -19.45
CA THR A 93 36.30 4.55 -18.64
C THR A 93 36.31 4.14 -17.17
N LYS A 94 37.40 4.45 -16.48
CA LYS A 94 37.47 4.21 -15.05
C LYS A 94 36.71 5.29 -14.28
N TYR A 95 35.84 4.86 -13.36
CA TYR A 95 35.10 5.75 -12.49
C TYR A 95 35.43 5.44 -11.04
N TYR A 96 35.52 6.47 -10.21
CA TYR A 96 35.53 6.30 -8.77
C TYR A 96 34.16 6.66 -8.24
N TYR A 97 33.75 6.00 -7.16
CA TYR A 97 32.47 6.34 -6.55
C TYR A 97 32.61 6.22 -5.04
N GLU A 98 31.85 7.06 -4.35
CA GLU A 98 31.85 7.12 -2.89
C GLU A 98 30.43 6.98 -2.38
N VAL A 99 30.30 6.30 -1.25
CA VAL A 99 29.03 6.12 -0.55
C VAL A 99 29.28 6.44 0.92
N GLY A 100 28.21 6.77 1.62
CA GLY A 100 28.28 7.18 3.02
C GLY A 100 28.57 8.65 3.18
N LEU A 101 27.97 9.49 2.32
CA LEU A 101 28.37 10.88 2.22
C LEU A 101 28.06 11.70 3.48
N ARG A 102 27.21 11.21 4.37
CA ARG A 102 26.86 12.03 5.52
C ARG A 102 27.77 11.80 6.71
N ASN A 103 28.31 10.59 6.87
CA ASN A 103 29.10 10.32 8.05
C ASN A 103 30.45 9.69 7.69
N THR A 104 30.51 8.39 7.49
CA THR A 104 31.78 7.74 7.14
C THR A 104 31.75 7.37 5.67
N THR A 105 32.57 8.05 4.87
CA THR A 105 32.59 7.86 3.43
C THR A 105 33.55 6.74 3.05
N ARG A 106 33.17 5.93 2.05
CA ARG A 106 34.04 4.89 1.54
C ARG A 106 34.09 4.97 0.03
N ARG A 107 35.27 4.74 -0.54
CA ARG A 107 35.52 4.96 -1.96
C ARG A 107 35.93 3.67 -2.65
N PHE A 108 35.40 3.48 -3.86
CA PHE A 108 35.64 2.31 -4.69
C PHE A 108 35.79 2.80 -6.12
N SER A 109 35.97 1.86 -7.04
CA SER A 109 36.09 2.22 -8.44
C SER A 109 35.60 1.07 -9.30
N PHE A 110 35.31 1.37 -10.56
CA PHE A 110 34.99 0.36 -11.56
C PHE A 110 35.37 0.93 -12.92
N ILE A 111 35.36 0.07 -13.93
CA ILE A 111 35.66 0.45 -15.30
C ILE A 111 34.47 0.04 -16.15
N THR A 112 33.88 1.01 -16.84
CA THR A 112 32.75 0.67 -17.69
C THR A 112 33.21 -0.18 -18.86
N PRO A 113 32.34 -1.02 -19.41
CA PRO A 113 32.71 -1.82 -20.57
C PRO A 113 32.84 -0.94 -21.79
N PRO A 114 33.51 -1.42 -22.85
CA PRO A 114 33.44 -0.72 -24.13
C PRO A 114 32.02 -0.76 -24.68
N GLN A 115 31.74 0.14 -25.62
CA GLN A 115 30.46 0.10 -26.33
C GLN A 115 30.26 -1.27 -26.96
N THR A 116 28.99 -1.72 -27.01
CA THR A 116 28.74 -3.02 -27.59
C THR A 116 29.17 -3.02 -29.07
N GLY A 117 29.59 -4.18 -29.54
CA GLY A 117 30.13 -4.26 -30.89
C GLY A 117 30.59 -5.67 -31.19
N LEU A 118 30.89 -5.88 -32.48
CA LEU A 118 31.06 -7.21 -33.03
C LEU A 118 32.31 -7.91 -32.48
N ASP A 119 33.45 -7.22 -32.43
CA ASP A 119 34.71 -7.87 -32.09
C ASP A 119 35.25 -7.45 -30.72
N VAL A 120 34.42 -6.87 -29.86
CA VAL A 120 34.85 -6.31 -28.58
C VAL A 120 35.25 -7.43 -27.62
N PRO A 121 36.52 -7.58 -27.26
CA PRO A 121 36.89 -8.59 -26.26
C PRO A 121 36.37 -8.25 -24.87
N TYR A 122 36.13 -9.30 -24.09
CA TYR A 122 35.68 -9.12 -22.71
C TYR A 122 35.82 -10.43 -21.99
N THR A 123 36.22 -10.38 -20.73
CA THR A 123 36.47 -11.58 -19.94
C THR A 123 35.43 -11.67 -18.82
N PHE A 124 34.60 -12.72 -18.87
CA PHE A 124 33.58 -12.96 -17.86
C PHE A 124 34.03 -14.04 -16.89
N GLY A 125 33.91 -13.76 -15.59
CA GLY A 125 34.04 -14.82 -14.61
C GLY A 125 32.76 -15.62 -14.51
N LEU A 126 32.91 -16.90 -14.18
CA LEU A 126 31.76 -17.76 -13.92
C LEU A 126 31.85 -18.34 -12.52
N ILE A 127 30.87 -17.98 -11.69
CA ILE A 127 30.80 -18.39 -10.29
C ILE A 127 29.37 -18.83 -10.00
N GLY A 128 29.21 -19.97 -9.33
CA GLY A 128 27.88 -20.44 -8.94
C GLY A 128 27.92 -21.12 -7.59
N ASP A 129 26.83 -20.98 -6.85
CA ASP A 129 26.65 -21.66 -5.56
C ASP A 129 27.81 -21.33 -4.62
N LEU A 130 28.01 -20.04 -4.38
CA LEU A 130 29.23 -19.60 -3.72
C LEU A 130 29.19 -19.86 -2.22
N GLY A 131 28.16 -19.38 -1.52
CA GLY A 131 28.12 -19.62 -0.08
C GLY A 131 29.24 -18.89 0.66
N GLN A 132 29.49 -19.35 1.89
CA GLN A 132 30.46 -18.68 2.76
C GLN A 132 31.20 -19.70 3.63
N SER A 133 31.61 -20.82 3.01
CA SER A 133 32.53 -21.76 3.63
C SER A 133 33.96 -21.32 3.32
N PHE A 134 34.93 -22.00 3.93
CA PHE A 134 36.32 -21.73 3.57
C PHE A 134 36.59 -22.08 2.11
N ASP A 135 35.87 -23.06 1.56
CA ASP A 135 35.99 -23.36 0.14
C ASP A 135 35.56 -22.17 -0.70
N SER A 136 34.46 -21.50 -0.30
CA SER A 136 33.99 -20.31 -0.99
C SER A 136 35.08 -19.24 -1.04
N ASN A 137 35.72 -19.00 0.10
CA ASN A 137 36.78 -18.01 0.15
C ASN A 137 37.94 -18.36 -0.77
N THR A 138 38.33 -19.64 -0.81
CA THR A 138 39.39 -20.06 -1.72
C THR A 138 39.01 -19.80 -3.16
N THR A 139 37.76 -20.11 -3.55
CA THR A 139 37.33 -19.89 -4.93
C THR A 139 37.40 -18.40 -5.26
N LEU A 140 36.91 -17.55 -4.37
CA LEU A 140 36.96 -16.11 -4.62
C LEU A 140 38.40 -15.63 -4.75
N SER A 141 39.29 -16.16 -3.90
CA SER A 141 40.70 -15.83 -4.01
CA SER A 141 40.70 -15.82 -4.02
C SER A 141 41.27 -16.22 -5.37
N HIS A 142 40.95 -17.44 -5.83
CA HIS A 142 41.45 -17.88 -7.13
C HIS A 142 40.91 -17.01 -8.25
N TYR A 143 39.63 -16.65 -8.19
CA TYR A 143 39.09 -15.77 -9.22
C TYR A 143 39.84 -14.44 -9.28
N GLU A 144 40.01 -13.79 -8.13
CA GLU A 144 40.62 -12.46 -8.15
C GLU A 144 42.12 -12.51 -8.43
N LEU A 145 42.74 -13.67 -8.24
CA LEU A 145 44.15 -13.86 -8.56
C LEU A 145 44.37 -14.39 -9.97
N SER A 146 43.32 -14.54 -10.76
CA SER A 146 43.46 -15.18 -12.06
C SER A 146 44.17 -14.25 -13.03
N PRO A 147 45.18 -14.74 -13.76
CA PRO A 147 45.83 -13.87 -14.76
C PRO A 147 44.95 -13.58 -15.95
N LYS A 148 43.86 -14.31 -16.15
CA LYS A 148 42.92 -13.93 -17.20
C LYS A 148 42.16 -12.65 -16.84
N LYS A 149 42.19 -12.24 -15.58
CA LYS A 149 41.57 -10.99 -15.11
C LYS A 149 40.11 -10.88 -15.52
N GLY A 150 39.21 -11.41 -14.71
CA GLY A 150 37.79 -11.30 -15.00
C GLY A 150 37.34 -9.86 -14.85
N GLN A 151 36.44 -9.43 -15.73
CA GLN A 151 35.94 -8.05 -15.70
C GLN A 151 34.51 -7.92 -15.21
N THR A 152 33.77 -9.02 -15.16
CA THR A 152 32.39 -9.08 -14.72
C THR A 152 32.12 -10.53 -14.36
N VAL A 153 31.47 -10.78 -13.23
CA VAL A 153 31.09 -12.14 -12.87
C VAL A 153 29.67 -12.41 -13.35
N LEU A 154 29.48 -13.55 -14.01
CA LEU A 154 28.16 -14.09 -14.31
C LEU A 154 27.86 -15.11 -13.21
N PHE A 155 26.90 -14.78 -12.35
CA PHE A 155 26.67 -15.54 -11.12
C PHE A 155 25.40 -16.35 -11.27
N VAL A 156 25.53 -17.68 -11.27
CA VAL A 156 24.41 -18.52 -11.70
C VAL A 156 23.55 -19.00 -10.54
N GLY A 157 23.63 -18.33 -9.39
CA GLY A 157 22.63 -18.51 -8.35
C GLY A 157 23.17 -19.28 -7.15
N ASP A 158 22.36 -19.20 -6.08
CA ASP A 158 22.65 -19.70 -4.72
C ASP A 158 23.77 -18.85 -4.13
N LEU A 159 23.37 -17.76 -3.47
CA LEU A 159 24.30 -16.74 -3.01
C LEU A 159 24.84 -17.05 -1.62
N SER A 160 24.06 -16.74 -0.58
CA SER A 160 24.56 -16.75 0.79
C SER A 160 24.34 -18.07 1.53
N TYR A 161 23.35 -18.87 1.11
CA TYR A 161 22.91 -20.04 1.89
C TYR A 161 22.49 -19.66 3.29
N ALA A 162 22.02 -18.42 3.47
CA ALA A 162 21.50 -18.02 4.77
C ALA A 162 20.31 -18.88 5.17
N ASP A 163 19.54 -19.37 4.19
CA ASP A 163 18.36 -20.15 4.50
C ASP A 163 18.68 -21.50 5.13
N ARG A 164 19.95 -21.91 5.16
CA ARG A 164 20.29 -23.12 5.90
CA ARG A 164 20.31 -23.11 5.91
C ARG A 164 20.35 -22.89 7.40
N TYR A 165 20.32 -21.65 7.86
CA TYR A 165 20.43 -21.33 9.28
C TYR A 165 19.06 -21.31 9.94
N PRO A 166 19.01 -21.38 11.27
CA PRO A 166 17.72 -21.29 11.97
C PRO A 166 16.95 -20.04 11.58
N ASN A 167 15.71 -20.24 11.14
CA ASN A 167 14.86 -19.16 10.64
C ASN A 167 15.54 -18.38 9.52
N HIS A 168 16.40 -19.06 8.74
CA HIS A 168 17.14 -18.44 7.64
C HIS A 168 18.04 -17.31 8.11
N ASP A 169 18.42 -17.32 9.39
CA ASP A 169 19.10 -16.21 10.07
C ASP A 169 19.72 -15.20 9.10
N ASN A 170 19.01 -14.11 8.80
CA ASN A 170 19.43 -13.23 7.73
C ASN A 170 20.71 -12.46 8.04
N VAL A 171 21.24 -12.59 9.26
CA VAL A 171 22.59 -12.10 9.53
C VAL A 171 23.58 -12.72 8.55
N ARG A 172 23.31 -13.94 8.10
CA ARG A 172 24.22 -14.59 7.15
C ARG A 172 24.08 -14.06 5.74
N TRP A 173 23.05 -13.26 5.46
CA TRP A 173 23.06 -12.42 4.26
C TRP A 173 24.00 -11.24 4.44
N ASP A 174 24.00 -10.64 5.63
CA ASP A 174 24.87 -9.50 5.89
C ASP A 174 26.34 -9.90 5.81
N THR A 175 26.69 -11.05 6.40
CA THR A 175 28.07 -11.53 6.34
C THR A 175 28.48 -11.81 4.90
N TRP A 176 27.62 -12.50 4.14
CA TRP A 176 27.93 -12.76 2.73
C TRP A 176 28.20 -11.47 1.97
N GLY A 177 27.40 -10.43 2.20
CA GLY A 177 27.62 -9.17 1.51
C GLY A 177 28.95 -8.54 1.87
N ARG A 178 29.33 -8.61 3.15
CA ARG A 178 30.63 -8.08 3.55
C ARG A 178 31.77 -8.90 2.95
N PHE A 179 31.58 -10.22 2.85
CA PHE A 179 32.62 -11.10 2.31
C PHE A 179 32.82 -10.92 0.81
N THR A 180 31.73 -10.82 0.04
CA THR A 180 31.89 -10.68 -1.41
C THR A 180 32.26 -9.27 -1.84
N GLU A 181 32.16 -8.26 -0.96
CA GLU A 181 32.44 -6.87 -1.34
C GLU A 181 33.79 -6.70 -2.02
N ARG A 182 34.80 -7.45 -1.59
CA ARG A 182 36.14 -7.23 -2.15
C ARG A 182 36.20 -7.48 -3.65
N SER A 183 35.28 -8.28 -4.19
CA SER A 183 35.12 -8.38 -5.64
C SER A 183 34.03 -7.45 -6.15
N VAL A 184 32.80 -7.59 -5.63
CA VAL A 184 31.66 -7.00 -6.33
C VAL A 184 31.52 -5.49 -6.09
N ALA A 185 32.29 -4.91 -5.18
CA ALA A 185 32.31 -3.45 -5.12
C ALA A 185 33.09 -2.84 -6.28
N TYR A 186 33.92 -3.62 -6.97
CA TYR A 186 34.79 -3.10 -8.01
C TYR A 186 34.46 -3.60 -9.40
N GLN A 187 33.64 -4.64 -9.53
CA GLN A 187 33.23 -5.08 -10.86
C GLN A 187 31.83 -5.63 -10.72
N PRO A 188 31.00 -5.49 -11.74
CA PRO A 188 29.62 -5.97 -11.60
C PRO A 188 29.57 -7.49 -11.51
N TRP A 189 28.63 -7.97 -10.69
CA TRP A 189 28.16 -9.35 -10.73
C TRP A 189 26.75 -9.35 -11.29
N ILE A 190 26.48 -10.24 -12.24
CA ILE A 190 25.20 -10.35 -12.90
C ILE A 190 24.43 -11.46 -12.21
N TRP A 191 23.34 -11.12 -11.51
CA TRP A 191 22.69 -12.02 -10.56
C TRP A 191 21.64 -12.90 -11.22
N THR A 192 21.70 -14.20 -10.91
CA THR A 192 20.70 -15.20 -11.23
C THR A 192 20.11 -15.73 -9.92
N ALA A 193 18.80 -15.93 -9.88
CA ALA A 193 18.15 -16.41 -8.66
C ALA A 193 18.15 -17.94 -8.64
N GLY A 194 18.70 -18.51 -7.57
CA GLY A 194 18.66 -19.94 -7.36
C GLY A 194 17.71 -20.35 -6.27
N ASN A 195 17.71 -21.65 -5.94
CA ASN A 195 16.68 -22.14 -5.04
C ASN A 195 16.93 -21.72 -3.60
N HIS A 196 18.18 -21.43 -3.24
CA HIS A 196 18.41 -20.91 -1.90
C HIS A 196 17.98 -19.46 -1.77
N GLU A 197 17.64 -18.80 -2.87
CA GLU A 197 17.04 -17.48 -2.79
C GLU A 197 15.53 -17.51 -2.63
N ILE A 198 14.87 -18.66 -2.88
CA ILE A 198 13.41 -18.72 -2.81
C ILE A 198 12.92 -18.31 -1.42
N GLU A 199 13.47 -18.93 -0.38
CA GLU A 199 13.14 -18.67 1.02
C GLU A 199 11.62 -18.63 1.26
N PHE A 200 10.92 -19.61 0.67
CA PHE A 200 9.52 -19.86 0.95
C PHE A 200 9.41 -20.62 2.27
N ALA A 201 8.95 -19.96 3.32
CA ALA A 201 8.92 -20.55 4.65
C ALA A 201 7.58 -20.25 5.32
N PRO A 202 6.51 -20.90 4.86
CA PRO A 202 5.18 -20.61 5.43
C PRO A 202 5.08 -20.93 6.92
N GLU A 203 5.92 -21.84 7.42
CA GLU A 203 5.89 -22.19 8.83
C GLU A 203 6.26 -21.03 9.75
N ILE A 204 6.97 -20.02 9.23
CA ILE A 204 7.26 -18.83 10.02
C ILE A 204 6.64 -17.63 9.31
N ASN A 205 5.58 -17.89 8.53
CA ASN A 205 4.80 -16.86 7.84
C ASN A 205 5.66 -15.99 6.93
N GLU A 206 6.60 -16.60 6.22
CA GLU A 206 7.35 -15.89 5.20
C GLU A 206 7.03 -16.57 3.88
N THR A 207 6.03 -16.06 3.18
CA THR A 207 5.46 -16.74 2.03
C THR A 207 5.74 -16.02 0.72
N GLU A 208 6.58 -14.97 0.74
CA GLU A 208 6.88 -14.19 -0.45
C GLU A 208 8.19 -14.69 -1.06
N PRO A 209 8.15 -15.39 -2.21
CA PRO A 209 9.38 -15.95 -2.77
C PRO A 209 10.41 -14.87 -3.10
N PHE A 210 11.67 -15.17 -2.81
CA PHE A 210 12.84 -14.35 -3.14
C PHE A 210 12.91 -13.05 -2.35
N LYS A 211 12.21 -12.94 -1.22
CA LYS A 211 12.11 -11.64 -0.55
C LYS A 211 13.47 -11.08 -0.12
N PRO A 212 14.27 -11.75 0.71
CA PRO A 212 15.53 -11.11 1.12
C PRO A 212 16.45 -10.83 -0.06
N PHE A 213 16.57 -11.81 -0.96
CA PHE A 213 17.42 -11.63 -2.14
C PHE A 213 16.99 -10.41 -2.93
N SER A 214 15.68 -10.27 -3.17
CA SER A 214 15.19 -9.19 -4.02
C SER A 214 15.34 -7.82 -3.37
N TYR A 215 15.31 -7.75 -2.04
CA TYR A 215 15.59 -6.46 -1.39
C TYR A 215 17.06 -6.08 -1.51
N ARG A 216 17.95 -7.06 -1.40
CA ARG A 216 19.38 -6.80 -1.30
C ARG A 216 20.08 -6.69 -2.65
N TYR A 217 19.58 -7.40 -3.66
CA TYR A 217 20.22 -7.44 -4.99
C TYR A 217 19.21 -6.99 -6.02
N HIS A 218 19.41 -5.78 -6.55
CA HIS A 218 18.58 -5.26 -7.62
C HIS A 218 19.23 -5.56 -8.97
N VAL A 219 18.39 -5.64 -9.99
CA VAL A 219 18.82 -5.88 -11.37
C VAL A 219 18.06 -4.94 -12.29
N PRO A 220 18.65 -4.62 -13.45
CA PRO A 220 18.02 -3.62 -14.35
C PRO A 220 16.95 -4.24 -15.25
N TYR A 221 15.96 -4.88 -14.64
CA TYR A 221 15.10 -5.74 -15.44
C TYR A 221 14.19 -4.94 -16.36
N GLU A 222 13.80 -3.72 -15.97
CA GLU A 222 12.95 -2.90 -16.83
CA GLU A 222 12.93 -2.95 -16.85
C GLU A 222 13.65 -2.51 -18.12
N ALA A 223 14.99 -2.54 -18.15
CA ALA A 223 15.71 -2.10 -19.34
C ALA A 223 15.51 -3.04 -20.51
N SER A 224 15.09 -4.28 -20.26
CA SER A 224 14.76 -5.23 -21.32
C SER A 224 13.26 -5.51 -21.39
N GLN A 225 12.45 -4.62 -20.84
CA GLN A 225 10.99 -4.73 -20.84
C GLN A 225 10.51 -5.97 -20.09
N SER A 226 11.32 -6.51 -19.20
CA SER A 226 10.84 -7.53 -18.29
C SER A 226 10.02 -6.88 -17.20
N THR A 227 9.04 -7.63 -16.68
CA THR A 227 8.20 -7.15 -15.60
C THR A 227 8.60 -7.74 -14.25
N SER A 228 9.71 -8.47 -14.19
CA SER A 228 10.13 -9.08 -12.94
C SER A 228 11.63 -9.07 -12.81
N PRO A 229 12.15 -8.87 -11.60
CA PRO A 229 13.62 -8.94 -11.42
C PRO A 229 14.21 -10.30 -11.72
N PHE A 230 13.42 -11.36 -11.75
CA PHE A 230 14.00 -12.69 -11.81
C PHE A 230 14.29 -13.18 -13.22
N TRP A 231 13.83 -12.46 -14.25
CA TRP A 231 14.33 -12.70 -15.59
C TRP A 231 14.55 -11.36 -16.29
N TYR A 232 15.64 -11.27 -17.04
CA TYR A 232 16.01 -10.01 -17.68
C TYR A 232 17.19 -10.27 -18.59
N SER A 233 17.58 -9.25 -19.35
N SER A 233 17.57 -9.23 -19.34
CA SER A 233 18.72 -9.38 -20.24
CA SER A 233 18.68 -9.29 -20.26
C SER A 233 19.54 -8.10 -20.27
C SER A 233 19.58 -8.09 -20.05
N ILE A 234 20.86 -8.25 -20.38
CA ILE A 234 21.76 -7.12 -20.52
C ILE A 234 22.68 -7.40 -21.70
N LYS A 235 23.19 -6.33 -22.28
CA LYS A 235 24.27 -6.41 -23.25
C LYS A 235 25.52 -5.79 -22.64
N ARG A 236 26.68 -6.42 -22.89
CA ARG A 236 27.96 -5.94 -22.39
C ARG A 236 29.03 -6.35 -23.40
N ALA A 237 29.74 -5.37 -23.96
CA ALA A 237 30.80 -5.62 -24.95
C ALA A 237 30.17 -6.41 -26.09
N SER A 238 30.67 -7.60 -26.43
CA SER A 238 30.16 -8.34 -27.57
C SER A 238 29.14 -9.39 -27.18
N ALA A 239 28.57 -9.31 -25.98
CA ALA A 239 27.72 -10.38 -25.47
C ALA A 239 26.31 -9.88 -25.22
N HIS A 240 25.34 -10.75 -25.46
CA HIS A 240 23.94 -10.54 -25.09
C HIS A 240 23.62 -11.64 -24.09
N ILE A 241 23.34 -11.25 -22.85
CA ILE A 241 23.18 -12.19 -21.74
C ILE A 241 21.72 -12.23 -21.34
N ILE A 242 21.14 -13.44 -21.32
CA ILE A 242 19.75 -13.66 -20.94
C ILE A 242 19.76 -14.42 -19.62
N VAL A 243 19.12 -13.85 -18.59
CA VAL A 243 19.06 -14.44 -17.25
C VAL A 243 17.65 -14.99 -17.03
N LEU A 244 17.54 -16.27 -16.73
CA LEU A 244 16.25 -16.92 -16.52
C LEU A 244 16.06 -17.36 -15.07
N SER A 245 14.80 -17.64 -14.71
CA SER A 245 14.43 -18.00 -13.35
C SER A 245 13.91 -19.43 -13.32
N SER A 246 14.74 -20.36 -12.82
CA SER A 246 14.31 -21.76 -12.75
C SER A 246 13.08 -21.91 -11.84
N TYR A 247 12.94 -21.05 -10.84
CA TYR A 247 11.89 -21.24 -9.85
C TYR A 247 10.75 -20.22 -9.99
N SER A 248 10.57 -19.66 -11.19
CA SER A 248 9.39 -18.89 -11.55
C SER A 248 8.59 -19.64 -12.62
N ALA A 249 7.39 -19.16 -12.90
CA ALA A 249 6.56 -19.79 -13.93
C ALA A 249 7.20 -19.65 -15.30
N TYR A 250 7.11 -20.72 -16.11
CA TYR A 250 7.55 -20.64 -17.51
C TYR A 250 6.61 -21.41 -18.43
N GLY A 251 5.37 -21.66 -18.01
CA GLY A 251 4.39 -22.20 -18.92
C GLY A 251 4.10 -21.25 -20.07
N ARG A 252 3.52 -21.81 -21.13
CA ARG A 252 3.18 -21.00 -22.29
CA ARG A 252 3.18 -21.00 -22.29
C ARG A 252 2.22 -19.90 -21.87
N GLY A 253 2.54 -18.66 -22.24
CA GLY A 253 1.72 -17.52 -21.90
C GLY A 253 2.07 -16.86 -20.58
N THR A 254 2.92 -17.47 -19.75
CA THR A 254 3.32 -16.82 -18.50
C THR A 254 4.22 -15.63 -18.83
N PRO A 255 4.35 -14.69 -17.89
CA PRO A 255 5.29 -13.56 -18.13
C PRO A 255 6.68 -13.98 -18.56
N GLN A 256 7.32 -14.94 -17.88
CA GLN A 256 8.71 -15.26 -18.23
C GLN A 256 8.80 -15.88 -19.63
N TYR A 257 7.89 -16.80 -19.94
CA TYR A 257 7.87 -17.44 -21.24
C TYR A 257 7.64 -16.40 -22.35
N THR A 258 6.65 -15.53 -22.16
CA THR A 258 6.37 -14.47 -23.12
C THR A 258 7.57 -13.54 -23.31
N TRP A 259 8.18 -13.13 -22.19
CA TRP A 259 9.34 -12.25 -22.25
C TRP A 259 10.49 -12.90 -23.02
N LEU A 260 10.80 -14.18 -22.72
CA LEU A 260 11.93 -14.83 -23.39
C LEU A 260 11.69 -14.99 -24.88
N LYS A 261 10.48 -15.40 -25.27
CA LYS A 261 10.16 -15.58 -26.68
C LYS A 261 10.41 -14.28 -27.45
N LYS A 262 9.93 -13.16 -26.92
CA LYS A 262 10.14 -11.86 -27.56
C LYS A 262 11.60 -11.44 -27.49
N GLU A 263 12.26 -11.69 -26.35
CA GLU A 263 13.66 -11.28 -26.22
C GLU A 263 14.54 -11.98 -27.24
N LEU A 264 14.30 -13.28 -27.48
CA LEU A 264 15.15 -13.98 -28.45
C LEU A 264 14.99 -13.41 -29.85
N ARG A 265 13.78 -12.93 -30.18
CA ARG A 265 13.60 -12.24 -31.45
C ARG A 265 14.32 -10.90 -31.51
N LYS A 266 14.60 -10.29 -30.36
CA LYS A 266 15.28 -9.00 -30.37
C LYS A 266 16.79 -9.11 -30.48
N VAL A 267 17.37 -10.31 -30.28
CA VAL A 267 18.82 -10.46 -30.29
C VAL A 267 19.35 -10.10 -31.67
N LYS A 268 20.38 -9.25 -31.72
CA LYS A 268 21.08 -8.91 -32.95
C LYS A 268 22.50 -9.46 -32.87
N ARG A 269 22.73 -10.63 -33.46
CA ARG A 269 24.09 -11.17 -33.49
C ARG A 269 25.04 -10.33 -34.32
N SER A 270 24.53 -9.41 -35.14
CA SER A 270 25.39 -8.45 -35.83
C SER A 270 25.86 -7.32 -34.93
N GLU A 271 25.35 -7.22 -33.71
CA GLU A 271 25.81 -6.26 -32.72
C GLU A 271 26.47 -6.94 -31.52
N THR A 272 25.86 -7.99 -30.98
CA THR A 272 26.42 -8.78 -29.87
C THR A 272 26.49 -10.21 -30.35
N PRO A 273 27.64 -10.65 -30.88
CA PRO A 273 27.72 -12.01 -31.42
C PRO A 273 27.57 -13.12 -30.39
N TRP A 274 27.87 -12.87 -29.11
CA TRP A 274 27.92 -13.95 -28.12
C TRP A 274 26.60 -13.99 -27.35
N LEU A 275 25.83 -15.06 -27.55
CA LEU A 275 24.53 -15.21 -26.92
C LEU A 275 24.68 -16.21 -25.77
N ILE A 276 24.48 -15.72 -24.55
CA ILE A 276 24.79 -16.43 -23.31
C ILE A 276 23.52 -16.47 -22.48
N VAL A 277 23.15 -17.65 -21.99
CA VAL A 277 22.00 -17.81 -21.11
C VAL A 277 22.49 -18.26 -19.74
N LEU A 278 21.97 -17.62 -18.69
CA LEU A 278 22.17 -18.01 -17.29
C LEU A 278 20.86 -18.56 -16.71
N MET A 279 20.98 -19.66 -15.98
CA MET A 279 19.88 -20.18 -15.19
C MET A 279 20.49 -20.96 -14.03
N HIS A 280 19.71 -21.19 -12.99
CA HIS A 280 20.31 -21.91 -11.87
C HIS A 280 20.37 -23.42 -12.14
N SER A 281 19.24 -24.01 -12.57
CA SER A 281 19.14 -25.46 -12.63
C SER A 281 19.56 -25.95 -14.02
N PRO A 282 20.53 -26.86 -14.11
CA PRO A 282 21.08 -27.23 -15.43
C PRO A 282 20.13 -28.10 -16.23
N LEU A 283 20.01 -27.79 -17.53
CA LEU A 283 19.18 -28.62 -18.41
C LEU A 283 19.86 -29.95 -18.75
N TYR A 284 21.19 -29.98 -18.75
CA TYR A 284 21.97 -31.17 -18.98
C TYR A 284 22.87 -31.40 -17.78
N ASN A 285 22.77 -32.60 -17.18
CA ASN A 285 23.43 -32.84 -15.90
C ASN A 285 23.49 -34.34 -15.70
N SER A 286 24.70 -34.91 -15.67
CA SER A 286 24.87 -36.34 -15.47
C SER A 286 25.33 -36.69 -14.05
N TYR A 287 25.20 -35.77 -13.10
CA TYR A 287 25.46 -36.06 -11.71
C TYR A 287 24.21 -36.61 -11.05
N ASN A 288 24.42 -37.40 -10.01
CA ASN A 288 23.31 -37.93 -9.22
C ASN A 288 22.50 -36.82 -8.57
N HIS A 289 23.18 -35.83 -7.96
CA HIS A 289 22.50 -34.78 -7.23
C HIS A 289 21.68 -33.93 -8.20
N HIS A 290 20.38 -33.80 -7.95
CA HIS A 290 19.47 -33.02 -8.79
C HIS A 290 19.33 -33.57 -10.21
N PHE A 291 19.66 -34.84 -10.42
CA PHE A 291 19.49 -35.46 -11.73
C PHE A 291 18.07 -35.21 -12.25
N MET A 292 17.98 -34.70 -13.48
CA MET A 292 16.74 -34.48 -14.23
C MET A 292 15.84 -33.40 -13.67
N GLU A 293 16.28 -32.60 -12.69
CA GLU A 293 15.44 -31.48 -12.26
C GLU A 293 15.28 -30.45 -13.36
N GLY A 294 16.27 -30.34 -14.25
CA GLY A 294 16.16 -29.40 -15.33
C GLY A 294 15.25 -29.81 -16.46
N GLU A 295 14.61 -30.97 -16.38
CA GLU A 295 13.84 -31.49 -17.51
C GLU A 295 12.65 -30.59 -17.84
N ALA A 296 11.98 -30.04 -16.82
CA ALA A 296 10.79 -29.25 -17.09
C ALA A 296 11.13 -28.01 -17.91
N MET A 297 12.12 -27.24 -17.48
CA MET A 297 12.47 -26.09 -18.30
C MET A 297 13.05 -26.52 -19.65
N ARG A 298 13.74 -27.65 -19.71
CA ARG A 298 14.29 -28.10 -20.98
C ARG A 298 13.17 -28.31 -22.01
N THR A 299 12.10 -29.01 -21.63
CA THR A 299 11.00 -29.22 -22.57
C THR A 299 10.42 -27.90 -23.09
N LYS A 300 10.48 -26.84 -22.29
CA LYS A 300 9.92 -25.57 -22.73
C LYS A 300 10.86 -24.78 -23.63
N PHE A 301 12.15 -24.72 -23.28
CA PHE A 301 13.04 -23.72 -23.86
C PHE A 301 14.17 -24.29 -24.71
N GLU A 302 14.45 -25.59 -24.61
CA GLU A 302 15.61 -26.15 -25.32
C GLU A 302 15.51 -25.89 -26.83
N ALA A 303 14.34 -26.16 -27.42
CA ALA A 303 14.20 -25.95 -28.86
C ALA A 303 14.46 -24.49 -29.25
N TRP A 304 14.08 -23.54 -28.39
CA TRP A 304 14.37 -22.14 -28.70
C TRP A 304 15.85 -21.86 -28.67
N PHE A 305 16.57 -22.45 -27.71
CA PHE A 305 18.03 -22.26 -27.63
C PHE A 305 18.70 -22.74 -28.91
N VAL A 306 18.20 -23.84 -29.48
CA VAL A 306 18.78 -24.37 -30.71
C VAL A 306 18.39 -23.49 -31.89
N LYS A 307 17.10 -23.13 -31.97
CA LYS A 307 16.63 -22.26 -33.05
C LYS A 307 17.43 -20.97 -33.11
N TYR A 308 17.73 -20.38 -31.96
CA TYR A 308 18.42 -19.09 -31.95
C TYR A 308 19.94 -19.21 -31.83
N LYS A 309 20.46 -20.44 -31.84
CA LYS A 309 21.89 -20.69 -31.84
C LYS A 309 22.58 -20.03 -30.65
N VAL A 310 22.00 -20.23 -29.47
CA VAL A 310 22.68 -19.84 -28.23
C VAL A 310 24.07 -20.47 -28.22
N ASP A 311 25.07 -19.68 -27.84
CA ASP A 311 26.45 -20.19 -27.80
C ASP A 311 26.68 -21.11 -26.60
N VAL A 312 26.21 -20.70 -25.43
CA VAL A 312 26.54 -21.38 -24.19
C VAL A 312 25.45 -21.08 -23.17
N VAL A 313 25.13 -22.09 -22.36
CA VAL A 313 24.20 -21.96 -21.25
C VAL A 313 24.96 -22.32 -19.98
N PHE A 314 25.01 -21.40 -19.04
CA PHE A 314 25.67 -21.62 -17.77
C PHE A 314 24.64 -21.86 -16.68
N ALA A 315 24.91 -22.84 -15.81
CA ALA A 315 24.04 -23.14 -14.68
C ALA A 315 24.89 -23.54 -13.49
N GLY A 316 24.26 -23.59 -12.31
CA GLY A 316 24.93 -24.03 -11.11
C GLY A 316 24.18 -25.22 -10.49
N HIS A 317 23.84 -25.10 -9.20
CA HIS A 317 22.90 -26.00 -8.53
C HIS A 317 23.55 -27.35 -8.19
N VAL A 318 24.11 -28.02 -9.18
CA VAL A 318 24.97 -29.17 -8.94
C VAL A 318 26.32 -28.67 -8.48
N HIS A 319 26.81 -29.19 -7.34
CA HIS A 319 28.05 -28.69 -6.73
C HIS A 319 29.27 -29.43 -7.30
N ALA A 320 29.54 -29.14 -8.57
CA ALA A 320 30.57 -29.80 -9.34
C ALA A 320 30.69 -29.08 -10.68
N TYR A 321 31.55 -29.60 -11.55
CA TYR A 321 31.76 -29.00 -12.86
C TYR A 321 31.40 -30.00 -13.96
N GLU A 322 30.72 -29.52 -15.00
CA GLU A 322 30.40 -30.33 -16.15
C GLU A 322 30.33 -29.45 -17.38
N ARG A 323 30.86 -29.98 -18.50
CA ARG A 323 30.79 -29.35 -19.81
C ARG A 323 30.22 -30.36 -20.79
N SER A 324 29.08 -30.04 -21.40
CA SER A 324 28.41 -30.95 -22.31
C SER A 324 29.05 -30.86 -23.69
N GLU A 325 28.78 -31.86 -24.52
CA GLU A 325 28.93 -31.65 -25.95
C GLU A 325 27.77 -30.78 -26.45
N ARG A 326 27.89 -30.28 -27.68
CA ARG A 326 26.76 -29.63 -28.32
C ARG A 326 25.75 -30.69 -28.72
N VAL A 327 24.64 -30.76 -27.99
CA VAL A 327 23.64 -31.81 -28.18
C VAL A 327 22.26 -31.18 -28.10
N SER A 328 21.28 -31.91 -28.60
CA SER A 328 19.90 -31.52 -28.45
C SER A 328 19.07 -32.78 -28.24
N ASN A 329 17.92 -32.60 -27.60
CA ASN A 329 16.97 -33.68 -27.34
C ASN A 329 15.57 -33.13 -27.62
N ILE A 330 15.37 -32.69 -28.87
CA ILE A 330 14.20 -31.89 -29.24
C ILE A 330 13.30 -32.61 -30.24
N ALA A 331 13.57 -33.89 -30.52
CA ALA A 331 12.82 -34.64 -31.52
C ALA A 331 11.75 -35.54 -30.92
N TYR A 332 11.52 -35.45 -29.61
CA TYR A 332 10.60 -36.35 -28.93
C TYR A 332 9.14 -35.97 -29.22
N LYS A 333 8.31 -37.00 -29.45
CA LYS A 333 6.88 -36.80 -29.73
C LYS A 333 6.02 -37.83 -29.02
N ILE A 334 6.40 -38.19 -27.79
CA ILE A 334 5.66 -39.06 -26.88
C ILE A 334 5.78 -40.52 -27.28
N THR A 335 5.42 -40.84 -28.52
CA THR A 335 5.33 -42.22 -28.98
C THR A 335 6.39 -42.60 -30.02
N ASN A 336 7.30 -41.69 -30.40
CA ASN A 336 8.23 -42.04 -31.47
C ASN A 336 9.55 -42.59 -30.95
N GLY A 337 9.70 -42.76 -29.64
CA GLY A 337 10.92 -43.28 -29.06
C GLY A 337 12.14 -42.39 -29.16
N LEU A 338 12.02 -41.15 -29.67
CA LEU A 338 13.18 -40.30 -29.90
C LEU A 338 13.47 -39.45 -28.66
N CYS A 339 14.13 -40.07 -27.67
CA CYS A 339 14.40 -39.38 -26.41
C CYS A 339 15.86 -39.48 -26.01
N THR A 340 16.74 -39.76 -26.96
CA THR A 340 18.17 -39.74 -26.68
C THR A 340 18.79 -38.47 -27.24
N PRO A 341 19.54 -37.72 -26.44
CA PRO A 341 20.25 -36.55 -26.98
C PRO A 341 21.13 -36.98 -28.15
N VAL A 342 21.16 -36.16 -29.19
CA VAL A 342 22.05 -36.38 -30.34
C VAL A 342 22.97 -35.17 -30.48
N LYS A 343 24.13 -35.41 -31.09
CA LYS A 343 25.01 -34.32 -31.51
C LYS A 343 24.22 -33.31 -32.36
N ASP A 344 24.36 -32.03 -32.04
CA ASP A 344 23.62 -30.97 -32.74
C ASP A 344 24.50 -29.72 -32.67
N GLN A 345 25.17 -29.42 -33.78
CA GLN A 345 26.08 -28.29 -33.83
C GLN A 345 25.38 -26.95 -33.75
N SER A 346 24.06 -26.93 -33.88
CA SER A 346 23.31 -25.69 -33.71
C SER A 346 22.96 -25.41 -32.25
N ALA A 347 23.21 -26.35 -31.35
CA ALA A 347 22.84 -26.24 -29.95
C ALA A 347 23.95 -25.59 -29.13
N PRO A 348 23.60 -24.97 -28.00
CA PRO A 348 24.63 -24.45 -27.11
C PRO A 348 25.44 -25.57 -26.46
N VAL A 349 26.58 -25.17 -25.91
CA VAL A 349 27.27 -25.98 -24.91
C VAL A 349 26.61 -25.70 -23.56
N TYR A 350 26.35 -26.75 -22.77
CA TYR A 350 25.78 -26.62 -21.43
C TYR A 350 26.91 -26.82 -20.43
N ILE A 351 27.17 -25.80 -19.62
CA ILE A 351 28.20 -25.87 -18.59
C ILE A 351 27.53 -25.73 -17.24
N THR A 352 27.78 -26.72 -16.37
CA THR A 352 27.44 -26.63 -14.96
C THR A 352 28.66 -26.12 -14.21
N ILE A 353 28.48 -25.04 -13.46
CA ILE A 353 29.62 -24.41 -12.79
C ILE A 353 29.23 -24.05 -11.36
N GLY A 354 28.47 -24.95 -10.72
CA GLY A 354 27.97 -24.69 -9.37
C GLY A 354 28.92 -25.10 -8.26
N ASP A 355 30.23 -25.01 -8.50
CA ASP A 355 31.24 -25.61 -7.63
C ASP A 355 32.11 -24.58 -6.91
N ALA A 356 31.59 -23.39 -6.62
CA ALA A 356 32.44 -22.38 -5.99
C ALA A 356 32.56 -22.56 -4.47
N GLY A 357 31.79 -23.45 -3.84
CA GLY A 357 32.08 -23.78 -2.45
C GLY A 357 30.89 -24.10 -1.56
N ASN A 358 29.74 -23.46 -1.83
CA ASN A 358 28.53 -23.58 -1.03
C ASN A 358 28.86 -23.61 0.46
N TYR A 359 28.33 -24.60 1.19
CA TYR A 359 28.64 -24.76 2.61
C TYR A 359 29.71 -25.82 2.84
N GLY A 360 30.49 -26.14 1.80
CA GLY A 360 31.64 -27.01 1.92
C GLY A 360 31.49 -28.43 1.37
N VAL A 361 30.45 -28.72 0.59
CA VAL A 361 30.15 -30.09 0.17
C VAL A 361 30.22 -30.17 -1.35
N ILE A 362 31.01 -31.07 -1.86
CA ILE A 362 31.12 -31.29 -3.29
C ILE A 362 30.16 -32.42 -3.68
N ASP A 363 29.69 -32.40 -4.93
CA ASP A 363 28.82 -33.46 -5.45
C ASP A 363 29.68 -34.43 -6.26
N SER A 364 30.09 -35.53 -5.64
CA SER A 364 31.01 -36.43 -6.31
C SER A 364 30.31 -37.62 -6.98
N ASN A 365 29.07 -37.91 -6.64
CA ASN A 365 28.40 -39.07 -7.22
C ASN A 365 27.94 -38.77 -8.64
N MET A 366 28.48 -39.51 -9.61
CA MET A 366 28.17 -39.33 -11.02
C MET A 366 27.53 -40.58 -11.55
N ILE A 367 26.54 -40.40 -12.43
CA ILE A 367 25.98 -41.54 -13.14
C ILE A 367 27.03 -42.06 -14.12
N GLN A 368 27.21 -43.39 -14.13
CA GLN A 368 28.25 -44.06 -14.89
C GLN A 368 27.65 -44.99 -15.93
N PRO A 369 28.26 -45.12 -17.11
CA PRO A 369 29.46 -44.38 -17.54
C PRO A 369 29.12 -42.95 -17.93
N GLN A 370 30.13 -42.12 -18.17
CA GLN A 370 29.87 -40.78 -18.66
C GLN A 370 29.04 -40.87 -19.94
N PRO A 371 27.88 -40.22 -19.99
CA PRO A 371 27.05 -40.32 -21.20
C PRO A 371 27.70 -39.60 -22.36
N GLU A 372 27.28 -40.00 -23.57
CA GLU A 372 27.79 -39.38 -24.79
C GLU A 372 27.61 -37.87 -24.78
N TYR A 373 26.55 -37.37 -24.15
CA TYR A 373 26.32 -35.92 -24.23
C TYR A 373 27.27 -35.12 -23.34
N SER A 374 28.00 -35.76 -22.45
CA SER A 374 28.87 -35.10 -21.49
C SER A 374 30.31 -35.13 -22.01
N ALA A 375 30.90 -33.95 -22.20
CA ALA A 375 32.28 -33.91 -22.70
C ALA A 375 33.29 -34.07 -21.57
N PHE A 376 33.07 -33.41 -20.43
CA PHE A 376 34.03 -33.37 -19.33
C PHE A 376 33.26 -33.08 -18.06
N ARG A 377 33.57 -33.80 -16.99
CA ARG A 377 32.96 -33.52 -15.71
C ARG A 377 33.97 -33.85 -14.61
N GLU A 378 33.98 -33.04 -13.56
CA GLU A 378 34.81 -33.35 -12.40
C GLU A 378 34.21 -32.70 -11.16
N ALA A 379 34.29 -33.44 -10.06
CA ALA A 379 33.79 -32.98 -8.76
C ALA A 379 34.94 -32.34 -7.99
N SER A 380 35.27 -31.12 -8.39
CA SER A 380 36.21 -30.30 -7.64
C SER A 380 35.64 -28.90 -7.48
N PHE A 381 36.06 -28.21 -6.42
CA PHE A 381 35.69 -26.81 -6.26
C PHE A 381 36.49 -25.95 -7.23
N GLY A 382 35.86 -24.88 -7.72
CA GLY A 382 36.55 -23.97 -8.61
C GLY A 382 35.60 -22.96 -9.22
N HIS A 383 36.08 -22.32 -10.30
CA HIS A 383 35.31 -21.30 -11.01
C HIS A 383 35.69 -21.34 -12.48
N GLY A 384 34.91 -20.61 -13.29
CA GLY A 384 35.12 -20.55 -14.71
C GLY A 384 35.50 -19.17 -15.21
N MET A 385 35.95 -19.12 -16.45
CA MET A 385 36.27 -17.88 -17.15
C MET A 385 35.89 -18.05 -18.61
N PHE A 386 35.08 -17.14 -19.13
CA PHE A 386 34.64 -17.16 -20.52
C PHE A 386 35.22 -15.91 -21.15
N ASP A 387 36.25 -16.10 -21.98
CA ASP A 387 37.14 -15.00 -22.39
C ASP A 387 36.94 -14.77 -23.89
N ILE A 388 36.14 -13.77 -24.24
CA ILE A 388 35.81 -13.48 -25.64
C ILE A 388 36.97 -12.74 -26.30
N LYS A 389 37.44 -13.25 -27.42
CA LYS A 389 38.48 -12.61 -28.22
C LYS A 389 37.92 -11.73 -29.33
N ASN A 390 36.87 -12.18 -30.01
CA ASN A 390 36.30 -11.48 -31.16
C ASN A 390 35.03 -12.25 -31.52
N ARG A 391 34.41 -11.87 -32.64
CA ARG A 391 33.10 -12.42 -32.98
C ARG A 391 33.12 -13.92 -33.25
N THR A 392 34.25 -14.51 -33.59
CA THR A 392 34.27 -15.93 -33.89
C THR A 392 34.77 -16.81 -32.75
N HIS A 393 35.61 -16.27 -31.86
CA HIS A 393 36.36 -17.07 -30.89
C HIS A 393 36.14 -16.59 -29.46
N ALA A 394 35.88 -17.54 -28.56
CA ALA A 394 35.91 -17.28 -27.13
C ALA A 394 36.58 -18.48 -26.45
N HIS A 395 37.40 -18.21 -25.43
CA HIS A 395 38.12 -19.28 -24.73
C HIS A 395 37.53 -19.48 -23.34
N PHE A 396 37.04 -20.69 -23.06
CA PHE A 396 36.51 -21.02 -21.75
C PHE A 396 37.53 -21.85 -20.99
N SER A 397 37.78 -21.48 -19.74
CA SER A 397 38.69 -22.25 -18.93
C SER A 397 38.08 -22.46 -17.55
N TRP A 398 38.43 -23.58 -16.94
CA TRP A 398 37.99 -23.94 -15.60
C TRP A 398 39.22 -24.09 -14.72
N ASN A 399 39.23 -23.39 -13.59
CA ASN A 399 40.33 -23.45 -12.62
C ASN A 399 39.85 -24.16 -11.35
N ARG A 400 40.65 -25.11 -10.88
CA ARG A 400 40.36 -25.85 -9.64
C ARG A 400 41.04 -25.20 -8.44
N ASN A 401 40.36 -25.25 -7.30
CA ASN A 401 40.92 -24.70 -6.08
C ASN A 401 42.20 -25.41 -5.64
N GLN A 402 42.34 -26.69 -5.98
CA GLN A 402 43.55 -27.41 -5.57
C GLN A 402 44.72 -27.20 -6.53
N ASP A 403 44.54 -26.46 -7.61
CA ASP A 403 45.60 -26.15 -8.55
C ASP A 403 46.13 -24.74 -8.28
N GLY A 404 47.22 -24.40 -8.97
CA GLY A 404 47.68 -23.04 -8.96
C GLY A 404 46.68 -22.12 -9.62
N VAL A 405 46.71 -20.84 -9.25
CA VAL A 405 45.70 -19.91 -9.78
C VAL A 405 45.82 -19.71 -11.28
N ALA A 406 46.97 -20.03 -11.86
CA ALA A 406 47.17 -19.87 -13.29
C ALA A 406 47.00 -21.18 -14.05
N VAL A 407 46.57 -22.25 -13.37
CA VAL A 407 46.43 -23.59 -13.96
C VAL A 407 44.98 -23.80 -14.39
N GLU A 408 44.77 -24.26 -15.63
CA GLU A 408 43.43 -24.58 -16.11
C GLU A 408 43.31 -26.09 -16.28
N ALA A 409 42.42 -26.72 -15.50
CA ALA A 409 42.23 -28.16 -15.58
C ALA A 409 41.38 -28.57 -16.78
N ASP A 410 40.52 -27.67 -17.25
CA ASP A 410 39.75 -27.86 -18.47
C ASP A 410 39.73 -26.54 -19.19
N SER A 411 39.77 -26.60 -20.51
CA SER A 411 39.67 -25.40 -21.32
C SER A 411 39.27 -25.84 -22.71
N VAL A 412 38.56 -24.97 -23.41
CA VAL A 412 38.06 -25.29 -24.74
C VAL A 412 37.84 -23.99 -25.47
N TRP A 413 38.06 -23.99 -26.78
CA TRP A 413 37.73 -22.85 -27.62
C TRP A 413 36.28 -22.95 -28.08
N PHE A 414 35.53 -21.90 -27.86
CA PHE A 414 34.19 -21.76 -28.40
C PHE A 414 34.27 -21.11 -29.78
N PHE A 415 33.72 -21.78 -30.79
CA PHE A 415 33.52 -21.15 -32.09
C PHE A 415 32.08 -20.67 -32.16
N ASN A 416 31.90 -19.39 -32.48
CA ASN A 416 30.59 -18.76 -32.42
C ASN A 416 29.59 -19.45 -33.34
N ARG A 417 28.38 -19.70 -32.82
CA ARG A 417 27.36 -20.43 -33.59
C ARG A 417 26.82 -19.60 -34.74
N HIS A 418 26.85 -18.28 -34.64
CA HIS A 418 26.30 -17.44 -35.69
C HIS A 418 27.38 -17.06 -36.70
N TRP A 419 28.56 -16.68 -36.24
CA TRP A 419 29.60 -16.11 -37.09
C TRP A 419 30.64 -17.11 -37.56
N TYR A 420 30.64 -18.34 -37.03
CA TYR A 420 31.72 -19.26 -37.35
C TYR A 420 31.35 -20.70 -36.96
N PRO A 421 30.27 -21.25 -37.53
CA PRO A 421 29.75 -22.54 -37.02
C PRO A 421 30.59 -23.75 -37.38
N VAL A 422 31.89 -23.72 -37.08
CA VAL A 422 32.73 -24.87 -37.33
C VAL A 422 32.66 -25.77 -36.10
N ASP A 423 32.72 -27.08 -36.35
CA ASP A 423 32.74 -28.08 -35.29
C ASP A 423 33.82 -27.76 -34.25
N ASP A 424 33.41 -27.21 -33.09
CA ASP A 424 34.35 -26.92 -32.02
C ASP A 424 34.39 -28.03 -30.96
N SER A 425 34.12 -29.27 -31.36
CA SER A 425 34.22 -30.44 -30.47
C SER A 425 35.60 -30.56 -29.85
N ASN B 2 -31.07 27.57 -8.34
CA ASN B 2 -29.91 26.96 -8.98
C ASN B 2 -29.37 27.83 -10.12
N ARG B 3 -28.23 28.47 -9.88
CA ARG B 3 -27.59 29.35 -10.85
C ARG B 3 -26.37 28.72 -11.51
N ASP B 4 -26.10 27.42 -11.28
CA ASP B 4 -24.96 26.79 -11.91
C ASP B 4 -25.19 26.65 -13.40
N MET B 5 -24.12 26.83 -14.17
CA MET B 5 -24.23 26.66 -15.61
C MET B 5 -24.58 25.21 -15.92
N PRO B 6 -25.52 24.96 -16.84
CA PRO B 6 -25.86 23.59 -17.20
C PRO B 6 -24.72 22.88 -17.91
N LEU B 7 -24.82 21.55 -17.90
CA LEU B 7 -23.75 20.69 -18.41
C LEU B 7 -23.45 20.95 -19.89
N ASP B 8 -24.43 21.42 -20.65
CA ASP B 8 -24.21 21.63 -22.07
C ASP B 8 -23.79 23.06 -22.40
N SER B 9 -23.32 23.83 -21.41
CA SER B 9 -22.83 25.18 -21.65
C SER B 9 -21.57 25.14 -22.51
N ASP B 10 -21.35 26.21 -23.28
CA ASP B 10 -20.17 26.26 -24.13
C ASP B 10 -18.87 26.14 -23.32
N VAL B 11 -18.85 26.67 -22.09
CA VAL B 11 -17.61 26.64 -21.31
C VAL B 11 -17.22 25.22 -20.89
N PHE B 12 -18.15 24.27 -20.95
CA PHE B 12 -17.91 22.89 -20.54
C PHE B 12 -17.68 21.94 -21.71
N ARG B 13 -17.55 22.47 -22.93
CA ARG B 13 -17.45 21.57 -24.07
C ARG B 13 -16.17 20.74 -24.00
N VAL B 14 -16.27 19.51 -24.47
CA VAL B 14 -15.13 18.59 -24.42
C VAL B 14 -14.23 18.86 -25.62
N PRO B 15 -12.93 19.04 -25.42
CA PRO B 15 -12.03 19.19 -26.56
C PRO B 15 -12.13 17.97 -27.47
N PRO B 16 -12.28 18.19 -28.77
CA PRO B 16 -12.54 17.07 -29.69
C PRO B 16 -11.28 16.31 -30.06
N GLY B 17 -11.49 15.10 -30.56
CA GLY B 17 -10.40 14.21 -30.92
C GLY B 17 -10.22 13.09 -29.90
N TYR B 18 -9.73 11.95 -30.38
CA TYR B 18 -9.62 10.78 -29.50
C TYR B 18 -8.63 11.06 -28.37
N ASN B 19 -9.09 10.85 -27.13
CA ASN B 19 -8.28 11.06 -25.92
C ASN B 19 -7.65 12.45 -25.89
N ALA B 20 -8.41 13.45 -26.28
CA ALA B 20 -7.88 14.81 -26.28
C ALA B 20 -7.69 15.26 -24.84
N PRO B 21 -6.51 15.78 -24.48
CA PRO B 21 -6.36 16.35 -23.13
C PRO B 21 -7.41 17.40 -22.86
N GLN B 22 -7.93 17.40 -21.63
CA GLN B 22 -8.87 18.42 -21.18
C GLN B 22 -8.52 18.82 -19.75
N GLN B 23 -9.20 19.85 -19.25
CA GLN B 23 -8.94 20.39 -17.91
C GLN B 23 -7.45 20.71 -17.72
N VAL B 24 -6.83 21.27 -18.76
CA VAL B 24 -5.42 21.59 -18.65
C VAL B 24 -5.25 22.76 -17.68
N HIS B 25 -4.35 22.61 -16.72
CA HIS B 25 -4.04 23.68 -15.79
C HIS B 25 -2.57 23.64 -15.43
N ILE B 26 -2.00 24.82 -15.16
CA ILE B 26 -0.61 24.94 -14.76
C ILE B 26 -0.50 25.70 -13.45
N THR B 27 0.56 25.41 -12.70
CA THR B 27 0.93 26.21 -11.54
C THR B 27 2.44 26.17 -11.38
N GLN B 28 2.96 27.06 -10.53
CA GLN B 28 4.40 27.14 -10.33
C GLN B 28 4.92 25.82 -9.77
N GLY B 29 6.06 25.37 -10.28
CA GLY B 29 6.57 24.04 -9.98
C GLY B 29 7.76 23.98 -9.04
N ASP B 30 8.27 25.12 -8.61
CA ASP B 30 9.46 25.19 -7.77
C ASP B 30 9.34 26.38 -6.83
N LEU B 31 10.41 26.67 -6.08
CA LEU B 31 10.35 27.77 -5.12
C LEU B 31 10.45 29.15 -5.78
N VAL B 32 11.16 29.27 -6.91
CA VAL B 32 11.57 30.59 -7.41
C VAL B 32 11.03 30.93 -8.79
N GLY B 33 10.36 30.02 -9.49
CA GLY B 33 9.73 30.35 -10.76
C GLY B 33 10.35 29.75 -12.01
N ARG B 34 11.35 28.88 -11.88
CA ARG B 34 11.96 28.24 -13.04
C ARG B 34 11.26 26.95 -13.42
N ALA B 35 10.14 26.62 -12.79
CA ALA B 35 9.49 25.34 -13.01
C ALA B 35 7.99 25.53 -13.08
N MET B 36 7.33 24.59 -13.74
CA MET B 36 5.88 24.61 -13.91
C MET B 36 5.33 23.20 -13.81
N ILE B 37 4.32 23.01 -12.96
CA ILE B 37 3.56 21.75 -12.95
C ILE B 37 2.48 21.85 -14.01
N ILE B 38 2.53 20.95 -15.00
CA ILE B 38 1.53 20.88 -16.05
C ILE B 38 0.56 19.75 -15.70
N SER B 39 -0.73 20.04 -15.70
CA SER B 39 -1.74 19.08 -15.27
C SER B 39 -2.87 19.02 -16.28
N TRP B 40 -3.40 17.81 -16.50
CA TRP B 40 -4.52 17.63 -17.42
C TRP B 40 -5.12 16.24 -17.20
N VAL B 41 -6.26 16.02 -17.82
CA VAL B 41 -6.99 14.76 -17.72
C VAL B 41 -7.22 14.22 -19.12
N THR B 42 -7.05 12.91 -19.30
CA THR B 42 -7.53 12.23 -20.50
C THR B 42 -8.66 11.28 -20.10
N MET B 43 -9.70 11.24 -20.93
CA MET B 43 -10.91 10.50 -20.59
C MET B 43 -11.03 9.16 -21.28
N ASP B 44 -10.40 8.97 -22.43
CA ASP B 44 -10.63 7.76 -23.20
C ASP B 44 -9.69 6.62 -22.81
N GLU B 45 -8.44 6.92 -22.48
CA GLU B 45 -7.49 5.92 -22.03
C GLU B 45 -6.32 6.62 -21.35
N PRO B 46 -5.48 5.89 -20.61
CA PRO B 46 -4.39 6.56 -19.87
C PRO B 46 -3.59 7.57 -20.68
N GLY B 47 -3.10 7.20 -21.86
CA GLY B 47 -2.30 8.17 -22.60
C GLY B 47 -0.92 8.40 -21.98
N SER B 48 -0.19 9.32 -22.60
CA SER B 48 1.16 9.63 -22.19
C SER B 48 1.18 10.79 -21.22
N SER B 49 2.09 10.74 -20.25
CA SER B 49 2.29 11.85 -19.34
C SER B 49 3.42 12.77 -19.78
N ALA B 50 3.97 12.55 -20.99
CA ALA B 50 5.02 13.41 -21.51
C ALA B 50 4.48 14.78 -21.88
N VAL B 51 5.28 15.82 -21.63
CA VAL B 51 4.98 17.18 -22.05
C VAL B 51 6.11 17.64 -22.96
N ARG B 52 5.75 18.13 -24.15
CA ARG B 52 6.72 18.69 -25.08
C ARG B 52 6.70 20.20 -24.95
N TYR B 53 7.88 20.81 -24.82
CA TYR B 53 7.92 22.24 -24.60
C TYR B 53 9.19 22.84 -25.21
N TRP B 54 9.08 24.12 -25.60
CA TRP B 54 10.18 24.84 -26.23
C TRP B 54 9.94 26.33 -26.08
N SER B 55 11.02 27.10 -25.99
CA SER B 55 10.88 28.54 -25.86
C SER B 55 10.59 29.17 -27.21
N GLU B 56 9.92 30.33 -27.16
CA GLU B 56 9.50 31.03 -28.37
C GLU B 56 10.68 31.39 -29.27
N LYS B 57 11.86 31.61 -28.68
CA LYS B 57 12.98 32.14 -29.45
C LYS B 57 13.95 31.04 -29.86
N ASN B 58 14.58 30.41 -28.88
CA ASN B 58 15.47 29.26 -29.10
C ASN B 58 14.74 28.17 -29.88
N GLY B 59 13.82 27.46 -29.21
CA GLY B 59 12.99 26.52 -29.91
C GLY B 59 13.45 25.08 -29.90
N ARG B 60 14.46 24.72 -29.10
CA ARG B 60 14.77 23.31 -28.91
C ARG B 60 13.59 22.64 -28.20
N LYS B 61 12.86 21.80 -28.92
CA LYS B 61 11.72 21.09 -28.33
C LYS B 61 12.25 19.99 -27.43
N ARG B 62 11.85 20.01 -26.15
CA ARG B 62 12.27 19.02 -25.17
C ARG B 62 11.05 18.30 -24.60
N ILE B 63 11.31 17.19 -23.90
CA ILE B 63 10.27 16.34 -23.33
C ILE B 63 10.50 16.23 -21.83
N ALA B 64 9.45 16.45 -21.05
CA ALA B 64 9.43 16.15 -19.62
C ALA B 64 8.43 15.04 -19.36
N LYS B 65 8.81 14.09 -18.49
CA LYS B 65 7.97 12.96 -18.15
C LYS B 65 7.29 13.19 -16.80
N GLY B 66 6.02 12.78 -16.69
CA GLY B 66 5.27 12.96 -15.47
C GLY B 66 4.56 11.68 -15.04
N LYS B 67 3.52 11.79 -14.22
CA LYS B 67 2.87 10.62 -13.67
C LYS B 67 1.37 10.70 -13.87
N MET B 68 0.74 9.53 -13.99
CA MET B 68 -0.70 9.43 -14.15
C MET B 68 -1.30 8.81 -12.90
N SER B 69 -2.47 9.32 -12.50
CA SER B 69 -3.15 8.78 -11.34
C SER B 69 -4.65 8.78 -11.61
N THR B 70 -5.38 8.01 -10.79
CA THR B 70 -6.84 7.94 -10.86
C THR B 70 -7.37 7.87 -9.43
N TYR B 71 -8.67 8.16 -9.28
CA TYR B 71 -9.31 7.97 -7.99
C TYR B 71 -10.77 7.63 -8.20
N ARG B 72 -11.37 7.05 -7.15
CA ARG B 72 -12.81 6.90 -7.09
C ARG B 72 -13.34 7.73 -5.92
N PHE B 73 -14.59 8.17 -6.06
CA PHE B 73 -15.30 8.85 -4.97
C PHE B 73 -16.72 8.31 -5.00
N PHE B 74 -17.05 7.44 -4.06
CA PHE B 74 -18.35 6.76 -4.05
C PHE B 74 -18.49 6.05 -5.39
N ASN B 75 -19.52 6.32 -6.18
CA ASN B 75 -19.71 5.58 -7.42
C ASN B 75 -19.16 6.33 -8.64
N TYR B 76 -18.39 7.39 -8.43
CA TYR B 76 -17.71 8.10 -9.49
C TYR B 76 -16.32 7.51 -9.66
N SER B 77 -15.90 7.35 -10.91
CA SER B 77 -14.55 6.92 -11.25
C SER B 77 -13.95 7.97 -12.15
N SER B 78 -12.79 8.49 -11.77
CA SER B 78 -12.18 9.58 -12.52
C SER B 78 -11.59 9.07 -13.84
N GLY B 79 -11.31 10.01 -14.73
CA GLY B 79 -10.47 9.72 -15.86
C GLY B 79 -9.03 9.67 -15.42
N PHE B 80 -8.11 9.84 -16.35
CA PHE B 80 -6.70 9.63 -16.10
C PHE B 80 -6.03 10.99 -15.89
N ILE B 81 -5.54 11.21 -14.68
CA ILE B 81 -5.03 12.52 -14.26
C ILE B 81 -3.52 12.52 -14.44
N HIS B 82 -3.01 13.55 -15.10
CA HIS B 82 -1.59 13.66 -15.39
C HIS B 82 -1.01 14.88 -14.72
N HIS B 83 0.11 14.70 -14.01
CA HIS B 83 0.87 15.80 -13.46
C HIS B 83 2.31 15.64 -13.94
N THR B 84 2.85 16.68 -14.57
CA THR B 84 4.21 16.68 -15.09
C THR B 84 4.90 18.00 -14.79
N THR B 85 6.09 17.95 -14.19
CA THR B 85 6.83 19.15 -13.85
C THR B 85 7.92 19.40 -14.90
N ILE B 86 7.88 20.59 -15.51
CA ILE B 86 8.94 21.08 -16.40
C ILE B 86 9.89 21.92 -15.57
N ARG B 87 11.19 21.65 -15.64
CA ARG B 87 12.15 22.30 -14.75
C ARG B 87 13.22 23.04 -15.55
N LYS B 88 13.99 23.85 -14.82
CA LYS B 88 15.18 24.52 -15.36
C LYS B 88 14.82 25.42 -16.53
N LEU B 89 13.68 26.10 -16.43
CA LEU B 89 13.30 27.04 -17.47
C LEU B 89 14.07 28.35 -17.31
N LYS B 90 14.07 29.14 -18.39
CA LYS B 90 14.63 30.48 -18.34
C LYS B 90 13.60 31.46 -17.80
N TYR B 91 14.08 32.46 -17.05
CA TYR B 91 13.22 33.51 -16.54
C TYR B 91 12.75 34.40 -17.67
N ASN B 92 11.53 34.93 -17.52
CA ASN B 92 10.97 35.95 -18.40
C ASN B 92 10.97 35.53 -19.87
N THR B 93 10.62 34.27 -20.15
CA THR B 93 10.51 33.88 -21.55
C THR B 93 9.25 33.07 -21.80
N LYS B 94 8.70 33.24 -22.99
CA LYS B 94 7.50 32.53 -23.40
C LYS B 94 7.87 31.13 -23.85
N TYR B 95 7.18 30.13 -23.30
CA TYR B 95 7.37 28.73 -23.67
C TYR B 95 6.08 28.19 -24.26
N TYR B 96 6.20 27.41 -25.34
CA TYR B 96 5.07 26.62 -25.79
C TYR B 96 5.17 25.24 -25.13
N TYR B 97 4.02 24.63 -24.88
CA TYR B 97 4.04 23.26 -24.40
C TYR B 97 2.86 22.50 -25.00
N GLU B 98 3.02 21.19 -25.08
CA GLU B 98 2.05 20.32 -25.75
C GLU B 98 1.78 19.10 -24.89
N VAL B 99 0.51 18.70 -24.86
CA VAL B 99 0.11 17.50 -24.13
C VAL B 99 -0.78 16.67 -25.04
N GLY B 100 -0.91 15.39 -24.69
CA GLY B 100 -1.64 14.47 -25.55
C GLY B 100 -0.79 13.91 -26.67
N LEU B 101 0.47 13.59 -26.39
CA LEU B 101 1.43 13.30 -27.44
C LEU B 101 1.12 12.01 -28.19
N ARG B 102 0.40 11.07 -27.57
CA ARG B 102 0.18 9.80 -28.25
C ARG B 102 -0.91 9.91 -29.31
N ASN B 103 -1.97 10.68 -29.05
CA ASN B 103 -3.10 10.69 -29.95
C ASN B 103 -3.47 12.10 -30.39
N THR B 104 -4.33 12.79 -29.64
CA THR B 104 -4.73 14.15 -29.98
C THR B 104 -3.90 15.14 -29.18
N THR B 105 -3.00 15.85 -29.85
CA THR B 105 -2.12 16.82 -29.21
C THR B 105 -2.83 18.18 -29.13
N ARG B 106 -2.64 18.87 -28.00
CA ARG B 106 -3.09 20.24 -27.84
C ARG B 106 -1.94 21.10 -27.38
N ARG B 107 -1.83 22.31 -27.93
CA ARG B 107 -0.74 23.22 -27.64
C ARG B 107 -1.23 24.43 -26.85
N PHE B 108 -0.39 24.90 -25.92
CA PHE B 108 -0.65 26.06 -25.08
C PHE B 108 0.67 26.78 -24.88
N SER B 109 0.66 27.84 -24.05
CA SER B 109 1.89 28.55 -23.75
C SER B 109 1.80 29.22 -22.38
N PHE B 110 2.97 29.59 -21.85
CA PHE B 110 3.05 30.40 -20.64
C PHE B 110 4.29 31.26 -20.74
N ILE B 111 4.39 32.26 -19.86
CA ILE B 111 5.55 33.14 -19.77
C ILE B 111 6.09 33.03 -18.35
N THR B 112 7.30 32.51 -18.20
CA THR B 112 7.91 32.40 -16.89
C THR B 112 8.07 33.79 -16.28
N PRO B 113 8.00 33.90 -14.95
CA PRO B 113 8.18 35.22 -14.32
C PRO B 113 9.62 35.68 -14.43
N PRO B 114 9.88 36.97 -14.21
CA PRO B 114 11.28 37.42 -14.12
C PRO B 114 11.96 36.79 -12.92
N GLN B 115 13.28 36.79 -12.96
CA GLN B 115 14.04 36.41 -11.78
C GLN B 115 13.63 37.29 -10.61
N THR B 116 13.58 36.70 -9.42
CA THR B 116 13.19 37.47 -8.25
C THR B 116 14.16 38.63 -8.05
N GLY B 117 13.60 39.78 -7.70
CA GLY B 117 14.39 40.97 -7.46
C GLY B 117 13.56 41.99 -6.71
N LEU B 118 14.24 43.04 -6.26
CA LEU B 118 13.63 44.03 -5.38
C LEU B 118 12.50 44.77 -6.07
N ASP B 119 12.74 45.23 -7.30
CA ASP B 119 11.82 46.14 -7.96
C ASP B 119 11.05 45.49 -9.10
N VAL B 120 11.14 44.17 -9.24
CA VAL B 120 10.48 43.44 -10.33
C VAL B 120 8.97 43.65 -10.27
N PRO B 121 8.38 44.34 -11.25
CA PRO B 121 6.92 44.47 -11.29
C PRO B 121 6.24 43.14 -11.62
N TYR B 122 5.03 42.97 -11.07
CA TYR B 122 4.23 41.79 -11.37
C TYR B 122 2.79 42.03 -10.95
N THR B 123 1.86 41.53 -11.75
CA THR B 123 0.44 41.76 -11.57
C THR B 123 -0.23 40.45 -11.17
N PHE B 124 -0.79 40.40 -9.96
CA PHE B 124 -1.44 39.20 -9.46
C PHE B 124 -2.95 39.39 -9.49
N GLY B 125 -3.66 38.44 -10.08
CA GLY B 125 -5.10 38.40 -9.93
C GLY B 125 -5.50 37.78 -8.59
N LEU B 126 -6.59 38.28 -8.02
CA LEU B 126 -7.16 37.74 -6.80
C LEU B 126 -8.55 37.21 -7.11
N ILE B 127 -8.76 35.91 -6.92
CA ILE B 127 -10.02 35.25 -7.20
C ILE B 127 -10.30 34.30 -6.06
N GLY B 128 -11.53 34.30 -5.56
CA GLY B 128 -11.87 33.38 -4.50
C GLY B 128 -13.30 32.88 -4.62
N ASP B 129 -13.52 31.61 -4.27
CA ASP B 129 -14.87 31.06 -4.24
C ASP B 129 -15.53 31.14 -5.62
N LEU B 130 -14.82 30.64 -6.63
CA LEU B 130 -15.23 30.87 -8.01
C LEU B 130 -16.51 30.10 -8.35
N GLY B 131 -16.50 28.78 -8.15
CA GLY B 131 -17.66 27.99 -8.53
C GLY B 131 -17.85 27.97 -10.05
N GLN B 132 -19.05 27.60 -10.45
CA GLN B 132 -19.34 27.47 -11.88
C GLN B 132 -20.75 27.94 -12.20
N SER B 133 -21.14 29.08 -11.61
CA SER B 133 -22.39 29.73 -11.96
C SER B 133 -22.16 30.72 -13.10
N PHE B 134 -23.24 31.38 -13.56
CA PHE B 134 -23.05 32.40 -14.59
C PHE B 134 -22.28 33.59 -14.04
N ASP B 135 -22.47 33.89 -12.76
CA ASP B 135 -21.63 34.88 -12.09
C ASP B 135 -20.16 34.50 -12.19
N SER B 136 -19.84 33.22 -11.96
CA SER B 136 -18.45 32.79 -12.05
C SER B 136 -17.86 33.10 -13.42
N ASN B 137 -18.62 32.82 -14.47
CA ASN B 137 -18.15 33.06 -15.84
C ASN B 137 -17.91 34.55 -16.08
N THR B 138 -18.79 35.40 -15.56
CA THR B 138 -18.60 36.83 -15.69
C THR B 138 -17.33 37.30 -15.00
N THR B 139 -17.07 36.80 -13.78
CA THR B 139 -15.84 37.20 -13.09
C THR B 139 -14.61 36.80 -13.89
N LEU B 140 -14.58 35.56 -14.39
CA LEU B 140 -13.43 35.11 -15.17
C LEU B 140 -13.23 35.97 -16.41
N SER B 141 -14.33 36.28 -17.11
CA SER B 141 -14.26 37.19 -18.25
C SER B 141 -13.67 38.53 -17.86
N HIS B 142 -14.13 39.10 -16.74
CA HIS B 142 -13.61 40.39 -16.32
C HIS B 142 -12.13 40.29 -16.03
N TYR B 143 -11.69 39.21 -15.40
CA TYR B 143 -10.27 39.03 -15.14
C TYR B 143 -9.48 38.97 -16.44
N GLU B 144 -9.92 38.12 -17.37
CA GLU B 144 -9.12 37.93 -18.58
C GLU B 144 -9.17 39.17 -19.48
N LEU B 145 -10.20 40.00 -19.38
CA LEU B 145 -10.26 41.24 -20.15
C LEU B 145 -9.69 42.45 -19.42
N SER B 146 -9.05 42.27 -18.27
CA SER B 146 -8.60 43.42 -17.49
C SER B 146 -7.46 44.12 -18.22
N PRO B 147 -7.53 45.46 -18.38
CA PRO B 147 -6.40 46.17 -18.99
C PRO B 147 -5.15 46.17 -18.14
N LYS B 148 -5.26 45.83 -16.85
CA LYS B 148 -4.07 45.70 -16.02
C LYS B 148 -3.32 44.41 -16.27
N LYS B 149 -3.93 43.44 -16.96
CA LYS B 149 -3.24 42.25 -17.47
C LYS B 149 -2.64 41.40 -16.34
N GLY B 150 -3.48 40.60 -15.69
CA GLY B 150 -2.98 39.71 -14.66
C GLY B 150 -2.08 38.65 -15.26
N GLN B 151 -1.01 38.33 -14.53
CA GLN B 151 -0.01 37.37 -14.95
C GLN B 151 0.00 36.09 -14.13
N THR B 152 -0.69 36.06 -13.00
CA THR B 152 -0.81 34.89 -12.13
C THR B 152 -2.00 35.14 -11.23
N VAL B 153 -2.82 34.11 -11.01
CA VAL B 153 -3.96 34.20 -10.10
C VAL B 153 -3.54 33.60 -8.78
N LEU B 154 -3.81 34.33 -7.69
CA LEU B 154 -3.73 33.80 -6.34
C LEU B 154 -5.16 33.40 -5.96
N PHE B 155 -5.39 32.10 -5.81
CA PHE B 155 -6.74 31.57 -5.64
C PHE B 155 -6.90 31.15 -4.19
N VAL B 156 -7.84 31.79 -3.49
CA VAL B 156 -7.94 31.67 -2.04
C VAL B 156 -8.96 30.62 -1.60
N GLY B 157 -9.34 29.71 -2.48
CA GLY B 157 -10.05 28.51 -2.08
C GLY B 157 -11.51 28.52 -2.52
N ASP B 158 -12.11 27.33 -2.44
CA ASP B 158 -13.47 27.00 -2.88
C ASP B 158 -13.51 27.05 -4.40
N LEU B 159 -13.16 25.94 -5.04
CA LEU B 159 -12.95 25.88 -6.48
C LEU B 159 -14.24 25.57 -7.22
N SER B 160 -14.63 24.29 -7.25
CA SER B 160 -15.70 23.79 -8.11
C SER B 160 -17.07 23.76 -7.46
N TYR B 161 -17.14 23.63 -6.13
CA TYR B 161 -18.41 23.48 -5.42
C TYR B 161 -19.14 22.21 -5.86
N ALA B 162 -18.39 21.20 -6.31
CA ALA B 162 -18.99 19.93 -6.67
C ALA B 162 -19.61 19.22 -5.47
N ASP B 163 -19.12 19.51 -4.27
CA ASP B 163 -19.67 18.86 -3.08
C ASP B 163 -21.09 19.30 -2.77
N ARG B 164 -21.61 20.31 -3.48
CA ARG B 164 -23.02 20.69 -3.32
C ARG B 164 -23.97 19.74 -4.04
N TYR B 165 -23.46 18.94 -4.99
CA TYR B 165 -24.24 18.00 -5.79
C TYR B 165 -24.43 16.67 -5.07
N PRO B 166 -25.40 15.87 -5.47
CA PRO B 166 -25.61 14.57 -4.81
C PRO B 166 -24.37 13.70 -4.92
N ASN B 167 -23.95 13.14 -3.79
CA ASN B 167 -22.72 12.36 -3.69
C ASN B 167 -21.49 13.15 -4.13
N HIS B 168 -21.57 14.47 -4.06
CA HIS B 168 -20.49 15.38 -4.47
C HIS B 168 -20.20 15.26 -5.97
N ASP B 169 -21.21 14.85 -6.77
CA ASP B 169 -21.06 14.48 -8.18
C ASP B 169 -19.78 15.01 -8.82
N ASN B 170 -18.71 14.21 -8.79
CA ASN B 170 -17.39 14.70 -9.17
C ASN B 170 -17.31 15.03 -10.66
N VAL B 171 -18.32 14.70 -11.46
CA VAL B 171 -18.41 15.28 -12.79
C VAL B 171 -18.28 16.81 -12.72
N ARG B 172 -18.79 17.42 -11.64
CA ARG B 172 -18.71 18.87 -11.52
C ARG B 172 -17.30 19.39 -11.22
N TRP B 173 -16.36 18.51 -10.85
CA TRP B 173 -14.94 18.85 -10.91
C TRP B 173 -14.45 18.87 -12.35
N ASP B 174 -14.85 17.88 -13.15
CA ASP B 174 -14.42 17.83 -14.55
C ASP B 174 -14.91 19.06 -15.31
N THR B 175 -16.19 19.42 -15.14
CA THR B 175 -16.70 20.62 -15.81
C THR B 175 -15.92 21.86 -15.38
N TRP B 176 -15.63 21.99 -14.08
CA TRP B 176 -14.92 23.19 -13.62
C TRP B 176 -13.53 23.25 -14.21
N GLY B 177 -12.86 22.09 -14.35
CA GLY B 177 -11.56 22.06 -15.00
C GLY B 177 -11.61 22.51 -16.45
N ARG B 178 -12.66 22.09 -17.17
CA ARG B 178 -12.80 22.50 -18.56
C ARG B 178 -13.16 23.99 -18.68
N PHE B 179 -13.97 24.51 -17.74
CA PHE B 179 -14.33 25.92 -17.72
C PHE B 179 -13.12 26.82 -17.43
N THR B 180 -12.34 26.51 -16.39
CA THR B 180 -11.24 27.40 -16.02
C THR B 180 -10.05 27.29 -16.95
N GLU B 181 -9.99 26.24 -17.78
CA GLU B 181 -8.81 26.00 -18.63
C GLU B 181 -8.43 27.24 -19.42
N ARG B 182 -9.41 27.99 -19.92
CA ARG B 182 -9.10 29.12 -20.79
C ARG B 182 -8.22 30.16 -20.10
N SER B 183 -8.15 30.15 -18.77
CA SER B 183 -7.17 30.98 -18.06
C SER B 183 -5.97 30.19 -17.57
N VAL B 184 -6.20 29.11 -16.81
CA VAL B 184 -5.12 28.47 -16.05
C VAL B 184 -4.27 27.54 -16.89
N ALA B 185 -4.65 27.29 -18.15
CA ALA B 185 -3.70 26.62 -19.03
C ALA B 185 -2.59 27.55 -19.48
N TYR B 186 -2.81 28.88 -19.40
CA TYR B 186 -1.85 29.86 -19.92
C TYR B 186 -1.13 30.68 -18.84
N GLN B 187 -1.55 30.59 -17.58
CA GLN B 187 -0.85 31.32 -16.52
C GLN B 187 -1.13 30.55 -15.24
N PRO B 188 -0.14 30.46 -14.34
CA PRO B 188 -0.36 29.67 -13.12
C PRO B 188 -1.46 30.27 -12.28
N TRP B 189 -2.26 29.40 -11.68
CA TRP B 189 -3.06 29.74 -10.51
C TRP B 189 -2.41 29.11 -9.28
N ILE B 190 -2.35 29.87 -8.19
CA ILE B 190 -1.73 29.42 -6.94
C ILE B 190 -2.86 28.99 -6.00
N TRP B 191 -2.89 27.71 -5.65
CA TRP B 191 -4.07 27.09 -5.03
C TRP B 191 -4.04 27.16 -3.50
N THR B 192 -5.16 27.59 -2.92
CA THR B 192 -5.43 27.51 -1.49
C THR B 192 -6.63 26.57 -1.29
N ALA B 193 -6.56 25.71 -0.27
CA ALA B 193 -7.66 24.77 0.02
C ALA B 193 -8.70 25.44 0.90
N GLY B 194 -9.95 25.49 0.42
CA GLY B 194 -11.07 25.97 1.20
C GLY B 194 -11.95 24.83 1.70
N ASN B 195 -13.07 25.21 2.32
CA ASN B 195 -13.88 24.17 2.98
C ASN B 195 -14.66 23.31 1.99
N HIS B 196 -14.95 23.82 0.80
CA HIS B 196 -15.59 22.97 -0.21
C HIS B 196 -14.63 21.94 -0.79
N GLU B 197 -13.34 22.08 -0.52
CA GLU B 197 -12.38 21.06 -0.91
C GLU B 197 -12.25 19.95 0.13
N ILE B 198 -12.73 20.17 1.36
CA ILE B 198 -12.59 19.15 2.42
C ILE B 198 -13.26 17.85 1.99
N GLU B 199 -14.52 17.94 1.57
CA GLU B 199 -15.31 16.80 1.09
C GLU B 199 -15.21 15.61 2.04
N PHE B 200 -15.40 15.89 3.32
CA PHE B 200 -15.49 14.84 4.34
C PHE B 200 -16.93 14.32 4.35
N ALA B 201 -17.14 13.11 3.85
CA ALA B 201 -18.49 12.56 3.68
C ALA B 201 -18.53 11.14 4.21
N PRO B 202 -18.46 10.96 5.54
CA PRO B 202 -18.49 9.60 6.10
C PRO B 202 -19.76 8.85 5.78
N GLU B 203 -20.86 9.54 5.46
CA GLU B 203 -22.09 8.86 5.12
C GLU B 203 -21.97 8.05 3.82
N ILE B 204 -20.99 8.36 2.96
CA ILE B 204 -20.76 7.54 1.77
C ILE B 204 -19.34 6.99 1.80
N ASN B 205 -18.82 6.78 3.01
CA ASN B 205 -17.49 6.20 3.22
C ASN B 205 -16.37 6.92 2.45
N GLU B 206 -16.43 8.25 2.44
CA GLU B 206 -15.32 9.06 1.91
C GLU B 206 -14.83 9.92 3.07
N THR B 207 -13.81 9.41 3.78
CA THR B 207 -13.37 10.02 5.04
C THR B 207 -12.01 10.71 4.90
N GLU B 208 -11.45 10.78 3.70
CA GLU B 208 -10.13 11.37 3.50
C GLU B 208 -10.26 12.84 3.11
N PRO B 209 -9.97 13.79 4.00
CA PRO B 209 -10.12 15.21 3.65
C PRO B 209 -9.31 15.59 2.41
N PHE B 210 -9.92 16.39 1.55
CA PHE B 210 -9.30 17.02 0.37
C PHE B 210 -9.00 16.03 -0.74
N LYS B 211 -9.59 14.84 -0.73
CA LYS B 211 -9.17 13.80 -1.67
C LYS B 211 -9.33 14.22 -3.14
N PRO B 212 -10.52 14.61 -3.62
CA PRO B 212 -10.61 14.95 -5.06
C PRO B 212 -9.74 16.15 -5.43
N PHE B 213 -9.78 17.21 -4.62
CA PHE B 213 -8.90 18.37 -4.82
C PHE B 213 -7.44 17.97 -4.96
N SER B 214 -6.93 17.15 -4.04
CA SER B 214 -5.50 16.90 -3.99
C SER B 214 -5.05 15.99 -5.13
N TYR B 215 -5.94 15.13 -5.66
CA TYR B 215 -5.60 14.39 -6.87
C TYR B 215 -5.51 15.31 -8.08
N ARG B 216 -6.44 16.26 -8.18
CA ARG B 216 -6.55 17.06 -9.39
C ARG B 216 -5.63 18.28 -9.40
N TYR B 217 -5.28 18.82 -8.24
CA TYR B 217 -4.52 20.07 -8.15
C TYR B 217 -3.30 19.83 -7.28
N HIS B 218 -2.14 19.75 -7.92
CA HIS B 218 -0.88 19.58 -7.22
C HIS B 218 -0.24 20.94 -7.00
N VAL B 219 0.61 21.02 -5.98
CA VAL B 219 1.33 22.24 -5.60
C VAL B 219 2.76 21.86 -5.27
N PRO B 220 3.71 22.80 -5.36
CA PRO B 220 5.13 22.46 -5.14
C PRO B 220 5.53 22.51 -3.66
N TYR B 221 4.84 21.73 -2.83
CA TYR B 221 4.98 21.96 -1.39
C TYR B 221 6.35 21.54 -0.85
N GLU B 222 6.97 20.51 -1.43
CA GLU B 222 8.29 20.10 -0.94
C GLU B 222 9.35 21.16 -1.17
N ALA B 223 9.11 22.09 -2.10
CA ALA B 223 10.13 23.09 -2.40
C ALA B 223 10.30 24.10 -1.28
N SER B 224 9.32 24.25 -0.38
CA SER B 224 9.49 25.06 0.82
C SER B 224 9.60 24.19 2.07
N GLN B 225 9.95 22.91 1.89
CA GLN B 225 10.15 21.95 2.97
C GLN B 225 8.88 21.71 3.78
N SER B 226 7.71 21.92 3.17
CA SER B 226 6.47 21.50 3.80
C SER B 226 6.26 20.01 3.63
N THR B 227 5.58 19.39 4.61
CA THR B 227 5.24 17.98 4.52
C THR B 227 3.83 17.75 3.97
N SER B 228 3.13 18.80 3.57
CA SER B 228 1.75 18.63 3.12
C SER B 228 1.46 19.58 1.98
N PRO B 229 0.65 19.16 0.99
CA PRO B 229 0.24 20.08 -0.07
C PRO B 229 -0.61 21.24 0.42
N PHE B 230 -1.18 21.16 1.61
CA PHE B 230 -2.16 22.17 2.00
C PHE B 230 -1.53 23.43 2.59
N TRP B 231 -0.23 23.42 2.88
CA TRP B 231 0.45 24.66 3.22
C TRP B 231 1.83 24.63 2.59
N TYR B 232 2.25 25.77 2.04
CA TYR B 232 3.49 25.84 1.29
C TYR B 232 3.75 27.30 0.94
N SER B 233 4.94 27.56 0.41
N SER B 233 4.95 27.58 0.43
CA SER B 233 5.35 28.90 0.04
CA SER B 233 5.29 28.93 0.02
C SER B 233 5.99 28.87 -1.35
C SER B 233 5.99 28.88 -1.33
N ILE B 234 5.85 29.96 -2.09
CA ILE B 234 6.59 30.17 -3.33
C ILE B 234 7.04 31.61 -3.35
N LYS B 235 8.12 31.87 -4.09
CA LYS B 235 8.53 33.21 -4.49
C LYS B 235 8.27 33.38 -5.98
N ARG B 236 7.77 34.54 -6.36
CA ARG B 236 7.50 34.85 -7.76
C ARG B 236 7.69 36.35 -7.93
N ALA B 237 8.61 36.74 -8.83
CA ALA B 237 8.94 38.15 -9.08
C ALA B 237 9.41 38.74 -7.76
N SER B 238 8.81 39.81 -7.25
CA SER B 238 9.27 40.43 -6.01
C SER B 238 8.43 40.01 -4.80
N ALA B 239 7.68 38.92 -4.91
CA ALA B 239 6.72 38.53 -3.89
C ALA B 239 7.13 37.21 -3.24
N HIS B 240 6.96 37.13 -1.93
CA HIS B 240 7.04 35.91 -1.15
C HIS B 240 5.63 35.58 -0.69
N ILE B 241 5.11 34.45 -1.15
CA ILE B 241 3.70 34.08 -0.97
C ILE B 241 3.65 32.87 -0.06
N ILE B 242 2.90 32.98 1.03
CA ILE B 242 2.70 31.88 1.97
C ILE B 242 1.25 31.46 1.89
N VAL B 243 1.01 30.16 1.71
CA VAL B 243 -0.33 29.60 1.55
C VAL B 243 -0.61 28.71 2.75
N LEU B 244 -1.71 28.98 3.47
CA LEU B 244 -2.07 28.27 4.69
C LEU B 244 -3.38 27.50 4.50
N SER B 245 -3.62 26.57 5.44
CA SER B 245 -4.78 25.68 5.39
C SER B 245 -5.69 25.96 6.57
N SER B 246 -6.81 26.67 6.34
CA SER B 246 -7.76 26.93 7.41
C SER B 246 -8.29 25.63 8.01
N TYR B 247 -8.34 24.55 7.25
CA TYR B 247 -9.06 23.34 7.67
C TYR B 247 -8.10 22.18 7.94
N SER B 248 -6.86 22.51 8.30
CA SER B 248 -5.84 21.60 8.79
C SER B 248 -5.45 22.01 10.21
N ALA B 249 -4.75 21.12 10.92
CA ALA B 249 -4.31 21.44 12.28
C ALA B 249 -3.34 22.62 12.27
N TYR B 250 -3.51 23.51 13.25
CA TYR B 250 -2.52 24.56 13.46
C TYR B 250 -2.28 24.82 14.94
N GLY B 251 -2.57 23.85 15.79
CA GLY B 251 -2.15 23.95 17.18
C GLY B 251 -0.65 23.98 17.32
N ARG B 252 -0.19 24.47 18.48
CA ARG B 252 1.24 24.52 18.74
CA ARG B 252 1.24 24.52 18.74
C ARG B 252 1.84 23.12 18.63
N GLY B 253 2.92 23.02 17.86
CA GLY B 253 3.58 21.75 17.65
C GLY B 253 3.05 20.93 16.49
N THR B 254 1.96 21.37 15.84
CA THR B 254 1.48 20.63 14.68
C THR B 254 2.38 20.91 13.48
N PRO B 255 2.34 20.06 12.44
CA PRO B 255 3.18 20.32 11.26
C PRO B 255 2.99 21.72 10.66
N GLN B 256 1.73 22.15 10.47
CA GLN B 256 1.52 23.45 9.83
C GLN B 256 2.04 24.57 10.71
N TYR B 257 1.77 24.50 12.02
CA TYR B 257 2.28 25.50 12.95
C TYR B 257 3.78 25.57 12.91
N THR B 258 4.43 24.40 13.02
CA THR B 258 5.89 24.31 12.97
C THR B 258 6.44 24.87 11.66
N TRP B 259 5.81 24.50 10.55
CA TRP B 259 6.31 24.92 9.25
C TRP B 259 6.21 26.43 9.07
N LEU B 260 5.06 27.00 9.43
CA LEU B 260 4.88 28.45 9.26
C LEU B 260 5.87 29.22 10.12
N LYS B 261 6.07 28.78 11.37
CA LYS B 261 6.99 29.49 12.25
C LYS B 261 8.39 29.53 11.65
N LYS B 262 8.87 28.39 11.14
CA LYS B 262 10.17 28.33 10.49
C LYS B 262 10.17 29.10 9.17
N GLU B 263 9.11 28.98 8.37
CA GLU B 263 9.08 29.67 7.08
C GLU B 263 9.18 31.18 7.24
N LEU B 264 8.51 31.75 8.24
CA LEU B 264 8.57 33.20 8.43
C LEU B 264 9.99 33.67 8.70
N ARG B 265 10.77 32.86 9.42
CA ARG B 265 12.18 33.18 9.68
C ARG B 265 13.03 33.18 8.42
N LYS B 266 12.62 32.45 7.39
CA LYS B 266 13.35 32.41 6.12
C LYS B 266 13.04 33.59 5.21
N VAL B 267 12.00 34.37 5.48
CA VAL B 267 11.65 35.47 4.59
C VAL B 267 12.74 36.53 4.65
N LYS B 268 13.19 36.97 3.48
CA LYS B 268 14.18 38.04 3.36
C LYS B 268 13.53 39.15 2.54
N ARG B 269 13.02 40.18 3.24
CA ARG B 269 12.43 41.33 2.58
C ARG B 269 13.47 42.14 1.80
N SER B 270 14.76 41.92 2.06
CA SER B 270 15.80 42.53 1.25
C SER B 270 15.93 41.85 -0.10
N GLU B 271 15.21 40.75 -0.34
CA GLU B 271 15.18 40.06 -1.61
C GLU B 271 13.81 40.01 -2.23
N THR B 272 12.78 39.64 -1.47
CA THR B 272 11.39 39.70 -1.92
C THR B 272 10.66 40.69 -1.02
N PRO B 273 10.47 41.93 -1.45
CA PRO B 273 9.87 42.93 -0.56
C PRO B 273 8.44 42.62 -0.16
N TRP B 274 7.65 42.00 -1.02
CA TRP B 274 6.22 41.84 -0.80
C TRP B 274 5.93 40.51 -0.14
N LEU B 275 5.37 40.55 1.07
CA LEU B 275 5.06 39.36 1.86
C LEU B 275 3.54 39.20 1.84
N ILE B 276 3.09 38.12 1.22
CA ILE B 276 1.67 37.91 0.95
C ILE B 276 1.27 36.59 1.57
N VAL B 277 0.14 36.58 2.28
CA VAL B 277 -0.39 35.36 2.88
C VAL B 277 -1.76 35.09 2.27
N LEU B 278 -1.98 33.85 1.84
CA LEU B 278 -3.28 33.38 1.41
C LEU B 278 -3.83 32.37 2.41
N MET B 279 -5.12 32.48 2.68
CA MET B 279 -5.84 31.50 3.49
C MET B 279 -7.30 31.56 3.08
N HIS B 280 -8.06 30.50 3.39
CA HIS B 280 -9.46 30.56 2.97
C HIS B 280 -10.32 31.39 3.92
N SER B 281 -10.26 31.11 5.22
CA SER B 281 -11.17 31.74 6.19
C SER B 281 -10.58 33.05 6.71
N PRO B 282 -11.27 34.18 6.56
CA PRO B 282 -10.65 35.47 6.93
C PRO B 282 -10.54 35.68 8.44
N LEU B 283 -9.42 36.26 8.87
CA LEU B 283 -9.24 36.55 10.28
C LEU B 283 -10.04 37.77 10.70
N TYR B 284 -10.30 38.69 9.76
CA TYR B 284 -11.07 39.90 9.98
C TYR B 284 -12.21 39.89 8.98
N ASN B 285 -13.43 40.00 9.50
CA ASN B 285 -14.62 39.79 8.68
C ASN B 285 -15.80 40.37 9.43
N SER B 286 -16.40 41.45 8.91
CA SER B 286 -17.55 42.10 9.54
C SER B 286 -18.87 41.72 8.90
N TYR B 287 -18.86 40.66 8.08
CA TYR B 287 -20.09 40.11 7.52
C TYR B 287 -20.67 39.10 8.48
N ASN B 288 -21.98 38.92 8.40
CA ASN B 288 -22.61 37.94 9.29
C ASN B 288 -22.27 36.52 8.88
N HIS B 289 -22.30 36.21 7.58
CA HIS B 289 -21.95 34.87 7.13
C HIS B 289 -20.53 34.54 7.55
N HIS B 290 -20.35 33.43 8.27
CA HIS B 290 -19.05 32.98 8.76
C HIS B 290 -18.44 33.96 9.74
N PHE B 291 -19.24 34.83 10.35
CA PHE B 291 -18.70 35.77 11.34
C PHE B 291 -17.92 35.02 12.43
N MET B 292 -16.69 35.48 12.68
CA MET B 292 -15.80 35.01 13.73
C MET B 292 -15.30 33.57 13.53
N GLU B 293 -15.54 32.95 12.37
CA GLU B 293 -14.93 31.65 12.15
C GLU B 293 -13.40 31.74 12.14
N GLY B 294 -12.86 32.89 11.72
CA GLY B 294 -11.42 33.10 11.68
C GLY B 294 -10.73 33.22 13.02
N GLU B 295 -11.49 33.16 14.13
CA GLU B 295 -10.90 33.52 15.42
C GLU B 295 -9.85 32.52 15.87
N ALA B 296 -10.09 31.22 15.65
CA ALA B 296 -9.14 30.22 16.16
C ALA B 296 -7.77 30.41 15.52
N MET B 297 -7.72 30.46 14.17
CA MET B 297 -6.44 30.70 13.51
C MET B 297 -5.86 32.06 13.90
N ARG B 298 -6.71 33.07 14.05
CA ARG B 298 -6.22 34.37 14.46
C ARG B 298 -5.44 34.30 15.78
N THR B 299 -5.95 33.56 16.76
CA THR B 299 -5.23 33.46 18.04
C THR B 299 -3.84 32.88 17.87
N LYS B 300 -3.65 32.00 16.88
CA LYS B 300 -2.34 31.38 16.67
C LYS B 300 -1.39 32.26 15.87
N PHE B 301 -1.88 32.84 14.77
CA PHE B 301 -0.98 33.40 13.76
C PHE B 301 -0.98 34.91 13.67
N GLU B 302 -1.99 35.61 14.19
CA GLU B 302 -2.06 37.05 13.98
C GLU B 302 -0.81 37.74 14.49
N ALA B 303 -0.36 37.40 15.70
CA ALA B 303 0.81 38.08 16.24
C ALA B 303 2.05 37.82 15.38
N TRP B 304 2.13 36.66 14.74
CA TRP B 304 3.24 36.38 13.82
C TRP B 304 3.18 37.29 12.59
N PHE B 305 1.98 37.51 12.04
CA PHE B 305 1.84 38.37 10.86
C PHE B 305 2.28 39.80 11.18
N VAL B 306 1.94 40.27 12.38
CA VAL B 306 2.37 41.59 12.84
C VAL B 306 3.88 41.60 13.07
N LYS B 307 4.41 40.62 13.80
CA LYS B 307 5.85 40.58 14.07
C LYS B 307 6.66 40.59 12.77
N TYR B 308 6.21 39.88 11.76
CA TYR B 308 6.95 39.82 10.50
C TYR B 308 6.47 40.85 9.47
N LYS B 309 5.54 41.73 9.85
CA LYS B 309 5.11 42.84 9.00
C LYS B 309 4.65 42.36 7.63
N VAL B 310 3.73 41.39 7.63
CA VAL B 310 3.08 40.94 6.41
C VAL B 310 2.39 42.12 5.76
N ASP B 311 2.57 42.26 4.44
CA ASP B 311 1.95 43.36 3.71
C ASP B 311 0.44 43.20 3.61
N VAL B 312 -0.01 42.01 3.23
CA VAL B 312 -1.42 41.80 2.96
C VAL B 312 -1.74 40.32 3.20
N VAL B 313 -2.94 40.08 3.74
CA VAL B 313 -3.50 38.73 3.89
C VAL B 313 -4.76 38.69 3.04
N PHE B 314 -4.83 37.73 2.10
CA PHE B 314 -6.02 37.56 1.28
C PHE B 314 -6.77 36.31 1.71
N ALA B 315 -8.09 36.42 1.79
CA ALA B 315 -8.95 35.32 2.16
C ALA B 315 -10.19 35.35 1.30
N GLY B 316 -10.95 34.25 1.33
CA GLY B 316 -12.22 34.18 0.64
C GLY B 316 -13.33 33.83 1.62
N HIS B 317 -14.08 32.77 1.32
CA HIS B 317 -15.05 32.15 2.21
C HIS B 317 -16.31 33.01 2.37
N VAL B 318 -16.15 34.28 2.70
CA VAL B 318 -17.28 35.21 2.69
C VAL B 318 -17.52 35.66 1.25
N HIS B 319 -18.76 35.50 0.77
CA HIS B 319 -19.07 35.77 -0.63
C HIS B 319 -19.35 37.26 -0.84
N ALA B 320 -18.27 38.04 -0.70
CA ALA B 320 -18.34 39.50 -0.73
C ALA B 320 -16.92 40.04 -0.69
N TYR B 321 -16.81 41.36 -0.64
CA TYR B 321 -15.53 42.05 -0.64
C TYR B 321 -15.37 42.87 0.63
N GLU B 322 -14.18 42.81 1.22
CA GLU B 322 -13.87 43.62 2.39
C GLU B 322 -12.39 43.94 2.41
N ARG B 323 -12.06 45.17 2.78
CA ARG B 323 -10.69 45.62 2.97
C ARG B 323 -10.61 46.22 4.36
N SER B 324 -9.71 45.69 5.19
CA SER B 324 -9.57 46.20 6.55
C SER B 324 -8.59 47.36 6.59
N GLU B 325 -8.64 48.12 7.69
CA GLU B 325 -7.52 48.96 8.08
C GLU B 325 -6.38 48.07 8.57
N ARG B 326 -5.18 48.63 8.63
CA ARG B 326 -4.09 47.94 9.32
C ARG B 326 -4.39 47.98 10.81
N VAL B 327 -4.86 46.86 11.36
CA VAL B 327 -5.18 46.76 12.78
C VAL B 327 -4.62 45.46 13.34
N SER B 328 -4.57 45.39 14.67
CA SER B 328 -4.18 44.16 15.36
C SER B 328 -4.99 44.01 16.63
N ASN B 329 -5.09 42.77 17.11
CA ASN B 329 -5.85 42.46 18.32
C ASN B 329 -5.08 41.39 19.10
N ILE B 330 -3.87 41.74 19.54
CA ILE B 330 -2.91 40.75 20.05
C ILE B 330 -2.48 41.03 21.49
N ALA B 331 -3.19 41.89 22.22
CA ALA B 331 -2.81 42.22 23.60
C ALA B 331 -3.72 41.57 24.64
N TYR B 332 -4.59 40.67 24.23
CA TYR B 332 -5.60 40.09 25.11
C TYR B 332 -4.99 39.06 26.06
N LYS B 333 -5.37 39.15 27.34
CA LYS B 333 -4.82 38.27 28.37
C LYS B 333 -5.93 37.72 29.29
N ILE B 334 -7.12 37.47 28.72
CA ILE B 334 -8.27 36.80 29.34
C ILE B 334 -9.04 37.76 30.24
N THR B 335 -8.32 38.42 31.16
CA THR B 335 -8.95 39.26 32.17
C THR B 335 -8.58 40.73 32.06
N ASN B 336 -7.81 41.14 31.07
CA ASN B 336 -7.29 42.51 31.03
C ASN B 336 -8.14 43.44 30.18
N GLY B 337 -9.24 42.96 29.63
CA GLY B 337 -10.13 43.83 28.87
C GLY B 337 -9.56 44.40 27.59
N LEU B 338 -8.44 43.89 27.10
CA LEU B 338 -7.85 44.42 25.86
C LEU B 338 -8.25 43.49 24.71
N CYS B 339 -9.48 43.68 24.21
CA CYS B 339 -10.01 42.80 23.18
C CYS B 339 -10.61 43.57 22.01
N THR B 340 -10.21 44.81 21.82
CA THR B 340 -10.67 45.60 20.69
C THR B 340 -9.55 45.78 19.69
N PRO B 341 -9.78 45.52 18.40
CA PRO B 341 -8.75 45.80 17.40
C PRO B 341 -8.34 47.27 17.46
N VAL B 342 -7.05 47.52 17.34
CA VAL B 342 -6.52 48.87 17.33
C VAL B 342 -5.67 49.09 16.08
N LYS B 343 -5.54 50.34 15.67
CA LYS B 343 -4.66 50.68 14.56
C LYS B 343 -3.23 50.23 14.83
N ASP B 344 -2.62 49.58 13.84
CA ASP B 344 -1.27 49.03 14.01
C ASP B 344 -0.59 49.05 12.64
N GLN B 345 0.39 49.94 12.47
CA GLN B 345 1.06 50.07 11.18
C GLN B 345 2.00 48.93 10.87
N SER B 346 2.30 48.05 11.82
CA SER B 346 3.09 46.89 11.45
C SER B 346 2.23 45.70 11.05
N ALA B 347 0.91 45.84 11.07
CA ALA B 347 0.00 44.75 10.73
C ALA B 347 -0.30 44.77 9.24
N PRO B 348 -0.70 43.62 8.67
CA PRO B 348 -1.13 43.61 7.27
C PRO B 348 -2.49 44.24 7.10
N VAL B 349 -2.82 44.55 5.85
CA VAL B 349 -4.22 44.76 5.48
C VAL B 349 -4.85 43.39 5.25
N TYR B 350 -6.09 43.21 5.72
CA TYR B 350 -6.83 41.97 5.52
C TYR B 350 -7.88 42.21 4.44
N ILE B 351 -7.84 41.42 3.37
CA ILE B 351 -8.79 41.59 2.27
C ILE B 351 -9.57 40.29 2.10
N THR B 352 -10.88 40.38 2.20
CA THR B 352 -11.79 39.31 1.82
C THR B 352 -12.16 39.50 0.36
N ILE B 353 -11.99 38.44 -0.45
CA ILE B 353 -12.21 38.54 -1.89
C ILE B 353 -12.85 37.24 -2.38
N GLY B 354 -13.76 36.70 -1.57
CA GLY B 354 -14.42 35.46 -1.91
C GLY B 354 -15.67 35.64 -2.75
N ASP B 355 -15.67 36.65 -3.63
CA ASP B 355 -16.88 37.06 -4.31
C ASP B 355 -16.86 36.79 -5.82
N ALA B 356 -16.12 35.76 -6.27
CA ALA B 356 -16.04 35.52 -7.70
C ALA B 356 -17.30 34.84 -8.27
N GLY B 357 -18.19 34.32 -7.46
CA GLY B 357 -19.44 33.85 -8.02
C GLY B 357 -20.13 32.69 -7.32
N ASN B 358 -19.33 31.81 -6.73
CA ASN B 358 -19.77 30.55 -6.13
C ASN B 358 -20.90 29.92 -6.93
N TYR B 359 -21.96 29.49 -6.26
CA TYR B 359 -23.16 28.98 -6.92
C TYR B 359 -24.19 30.08 -7.16
N GLY B 360 -23.76 31.34 -7.14
CA GLY B 360 -24.62 32.45 -7.49
C GLY B 360 -25.20 33.24 -6.34
N VAL B 361 -24.65 33.14 -5.14
CA VAL B 361 -25.22 33.80 -3.97
C VAL B 361 -24.20 34.78 -3.41
N ILE B 362 -24.65 35.99 -3.10
CA ILE B 362 -23.84 37.04 -2.52
C ILE B 362 -24.18 37.13 -1.04
N ASP B 363 -23.20 37.53 -0.23
CA ASP B 363 -23.37 37.68 1.21
C ASP B 363 -23.59 39.17 1.48
N SER B 364 -24.85 39.58 1.66
CA SER B 364 -25.14 40.99 1.84
C SER B 364 -25.40 41.38 3.29
N ASN B 365 -25.65 40.43 4.17
CA ASN B 365 -25.92 40.75 5.57
C ASN B 365 -24.61 41.16 6.25
N MET B 366 -24.49 42.44 6.56
CA MET B 366 -23.31 43.00 7.19
C MET B 366 -23.65 43.45 8.60
N ILE B 367 -22.71 43.24 9.53
CA ILE B 367 -22.87 43.75 10.88
CA ILE B 367 -22.88 43.75 10.87
C ILE B 367 -22.76 45.27 10.85
N GLN B 368 -23.67 45.95 11.54
CA GLN B 368 -23.78 47.40 11.48
C GLN B 368 -23.57 48.03 12.86
N PRO B 369 -22.94 49.21 12.93
CA PRO B 369 -22.37 49.91 11.77
C PRO B 369 -21.02 49.32 11.39
N GLN B 370 -20.50 49.71 10.24
CA GLN B 370 -19.18 49.25 9.84
C GLN B 370 -18.19 49.52 10.96
N PRO B 371 -17.50 48.50 11.47
CA PRO B 371 -16.57 48.73 12.58
C PRO B 371 -15.35 49.51 12.14
N GLU B 372 -14.67 50.07 13.14
CA GLU B 372 -13.47 50.85 12.87
C GLU B 372 -12.43 50.07 12.10
N TYR B 373 -12.34 48.75 12.33
CA TYR B 373 -11.30 47.98 11.65
C TYR B 373 -11.57 47.76 10.17
N SER B 374 -12.79 48.01 9.69
CA SER B 374 -13.18 47.74 8.32
C SER B 374 -13.08 49.03 7.50
N ALA B 375 -12.20 49.03 6.49
CA ALA B 375 -12.02 50.24 5.67
C ALA B 375 -13.07 50.35 4.58
N PHE B 376 -13.33 49.26 3.85
CA PHE B 376 -14.28 49.27 2.75
C PHE B 376 -14.87 47.88 2.65
N ARG B 377 -16.18 47.80 2.42
CA ARG B 377 -16.81 46.53 2.17
C ARG B 377 -17.99 46.74 1.22
N GLU B 378 -18.26 45.73 0.40
CA GLU B 378 -19.45 45.77 -0.44
C GLU B 378 -19.79 44.35 -0.91
N ALA B 379 -21.09 44.05 -0.92
CA ALA B 379 -21.58 42.74 -1.36
C ALA B 379 -21.90 42.78 -2.86
N SER B 380 -20.85 42.71 -3.67
CA SER B 380 -20.96 42.60 -5.12
C SER B 380 -19.99 41.53 -5.61
N PHE B 381 -20.36 40.86 -6.70
CA PHE B 381 -19.44 39.93 -7.34
C PHE B 381 -18.29 40.66 -8.01
N GLY B 382 -17.13 40.01 -8.05
CA GLY B 382 -16.01 40.59 -8.75
C GLY B 382 -14.72 39.92 -8.35
N HIS B 383 -13.62 40.62 -8.61
CA HIS B 383 -12.29 40.08 -8.37
C HIS B 383 -11.35 41.24 -8.08
N GLY B 384 -10.13 40.90 -7.64
CA GLY B 384 -9.13 41.89 -7.30
C GLY B 384 -7.87 41.76 -8.13
N MET B 385 -7.04 42.79 -8.07
CA MET B 385 -5.73 42.82 -8.71
C MET B 385 -4.75 43.44 -7.73
N PHE B 386 -3.66 42.74 -7.46
CA PHE B 386 -2.59 43.25 -6.61
C PHE B 386 -1.40 43.48 -7.55
N ASP B 387 -1.22 44.74 -7.96
CA ASP B 387 -0.31 45.10 -9.03
C ASP B 387 0.95 45.71 -8.45
N ILE B 388 2.03 44.92 -8.39
CA ILE B 388 3.28 45.34 -7.77
C ILE B 388 4.07 46.19 -8.76
N LYS B 389 4.41 47.42 -8.38
CA LYS B 389 5.18 48.33 -9.21
C LYS B 389 6.66 48.33 -8.92
N ASN B 390 7.05 48.22 -7.65
CA ASN B 390 8.46 48.16 -7.25
C ASN B 390 8.47 47.83 -5.76
N ARG B 391 9.65 47.99 -5.13
CA ARG B 391 9.81 47.52 -3.76
C ARG B 391 9.01 48.31 -2.75
N THR B 392 8.54 49.52 -3.10
CA THR B 392 7.83 50.37 -2.16
C THR B 392 6.33 50.45 -2.41
N HIS B 393 5.88 50.26 -3.65
CA HIS B 393 4.51 50.52 -4.06
C HIS B 393 3.87 49.30 -4.73
N ALA B 394 2.66 48.97 -4.31
CA ALA B 394 1.79 48.02 -4.99
C ALA B 394 0.39 48.60 -4.99
N HIS B 395 -0.29 48.47 -6.13
CA HIS B 395 -1.63 49.00 -6.32
C HIS B 395 -2.62 47.86 -6.29
N PHE B 396 -3.53 47.87 -5.32
CA PHE B 396 -4.62 46.92 -5.28
C PHE B 396 -5.89 47.57 -5.80
N SER B 397 -6.65 46.83 -6.60
CA SER B 397 -7.93 47.30 -7.11
C SER B 397 -8.93 46.16 -7.11
N TRP B 398 -10.20 46.54 -6.96
CA TRP B 398 -11.33 45.63 -6.97
C TRP B 398 -12.24 46.03 -8.12
N ASN B 399 -12.57 45.07 -8.99
CA ASN B 399 -13.44 45.32 -10.13
C ASN B 399 -14.73 44.52 -9.95
N ARG B 400 -15.87 45.19 -10.08
CA ARG B 400 -17.17 44.55 -9.93
C ARG B 400 -17.69 44.07 -11.28
N ASN B 401 -18.42 42.95 -11.23
CA ASN B 401 -18.98 42.37 -12.46
C ASN B 401 -19.99 43.31 -13.12
N GLN B 402 -20.72 44.11 -12.34
N GLN B 402 -20.72 44.11 -12.34
CA GLN B 402 -21.70 45.02 -12.91
CA GLN B 402 -21.70 45.01 -12.93
C GLN B 402 -21.06 46.25 -13.55
C GLN B 402 -21.07 46.28 -13.51
N ASP B 403 -19.77 46.49 -13.32
CA ASP B 403 -19.06 47.62 -13.90
C ASP B 403 -18.37 47.20 -15.19
N GLY B 404 -17.89 48.20 -15.94
CA GLY B 404 -17.00 47.93 -17.04
C GLY B 404 -15.71 47.28 -16.58
N VAL B 405 -15.06 46.57 -17.50
CA VAL B 405 -13.88 45.79 -17.11
C VAL B 405 -12.73 46.67 -16.66
N ALA B 406 -12.71 47.94 -17.07
CA ALA B 406 -11.64 48.84 -16.68
C ALA B 406 -11.95 49.64 -15.42
N VAL B 407 -13.13 49.49 -14.83
CA VAL B 407 -13.57 50.35 -13.73
C VAL B 407 -13.15 49.74 -12.41
N GLU B 408 -12.52 50.55 -11.54
CA GLU B 408 -12.09 50.11 -10.20
C GLU B 408 -13.05 50.72 -9.18
N ALA B 409 -13.92 49.91 -8.60
CA ALA B 409 -14.84 50.39 -7.58
C ALA B 409 -14.16 50.62 -6.23
N ASP B 410 -13.08 49.91 -5.94
CA ASP B 410 -12.22 50.21 -4.81
C ASP B 410 -10.79 50.06 -5.28
N SER B 411 -9.91 50.87 -4.70
CA SER B 411 -8.50 50.71 -4.98
C SER B 411 -7.70 51.48 -3.95
N VAL B 412 -6.47 51.04 -3.73
CA VAL B 412 -5.62 51.62 -2.70
C VAL B 412 -4.18 51.32 -3.06
N TRP B 413 -3.29 52.25 -2.73
CA TRP B 413 -1.86 52.04 -2.89
C TRP B 413 -1.28 51.47 -1.60
N PHE B 414 -0.59 50.34 -1.73
CA PHE B 414 0.10 49.75 -0.59
C PHE B 414 1.50 50.34 -0.48
N PHE B 415 1.84 50.83 0.70
CA PHE B 415 3.22 51.16 1.03
C PHE B 415 3.87 49.94 1.67
N ASN B 416 4.96 49.45 1.08
CA ASN B 416 5.60 48.23 1.58
C ASN B 416 6.02 48.35 3.04
N ARG B 417 5.61 47.37 3.86
CA ARG B 417 5.88 47.41 5.29
C ARG B 417 7.37 47.42 5.61
N HIS B 418 8.22 46.91 4.72
CA HIS B 418 9.65 46.92 4.99
C HIS B 418 10.34 48.13 4.38
N TRP B 419 10.03 48.44 3.12
CA TRP B 419 10.76 49.45 2.36
C TRP B 419 10.13 50.84 2.36
N TYR B 420 8.87 50.94 2.76
CA TYR B 420 8.19 52.23 2.81
C TYR B 420 7.22 52.25 3.99
N PRO B 421 7.74 52.08 5.22
CA PRO B 421 6.83 51.85 6.38
C PRO B 421 6.16 53.13 6.86
N VAL B 422 5.17 53.57 6.08
CA VAL B 422 4.46 54.82 6.29
C VAL B 422 2.97 54.53 6.15
N ASP B 423 2.17 55.24 6.96
CA ASP B 423 0.72 55.11 6.96
C ASP B 423 0.18 55.20 5.53
N ASP B 424 -0.35 54.09 5.03
CA ASP B 424 -0.98 54.07 3.71
C ASP B 424 -2.50 53.93 3.80
N SER B 425 -3.10 54.33 4.92
CA SER B 425 -4.54 54.16 5.09
C SER B 425 -5.31 55.13 4.21
N THR B 426 -6.49 54.70 3.79
CA THR B 426 -7.37 55.54 2.96
C THR B 426 -8.15 56.53 3.84
N LYS C 1 19.29 17.35 36.76
CA LYS C 1 18.52 17.74 35.58
C LYS C 1 17.87 16.54 34.91
N ASN C 2 18.62 15.46 34.72
CA ASN C 2 18.04 14.19 34.25
C ASN C 2 17.50 13.45 35.47
N ARG C 3 16.18 13.54 35.68
CA ARG C 3 15.51 12.84 36.76
C ARG C 3 14.75 11.61 36.27
N ASP C 4 14.93 11.25 35.01
CA ASP C 4 14.34 10.03 34.47
C ASP C 4 14.95 8.81 35.13
N MET C 5 14.11 7.79 35.35
CA MET C 5 14.61 6.58 35.97
C MET C 5 15.58 5.88 35.02
N PRO C 6 16.71 5.39 35.52
CA PRO C 6 17.68 4.72 34.64
C PRO C 6 17.14 3.41 34.12
N LEU C 7 17.77 2.93 33.05
CA LEU C 7 17.25 1.76 32.33
C LEU C 7 17.23 0.51 33.20
N ASP C 8 18.14 0.39 34.16
CA ASP C 8 18.17 -0.80 35.00
C ASP C 8 17.24 -0.71 36.21
N SER C 9 16.34 0.29 36.26
CA SER C 9 15.42 0.43 37.38
C SER C 9 14.49 -0.79 37.47
N ASP C 10 14.00 -1.07 38.68
CA ASP C 10 13.19 -2.26 38.87
C ASP C 10 11.89 -2.20 38.05
N VAL C 11 11.33 -1.01 37.89
CA VAL C 11 10.07 -0.86 37.14
C VAL C 11 10.24 -1.15 35.66
N PHE C 12 11.46 -1.19 35.15
CA PHE C 12 11.70 -1.49 33.75
C PHE C 12 12.15 -2.93 33.51
N ARG C 13 12.19 -3.77 34.55
CA ARG C 13 12.65 -5.13 34.39
C ARG C 13 11.83 -5.87 33.33
N VAL C 14 12.50 -6.73 32.57
CA VAL C 14 11.87 -7.48 31.49
C VAL C 14 11.26 -8.76 32.05
N PRO C 15 9.98 -9.04 31.78
CA PRO C 15 9.40 -10.33 32.19
C PRO C 15 10.19 -11.49 31.63
N PRO C 16 10.57 -12.44 32.47
CA PRO C 16 11.45 -13.53 32.03
C PRO C 16 10.71 -14.61 31.25
N GLY C 17 11.48 -15.38 30.52
CA GLY C 17 10.98 -16.49 29.73
C GLY C 17 11.02 -16.15 28.25
N TYR C 18 11.12 -17.19 27.43
CA TYR C 18 11.26 -16.96 25.99
C TYR C 18 10.00 -16.27 25.44
N ASN C 19 10.21 -15.15 24.78
CA ASN C 19 9.14 -14.36 24.14
C ASN C 19 8.02 -14.02 25.12
N ALA C 20 8.38 -13.77 26.37
CA ALA C 20 7.40 -13.41 27.38
C ALA C 20 6.71 -12.10 27.01
N PRO C 21 5.38 -12.04 27.01
CA PRO C 21 4.69 -10.75 26.80
C PRO C 21 5.16 -9.69 27.78
N GLN C 22 5.29 -8.46 27.29
CA GLN C 22 5.64 -7.33 28.13
C GLN C 22 4.80 -6.13 27.68
N GLN C 23 4.87 -5.05 28.46
CA GLN C 23 4.12 -3.83 28.16
C GLN C 23 2.63 -4.12 27.97
N VAL C 24 2.09 -4.98 28.84
CA VAL C 24 0.68 -5.35 28.72
C VAL C 24 -0.18 -4.18 29.17
N HIS C 25 -1.19 -3.81 28.35
CA HIS C 25 -2.11 -2.73 28.70
C HIS C 25 -3.48 -3.00 28.10
N ILE C 26 -4.53 -2.60 28.83
CA ILE C 26 -5.90 -2.81 28.40
C ILE C 26 -6.63 -1.47 28.32
N THR C 27 -7.63 -1.40 27.46
CA THR C 27 -8.53 -0.26 27.46
C THR C 27 -9.89 -0.73 26.98
N GLN C 28 -10.92 0.11 27.20
CA GLN C 28 -12.27 -0.28 26.80
C GLN C 28 -12.32 -0.46 25.30
N GLY C 29 -13.02 -1.52 24.85
CA GLY C 29 -13.01 -1.88 23.44
C GLY C 29 -14.29 -1.66 22.66
N ASP C 30 -15.30 -1.07 23.31
CA ASP C 30 -16.60 -0.83 22.70
C ASP C 30 -17.18 0.45 23.28
N LEU C 31 -18.40 0.78 22.85
CA LEU C 31 -19.00 2.02 23.33
C LEU C 31 -19.46 1.94 24.79
N VAL C 32 -19.93 0.78 25.26
CA VAL C 32 -20.69 0.72 26.50
C VAL C 32 -20.06 -0.16 27.57
N GLY C 33 -18.93 -0.83 27.29
CA GLY C 33 -18.18 -1.50 28.34
C GLY C 33 -18.19 -3.02 28.32
N ARG C 34 -18.70 -3.65 27.26
CA ARG C 34 -18.69 -5.10 27.14
C ARG C 34 -17.46 -5.62 26.38
N ALA C 35 -16.52 -4.75 26.03
CA ALA C 35 -15.34 -5.18 25.29
C ALA C 35 -14.10 -4.54 25.86
N MET C 36 -12.96 -5.18 25.60
CA MET C 36 -11.66 -4.74 26.11
C MET C 36 -10.61 -4.98 25.04
N ILE C 37 -9.84 -3.94 24.69
CA ILE C 37 -8.67 -4.11 23.83
C ILE C 37 -7.51 -4.54 24.70
N ILE C 38 -6.95 -5.71 24.40
CA ILE C 38 -5.78 -6.24 25.10
C ILE C 38 -4.56 -6.00 24.24
N SER C 39 -3.53 -5.34 24.80
CA SER C 39 -2.37 -4.92 24.04
C SER C 39 -1.10 -5.35 24.75
N TRP C 40 -0.10 -5.78 23.98
CA TRP C 40 1.17 -6.20 24.56
C TRP C 40 2.21 -6.30 23.44
N VAL C 41 3.48 -6.44 23.84
CA VAL C 41 4.60 -6.53 22.92
C VAL C 41 5.35 -7.84 23.17
N THR C 42 5.78 -8.49 22.10
CA THR C 42 6.74 -9.59 22.21
C THR C 42 8.03 -9.17 21.53
N MET C 43 9.16 -9.53 22.13
CA MET C 43 10.45 -9.06 21.66
C MET C 43 11.25 -10.12 20.92
N ASP C 44 11.02 -11.40 21.19
CA ASP C 44 11.91 -12.42 20.60
C ASP C 44 11.42 -12.91 19.24
N GLU C 45 10.11 -13.03 19.05
CA GLU C 45 9.56 -13.42 17.75
C GLU C 45 8.10 -12.97 17.71
N PRO C 46 7.49 -12.95 16.52
CA PRO C 46 6.10 -12.45 16.42
C PRO C 46 5.15 -13.00 17.48
N GLY C 47 5.08 -14.32 17.63
CA GLY C 47 4.19 -14.92 18.61
C GLY C 47 2.72 -14.82 18.21
N SER C 48 1.86 -15.36 19.07
CA SER C 48 0.43 -15.40 18.79
C SER C 48 -0.25 -14.15 19.33
N SER C 49 -1.22 -13.64 18.57
CA SER C 49 -2.09 -12.59 19.05
C SER C 49 -3.35 -13.13 19.74
N ALA C 50 -3.39 -14.42 20.07
CA ALA C 50 -4.54 -15.00 20.74
C ALA C 50 -4.55 -14.58 22.21
N VAL C 51 -5.73 -14.25 22.72
CA VAL C 51 -5.93 -14.00 24.15
C VAL C 51 -6.92 -15.03 24.69
N ARG C 52 -6.54 -15.72 25.76
CA ARG C 52 -7.44 -16.64 26.44
C ARG C 52 -8.07 -15.93 27.63
N TYR C 53 -9.38 -16.10 27.81
CA TYR C 53 -10.06 -15.39 28.89
C TYR C 53 -11.24 -16.18 29.40
N TRP C 54 -11.59 -15.93 30.65
CA TRP C 54 -12.70 -16.62 31.30
C TRP C 54 -13.08 -15.83 32.54
N SER C 55 -14.37 -15.83 32.87
CA SER C 55 -14.83 -15.19 34.09
C SER C 55 -14.46 -16.05 35.30
N GLU C 56 -14.33 -15.39 36.45
CA GLU C 56 -13.88 -16.09 37.64
CA GLU C 56 -13.90 -16.08 37.67
C GLU C 56 -14.90 -17.14 38.09
N LYS C 57 -16.20 -16.86 37.91
CA LYS C 57 -17.23 -17.79 38.39
C LYS C 57 -17.59 -18.81 37.32
N ASN C 58 -18.17 -18.36 36.21
CA ASN C 58 -18.55 -19.25 35.12
C ASN C 58 -17.38 -20.12 34.70
N GLY C 59 -16.29 -19.50 34.25
CA GLY C 59 -15.04 -20.20 34.08
C GLY C 59 -14.82 -20.87 32.74
N ARG C 60 -15.71 -20.67 31.77
CA ARG C 60 -15.49 -21.24 30.44
C ARG C 60 -14.40 -20.46 29.72
N LYS C 61 -13.30 -21.15 29.39
CA LYS C 61 -12.15 -20.51 28.76
C LYS C 61 -12.39 -20.34 27.26
N ARG C 62 -12.30 -19.09 26.78
CA ARG C 62 -12.49 -18.76 25.37
C ARG C 62 -11.24 -18.08 24.81
N ILE C 63 -11.16 -18.03 23.50
CA ILE C 63 -10.03 -17.44 22.78
C ILE C 63 -10.54 -16.34 21.89
N ALA C 64 -9.85 -15.19 21.93
CA ALA C 64 -10.06 -14.12 20.96
C ALA C 64 -8.81 -13.96 20.12
N LYS C 65 -8.98 -13.68 18.83
CA LYS C 65 -7.87 -13.56 17.89
C LYS C 65 -7.66 -12.09 17.56
N GLY C 66 -6.41 -11.63 17.64
CA GLY C 66 -6.08 -10.26 17.33
C GLY C 66 -5.12 -10.10 16.17
N LYS C 67 -4.33 -9.02 16.19
CA LYS C 67 -3.46 -8.67 15.07
C LYS C 67 -2.13 -8.15 15.60
N MET C 68 -1.07 -8.46 14.87
CA MET C 68 0.28 -8.05 15.19
C MET C 68 0.74 -6.99 14.19
N SER C 69 1.48 -6.00 14.68
CA SER C 69 2.01 -4.94 13.83
C SER C 69 3.42 -4.60 14.30
N THR C 70 4.18 -3.94 13.42
CA THR C 70 5.49 -3.42 13.78
C THR C 70 5.63 -2.02 13.21
N TYR C 71 6.62 -1.29 13.72
CA TYR C 71 6.97 -0.02 13.10
C TYR C 71 8.46 0.22 13.30
N ARG C 72 8.96 1.18 12.51
CA ARG C 72 10.29 1.72 12.68
C ARG C 72 10.17 3.22 12.91
N PHE C 73 11.12 3.76 13.66
CA PHE C 73 11.25 5.21 13.84
C PHE C 73 12.74 5.51 13.76
N PHE C 74 13.15 6.20 12.70
CA PHE C 74 14.56 6.52 12.45
C PHE C 74 15.33 5.21 12.47
N ASN C 75 16.28 5.02 13.38
CA ASN C 75 17.05 3.77 13.39
C ASN C 75 16.53 2.77 14.41
N TYR C 76 15.38 3.05 15.02
CA TYR C 76 14.73 2.13 15.95
C TYR C 76 13.81 1.19 15.19
N SER C 77 13.80 -0.08 15.60
CA SER C 77 12.87 -1.06 15.07
C SER C 77 12.08 -1.66 16.22
N SER C 78 10.75 -1.64 16.13
CA SER C 78 9.95 -2.10 17.24
C SER C 78 9.97 -3.62 17.33
N GLY C 79 9.58 -4.12 18.50
CA GLY C 79 9.18 -5.49 18.65
C GLY C 79 7.81 -5.70 18.04
N PHE C 80 7.22 -6.84 18.38
CA PHE C 80 5.97 -7.28 17.76
C PHE C 80 4.80 -6.87 18.62
N ILE C 81 4.01 -5.95 18.12
CA ILE C 81 2.94 -5.29 18.88
C ILE C 81 1.65 -6.04 18.59
N HIS C 82 0.95 -6.43 19.65
CA HIS C 82 -0.30 -7.17 19.53
C HIS C 82 -1.44 -6.34 20.11
N HIS C 83 -2.57 -6.36 19.39
CA HIS C 83 -3.83 -5.75 19.83
C HIS C 83 -4.94 -6.75 19.54
N THR C 84 -5.70 -7.10 20.57
CA THR C 84 -6.77 -8.11 20.47
C THR C 84 -7.98 -7.65 21.27
N THR C 85 -9.15 -7.60 20.63
CA THR C 85 -10.35 -7.12 21.30
C THR C 85 -11.17 -8.32 21.77
N ILE C 86 -11.34 -8.44 23.08
CA ILE C 86 -12.29 -9.39 23.67
C ILE C 86 -13.66 -8.73 23.70
N ARG C 87 -14.68 -9.44 23.22
CA ARG C 87 -16.00 -8.86 23.04
C ARG C 87 -17.07 -9.64 23.81
N LYS C 88 -18.24 -9.01 23.94
CA LYS C 88 -19.43 -9.65 24.50
C LYS C 88 -19.22 -10.11 25.93
N LEU C 89 -18.51 -9.32 26.72
CA LEU C 89 -18.28 -9.68 28.11
C LEU C 89 -19.51 -9.39 28.96
N LYS C 90 -19.60 -10.08 30.09
CA LYS C 90 -20.66 -9.81 31.05
C LYS C 90 -20.29 -8.60 31.91
N TYR C 91 -21.29 -7.80 32.27
CA TYR C 91 -21.06 -6.64 33.11
C TYR C 91 -20.69 -7.04 34.53
N ASN C 92 -19.95 -6.16 35.19
CA ASN C 92 -19.64 -6.25 36.61
C ASN C 92 -19.07 -7.62 36.98
N THR C 93 -18.14 -8.09 36.16
CA THR C 93 -17.63 -9.46 36.25
C THR C 93 -16.11 -9.45 36.16
N LYS C 94 -15.46 -10.16 37.08
CA LYS C 94 -14.02 -10.31 37.02
C LYS C 94 -13.64 -11.35 35.96
N TYR C 95 -12.75 -10.98 35.06
CA TYR C 95 -12.26 -11.89 34.03
C TYR C 95 -10.76 -12.08 34.20
N TYR C 96 -10.31 -13.30 33.99
CA TYR C 96 -8.89 -13.59 33.86
C TYR C 96 -8.57 -13.62 32.38
N TYR C 97 -7.39 -13.14 32.01
CA TYR C 97 -6.95 -13.26 30.63
C TYR C 97 -5.48 -13.64 30.59
N GLU C 98 -5.08 -14.30 29.50
CA GLU C 98 -3.74 -14.80 29.30
C GLU C 98 -3.24 -14.45 27.91
N VAL C 99 -2.00 -13.97 27.84
CA VAL C 99 -1.34 -13.66 26.58
C VAL C 99 -0.01 -14.42 26.52
N GLY C 100 0.50 -14.57 25.30
CA GLY C 100 1.72 -15.32 25.07
C GLY C 100 1.50 -16.81 24.99
N LEU C 101 0.42 -17.23 24.32
CA LEU C 101 -0.03 -18.61 24.41
C LEU C 101 0.95 -19.58 23.75
N ARG C 102 1.72 -19.13 22.76
CA ARG C 102 2.61 -20.08 22.09
C ARG C 102 3.84 -20.42 22.94
N ASN C 103 4.36 -19.47 23.73
CA ASN C 103 5.66 -19.64 24.35
C ASN C 103 5.58 -19.48 25.87
N THR C 104 5.70 -18.26 26.36
CA THR C 104 5.64 -17.95 27.79
C THR C 104 4.33 -17.23 28.09
N THR C 105 3.39 -17.91 28.73
CA THR C 105 2.10 -17.32 29.05
C THR C 105 2.19 -16.42 30.26
N ARG C 106 1.43 -15.32 30.25
CA ARG C 106 1.30 -14.44 31.40
C ARG C 106 -0.16 -14.16 31.62
N ARG C 107 -0.57 -14.14 32.89
CA ARG C 107 -1.97 -14.06 33.26
C ARG C 107 -2.24 -12.79 34.05
N PHE C 108 -3.36 -12.15 33.73
CA PHE C 108 -3.79 -10.92 34.37
C PHE C 108 -5.31 -11.02 34.59
N SER C 109 -5.90 -9.96 35.11
CA SER C 109 -7.33 -9.94 35.32
C SER C 109 -7.84 -8.50 35.19
N PHE C 110 -9.13 -8.38 34.88
CA PHE C 110 -9.83 -7.10 34.95
C PHE C 110 -11.25 -7.33 35.43
N ILE C 111 -11.94 -6.26 35.78
CA ILE C 111 -13.35 -6.31 36.18
C ILE C 111 -14.14 -5.40 35.26
N THR C 112 -15.09 -5.96 34.52
CA THR C 112 -15.89 -5.14 33.64
C THR C 112 -16.72 -4.17 34.47
N PRO C 113 -17.04 -3.00 33.93
CA PRO C 113 -17.90 -2.06 34.64
C PRO C 113 -19.33 -2.61 34.70
N PRO C 114 -20.18 -2.04 35.55
CA PRO C 114 -21.61 -2.34 35.42
C PRO C 114 -22.15 -1.78 34.12
N GLN C 115 -23.33 -2.25 33.75
CA GLN C 115 -24.03 -1.68 32.61
C GLN C 115 -24.24 -0.19 32.83
N THR C 116 -24.23 0.58 31.74
CA THR C 116 -24.43 2.02 31.89
C THR C 116 -25.78 2.30 32.51
N GLY C 117 -25.85 3.35 33.33
CA GLY C 117 -27.09 3.64 34.02
C GLY C 117 -27.02 4.96 34.76
N LEU C 118 -28.21 5.49 35.06
CA LEU C 118 -28.35 6.84 35.59
C LEU C 118 -27.63 7.00 36.93
N ASP C 119 -27.72 6.00 37.81
CA ASP C 119 -27.19 6.13 39.16
C ASP C 119 -26.06 5.15 39.46
N VAL C 120 -25.38 4.63 38.44
CA VAL C 120 -24.29 3.67 38.63
C VAL C 120 -23.05 4.39 39.14
N PRO C 121 -22.57 4.06 40.34
CA PRO C 121 -21.34 4.67 40.84
C PRO C 121 -20.12 4.13 40.12
N TYR C 122 -19.04 4.92 40.13
CA TYR C 122 -17.79 4.52 39.52
C TYR C 122 -16.70 5.50 39.90
N THR C 123 -15.49 5.00 40.09
CA THR C 123 -14.36 5.80 40.55
C THR C 123 -13.30 5.90 39.45
N PHE C 124 -13.06 7.12 38.97
CA PHE C 124 -12.09 7.36 37.91
C PHE C 124 -10.84 8.02 38.49
N GLY C 125 -9.67 7.46 38.17
CA GLY C 125 -8.43 8.17 38.40
C GLY C 125 -8.16 9.19 37.30
N LEU C 126 -7.51 10.28 37.67
CA LEU C 126 -7.07 11.29 36.72
C LEU C 126 -5.56 11.42 36.78
N ILE C 127 -4.91 11.14 35.66
CA ILE C 127 -3.46 11.21 35.55
C ILE C 127 -3.12 11.94 34.26
N GLY C 128 -2.18 12.87 34.32
CA GLY C 128 -1.71 13.56 33.13
C GLY C 128 -0.21 13.77 33.16
N ASP C 129 0.39 13.69 31.97
CA ASP C 129 1.81 14.02 31.78
C ASP C 129 2.68 13.17 32.70
N LEU C 130 2.54 11.84 32.57
CA LEU C 130 3.11 10.92 33.54
C LEU C 130 4.63 10.84 33.40
N GLY C 131 5.12 10.50 32.22
CA GLY C 131 6.56 10.37 32.06
C GLY C 131 7.10 9.16 32.81
N GLN C 132 8.41 9.16 32.99
CA GLN C 132 9.08 8.05 33.67
C GLN C 132 10.23 8.57 34.52
N SER C 133 9.97 9.64 35.28
CA SER C 133 10.88 10.13 36.30
C SER C 133 10.53 9.48 37.65
N PHE C 134 11.34 9.76 38.67
CA PHE C 134 11.05 9.22 39.99
C PHE C 134 9.75 9.81 40.54
N ASP C 135 9.46 11.06 40.20
CA ASP C 135 8.15 11.64 40.52
C ASP C 135 7.02 10.82 39.90
N SER C 136 7.20 10.40 38.63
CA SER C 136 6.19 9.62 37.94
C SER C 136 5.87 8.34 38.69
N ASN C 137 6.91 7.65 39.16
CA ASN C 137 6.70 6.41 39.90
C ASN C 137 5.98 6.66 41.22
N THR C 138 6.29 7.78 41.90
CA THR C 138 5.59 8.11 43.14
C THR C 138 4.11 8.38 42.89
N THR C 139 3.80 9.16 41.85
CA THR C 139 2.39 9.40 41.53
C THR C 139 1.65 8.09 41.29
N LEU C 140 2.25 7.20 40.50
CA LEU C 140 1.60 5.93 40.21
C LEU C 140 1.41 5.11 41.47
N SER C 141 2.39 5.15 42.38
CA SER C 141 2.27 4.45 43.66
C SER C 141 1.12 5.01 44.48
N HIS C 142 1.02 6.33 44.54
CA HIS C 142 -0.09 6.95 45.26
C HIS C 142 -1.43 6.54 44.68
N TYR C 143 -1.54 6.52 43.35
CA TYR C 143 -2.81 6.13 42.74
C TYR C 143 -3.18 4.71 43.13
N GLU C 144 -2.24 3.77 42.99
N GLU C 144 -2.24 3.76 42.98
CA GLU C 144 -2.59 2.38 43.25
CA GLU C 144 -2.55 2.37 43.24
C GLU C 144 -2.92 2.16 44.72
C GLU C 144 -2.86 2.14 44.71
N LEU C 145 -2.40 3.00 45.61
CA LEU C 145 -2.62 2.87 47.03
C LEU C 145 -3.75 3.74 47.53
N SER C 146 -4.50 4.37 46.63
CA SER C 146 -5.54 5.28 47.07
C SER C 146 -6.62 4.51 47.83
N PRO C 147 -7.06 5.00 48.99
CA PRO C 147 -8.18 4.34 49.67
C PRO C 147 -9.46 4.39 48.85
N LYS C 148 -9.58 5.34 47.94
CA LYS C 148 -10.79 5.45 47.12
C LYS C 148 -10.88 4.34 46.08
N LYS C 149 -9.78 3.63 45.79
CA LYS C 149 -9.77 2.53 44.82
C LYS C 149 -10.26 2.96 43.44
N GLY C 150 -9.36 3.51 42.63
CA GLY C 150 -9.73 3.87 41.27
C GLY C 150 -9.94 2.64 40.41
N GLN C 151 -10.87 2.76 39.47
CA GLN C 151 -11.29 1.61 38.67
C GLN C 151 -10.96 1.72 37.19
N THR C 152 -10.60 2.91 36.72
CA THR C 152 -10.25 3.20 35.34
C THR C 152 -9.51 4.53 35.39
N VAL C 153 -8.42 4.65 34.65
CA VAL C 153 -7.67 5.89 34.60
C VAL C 153 -8.08 6.67 33.37
N LEU C 154 -8.42 7.93 33.55
CA LEU C 154 -8.59 8.87 32.45
C LEU C 154 -7.26 9.59 32.29
N PHE C 155 -6.56 9.32 31.18
CA PHE C 155 -5.20 9.81 30.97
C PHE C 155 -5.23 10.97 29.98
N VAL C 156 -4.84 12.17 30.43
CA VAL C 156 -5.07 13.35 29.60
C VAL C 156 -3.86 13.72 28.75
N GLY C 157 -2.96 12.77 28.52
CA GLY C 157 -1.96 12.93 27.48
C GLY C 157 -0.57 13.17 28.05
N ASP C 158 0.40 13.10 27.12
CA ASP C 158 1.84 13.08 27.41
C ASP C 158 2.19 11.84 28.21
N LEU C 159 2.55 10.77 27.49
CA LEU C 159 2.74 9.45 28.07
C LEU C 159 4.19 9.24 28.50
N SER C 160 5.04 8.84 27.56
CA SER C 160 6.38 8.34 27.86
C SER C 160 7.45 9.43 27.90
N TYR C 161 7.22 10.54 27.19
CA TYR C 161 8.26 11.56 26.94
C TYR C 161 9.50 10.97 26.27
N ALA C 162 9.32 9.94 25.44
CA ALA C 162 10.46 9.40 24.70
C ALA C 162 11.03 10.40 23.71
N ASP C 163 10.21 11.35 23.25
CA ASP C 163 10.68 12.31 22.25
C ASP C 163 11.69 13.29 22.81
N ARG C 164 11.90 13.32 24.13
CA ARG C 164 12.97 14.13 24.70
C ARG C 164 14.34 13.52 24.49
N TYR C 165 14.40 12.24 24.15
CA TYR C 165 15.64 11.51 23.97
C TYR C 165 16.21 11.73 22.56
N PRO C 166 17.51 11.48 22.36
CA PRO C 166 18.08 11.62 21.01
C PRO C 166 17.34 10.73 20.01
N ASN C 167 16.91 11.35 18.91
CA ASN C 167 16.10 10.64 17.91
C ASN C 167 14.85 10.03 18.51
N HIS C 168 14.36 10.61 19.62
CA HIS C 168 13.15 10.16 20.30
C HIS C 168 13.28 8.76 20.87
N ASP C 169 14.52 8.30 21.11
CA ASP C 169 14.87 6.92 21.48
C ASP C 169 13.67 6.08 21.90
N ASN C 170 13.01 5.44 20.93
CA ASN C 170 11.76 4.74 21.20
C ASN C 170 11.92 3.56 22.17
N VAL C 171 13.15 3.21 22.57
CA VAL C 171 13.31 2.32 23.72
C VAL C 171 12.59 2.87 24.93
N ARG C 172 12.48 4.21 25.03
CA ARG C 172 11.79 4.80 26.17
C ARG C 172 10.27 4.71 26.05
N TRP C 173 9.74 4.34 24.88
CA TRP C 173 8.37 3.85 24.83
C TRP C 173 8.27 2.47 25.45
N ASP C 174 9.24 1.60 25.15
CA ASP C 174 9.21 0.24 25.68
C ASP C 174 9.30 0.25 27.22
N THR C 175 10.21 1.04 27.77
CA THR C 175 10.35 1.09 29.23
C THR C 175 9.08 1.65 29.87
N TRP C 176 8.48 2.70 29.28
CA TRP C 176 7.24 3.23 29.86
C TRP C 176 6.14 2.18 29.85
N GLY C 177 6.09 1.38 28.78
CA GLY C 177 5.10 0.32 28.72
C GLY C 177 5.29 -0.71 29.81
N ARG C 178 6.54 -1.02 30.15
CA ARG C 178 6.80 -1.99 31.20
C ARG C 178 6.56 -1.40 32.58
N PHE C 179 6.85 -0.11 32.75
CA PHE C 179 6.63 0.59 34.01
C PHE C 179 5.14 0.70 34.35
N THR C 180 4.32 1.12 33.38
CA THR C 180 2.90 1.33 33.66
C THR C 180 2.09 0.04 33.71
N GLU C 181 2.65 -1.09 33.27
CA GLU C 181 1.89 -2.35 33.20
C GLU C 181 1.27 -2.73 34.54
N ARG C 182 1.97 -2.44 35.65
CA ARG C 182 1.45 -2.87 36.94
C ARG C 182 0.10 -2.24 37.27
N SER C 183 -0.26 -1.12 36.62
CA SER C 183 -1.61 -0.60 36.72
C SER C 183 -2.46 -0.98 35.50
N VAL C 184 -2.00 -0.66 34.29
CA VAL C 184 -2.86 -0.72 33.12
C VAL C 184 -3.08 -2.13 32.58
N ALA C 185 -2.37 -3.14 33.09
CA ALA C 185 -2.73 -4.50 32.71
C ALA C 185 -4.00 -4.98 33.41
N TYR C 186 -4.40 -4.31 34.49
CA TYR C 186 -5.50 -4.76 35.33
C TYR C 186 -6.73 -3.86 35.30
N GLN C 187 -6.60 -2.62 34.83
CA GLN C 187 -7.73 -1.72 34.69
C GLN C 187 -7.50 -0.86 33.45
N PRO C 188 -8.56 -0.46 32.76
CA PRO C 188 -8.37 0.34 31.54
C PRO C 188 -7.83 1.71 31.88
N TRP C 189 -6.93 2.19 31.02
CA TRP C 189 -6.58 3.59 30.94
C TRP C 189 -7.18 4.12 29.64
N ILE C 190 -7.84 5.27 29.71
CA ILE C 190 -8.52 5.88 28.56
C ILE C 190 -7.58 6.95 28.00
N TRP C 191 -7.09 6.74 26.78
CA TRP C 191 -5.95 7.49 26.25
C TRP C 191 -6.38 8.77 25.55
N THR C 192 -5.70 9.86 25.89
CA THR C 192 -5.76 11.14 25.19
C THR C 192 -4.38 11.41 24.59
N ALA C 193 -4.34 11.97 23.38
CA ALA C 193 -3.06 12.29 22.75
C ALA C 193 -2.60 13.69 23.11
N GLY C 194 -1.38 13.81 23.64
CA GLY C 194 -0.78 15.08 23.97
C GLY C 194 0.33 15.45 22.98
N ASN C 195 0.99 16.58 23.27
CA ASN C 195 1.96 17.06 22.29
C ASN C 195 3.22 16.20 22.26
N HIS C 196 3.57 15.54 23.37
CA HIS C 196 4.71 14.64 23.29
C HIS C 196 4.41 13.37 22.50
N GLU C 197 3.16 13.16 22.10
CA GLU C 197 2.82 12.06 21.20
C GLU C 197 2.88 12.45 19.72
N ILE C 198 2.95 13.75 19.39
CA ILE C 198 2.97 14.18 17.99
C ILE C 198 4.17 13.57 17.26
N GLU C 199 5.36 13.71 17.84
CA GLU C 199 6.62 13.20 17.30
C GLU C 199 6.77 13.53 15.80
N PHE C 200 6.55 14.79 15.48
CA PHE C 200 6.79 15.31 14.14
C PHE C 200 8.26 15.75 14.09
N ALA C 201 9.06 15.02 13.35
CA ALA C 201 10.52 15.19 13.33
C ALA C 201 11.00 15.10 11.89
N PRO C 202 10.70 16.11 11.08
CA PRO C 202 11.13 16.08 9.68
C PRO C 202 12.63 16.09 9.52
N GLU C 203 13.37 16.54 10.54
CA GLU C 203 14.83 16.52 10.46
C GLU C 203 15.39 15.10 10.42
N ILE C 204 14.61 14.09 10.82
CA ILE C 204 15.01 12.69 10.70
C ILE C 204 13.98 11.93 9.88
N ASN C 205 13.26 12.64 9.02
CA ASN C 205 12.35 12.02 8.06
C ASN C 205 11.24 11.22 8.75
N GLU C 206 10.77 11.70 9.90
CA GLU C 206 9.61 11.10 10.57
C GLU C 206 8.51 12.16 10.62
N THR C 207 7.61 12.12 9.64
CA THR C 207 6.69 13.22 9.42
C THR C 207 5.24 12.83 9.65
N GLU C 208 4.99 11.61 10.15
CA GLU C 208 3.63 11.15 10.37
C GLU C 208 3.26 11.44 11.82
N PRO C 209 2.39 12.41 12.09
CA PRO C 209 2.06 12.73 13.48
C PRO C 209 1.47 11.51 14.20
N PHE C 210 1.91 11.33 15.46
CA PHE C 210 1.40 10.35 16.40
C PHE C 210 1.83 8.92 16.08
N LYS C 211 2.82 8.71 15.20
CA LYS C 211 3.09 7.36 14.73
C LYS C 211 3.42 6.37 15.84
N PRO C 212 4.42 6.59 16.70
CA PRO C 212 4.71 5.57 17.74
C PRO C 212 3.52 5.35 18.67
N PHE C 213 2.93 6.44 19.14
CA PHE C 213 1.79 6.34 20.04
C PHE C 213 0.65 5.54 19.42
N SER C 214 0.35 5.80 18.15
CA SER C 214 -0.83 5.18 17.55
C SER C 214 -0.62 3.70 17.24
N TYR C 215 0.62 3.28 16.94
CA TYR C 215 0.89 1.85 16.85
C TYR C 215 0.76 1.16 18.20
N ARG C 216 1.16 1.83 19.27
CA ARG C 216 1.26 1.17 20.56
C ARG C 216 -0.03 1.21 21.37
N TYR C 217 -0.86 2.26 21.18
CA TYR C 217 -2.04 2.52 22.01
C TYR C 217 -3.24 2.68 21.09
N HIS C 218 -4.06 1.63 21.00
CA HIS C 218 -5.29 1.64 20.23
C HIS C 218 -6.46 2.06 21.10
N VAL C 219 -7.47 2.64 20.47
CA VAL C 219 -8.67 3.12 21.13
C VAL C 219 -9.88 2.66 20.31
N PRO C 220 -11.07 2.49 20.92
CA PRO C 220 -12.22 1.97 20.17
C PRO C 220 -12.95 3.06 19.39
N TYR C 221 -12.22 3.77 18.52
CA TYR C 221 -12.79 5.01 17.97
C TYR C 221 -13.96 4.77 17.02
N GLU C 222 -13.96 3.66 16.28
CA GLU C 222 -15.09 3.36 15.41
C GLU C 222 -16.39 3.13 16.17
N ALA C 223 -16.33 2.73 17.44
CA ALA C 223 -17.54 2.50 18.21
C ALA C 223 -18.38 3.76 18.37
N SER C 224 -17.79 4.96 18.28
CA SER C 224 -18.55 6.21 18.28
C SER C 224 -18.59 6.86 16.90
N GLN C 225 -18.34 6.10 15.85
CA GLN C 225 -18.37 6.59 14.47
C GLN C 225 -17.34 7.69 14.24
N SER C 226 -16.24 7.67 15.00
CA SER C 226 -15.11 8.53 14.67
C SER C 226 -14.32 7.91 13.52
N THR C 227 -13.70 8.77 12.71
CA THR C 227 -12.82 8.33 11.63
C THR C 227 -11.34 8.42 12.01
N SER C 228 -11.03 8.75 13.26
CA SER C 228 -9.64 8.86 13.71
C SER C 228 -9.51 8.38 15.15
N PRO C 229 -8.39 7.72 15.48
CA PRO C 229 -8.16 7.36 16.88
C PRO C 229 -8.00 8.54 17.82
N PHE C 230 -7.75 9.74 17.31
CA PHE C 230 -7.37 10.83 18.20
C PHE C 230 -8.56 11.59 18.78
N TRP C 231 -9.78 11.30 18.32
CA TRP C 231 -10.97 11.75 19.02
C TRP C 231 -12.01 10.64 18.98
N TYR C 232 -12.73 10.46 20.08
CA TYR C 232 -13.68 9.36 20.18
C TYR C 232 -14.41 9.50 21.50
N SER C 233 -15.40 8.64 21.70
CA SER C 233 -16.18 8.67 22.93
C SER C 233 -16.41 7.26 23.43
N ILE C 234 -16.54 7.13 24.74
CA ILE C 234 -16.98 5.89 25.36
C ILE C 234 -17.96 6.23 26.47
N LYS C 235 -18.79 5.26 26.80
CA LYS C 235 -19.62 5.29 27.99
C LYS C 235 -19.16 4.20 28.95
N ARG C 236 -19.17 4.52 30.23
CA ARG C 236 -18.76 3.58 31.27
C ARG C 236 -19.54 3.97 32.52
N ALA C 237 -20.35 3.04 33.04
CA ALA C 237 -21.19 3.26 34.21
C ALA C 237 -22.08 4.46 33.92
N SER C 238 -22.07 5.52 34.74
CA SER C 238 -22.94 6.66 34.54
C SER C 238 -22.24 7.82 33.85
N ALA C 239 -21.10 7.57 33.21
CA ALA C 239 -20.30 8.61 32.58
C ALA C 239 -20.32 8.46 31.07
N HIS C 240 -20.44 9.59 30.38
CA HIS C 240 -20.22 9.70 28.95
C HIS C 240 -18.93 10.53 28.78
N ILE C 241 -17.90 9.92 28.22
CA ILE C 241 -16.55 10.50 28.17
C ILE C 241 -16.23 10.83 26.72
N ILE C 242 -15.86 12.08 26.47
CA ILE C 242 -15.52 12.56 25.14
C ILE C 242 -14.04 12.93 25.15
N VAL C 243 -13.27 12.32 24.25
CA VAL C 243 -11.82 12.50 24.17
C VAL C 243 -11.54 13.31 22.91
N LEU C 244 -10.84 14.44 23.06
CA LEU C 244 -10.54 15.33 21.94
C LEU C 244 -9.03 15.41 21.71
N SER C 245 -8.67 15.94 20.55
CA SER C 245 -7.29 16.01 20.10
C SER C 245 -6.88 17.48 19.92
N SER C 246 -6.15 18.01 20.92
CA SER C 246 -5.66 19.39 20.82
C SER C 246 -4.80 19.61 19.58
N TYR C 247 -4.11 18.58 19.10
CA TYR C 247 -3.14 18.77 18.03
C TYR C 247 -3.60 18.15 16.72
N SER C 248 -4.91 18.01 16.54
CA SER C 248 -5.56 17.72 15.26
C SER C 248 -6.39 18.92 14.84
N ALA C 249 -6.84 18.91 13.58
CA ALA C 249 -7.65 20.01 13.08
C ALA C 249 -8.98 20.05 13.82
N TYR C 250 -9.46 21.26 14.10
CA TYR C 250 -10.80 21.42 14.66
C TYR C 250 -11.51 22.62 14.04
N GLY C 251 -11.05 23.09 12.89
CA GLY C 251 -11.76 24.14 12.20
C GLY C 251 -13.16 23.69 11.81
N ARG C 252 -14.02 24.67 11.54
CA ARG C 252 -15.39 24.33 11.14
C ARG C 252 -15.34 23.48 9.87
N GLY C 253 -16.08 22.35 9.88
CA GLY C 253 -16.10 21.46 8.74
C GLY C 253 -15.06 20.36 8.75
N THR C 254 -14.06 20.44 9.63
CA THR C 254 -13.08 19.38 9.73
C THR C 254 -13.71 18.13 10.35
N PRO C 255 -13.09 16.96 10.15
CA PRO C 255 -13.62 15.73 10.76
C PRO C 255 -13.83 15.81 12.28
N GLN C 256 -12.86 16.31 13.03
CA GLN C 256 -13.03 16.34 14.48
C GLN C 256 -14.17 17.26 14.90
N TYR C 257 -14.22 18.45 14.28
CA TYR C 257 -15.31 19.39 14.56
C TYR C 257 -16.66 18.77 14.24
N THR C 258 -16.78 18.17 13.05
CA THR C 258 -18.05 17.56 12.63
C THR C 258 -18.45 16.44 13.57
N TRP C 259 -17.48 15.59 13.95
CA TRP C 259 -17.75 14.46 14.85
C TRP C 259 -18.26 14.94 16.19
N LEU C 260 -17.57 15.93 16.78
CA LEU C 260 -17.94 16.41 18.11
C LEU C 260 -19.35 17.00 18.10
N LYS C 261 -19.63 17.87 17.12
CA LYS C 261 -20.97 18.47 17.04
C LYS C 261 -22.04 17.39 17.04
N LYS C 262 -21.84 16.32 16.25
CA LYS C 262 -22.81 15.23 16.19
C LYS C 262 -22.78 14.36 17.43
N GLU C 263 -21.61 14.18 18.04
CA GLU C 263 -21.54 13.33 19.23
C GLU C 263 -22.28 13.95 20.39
N LEU C 264 -22.18 15.28 20.55
CA LEU C 264 -22.85 15.93 21.67
C LEU C 264 -24.36 15.75 21.56
N ARG C 265 -24.91 15.74 20.34
CA ARG C 265 -26.33 15.45 20.15
C ARG C 265 -26.73 14.05 20.60
N LYS C 266 -25.78 13.12 20.70
CA LYS C 266 -26.07 11.75 21.11
C LYS C 266 -25.98 11.53 22.61
N VAL C 267 -25.49 12.50 23.37
CA VAL C 267 -25.43 12.32 24.83
C VAL C 267 -26.84 12.24 25.40
N LYS C 268 -27.08 11.24 26.23
CA LYS C 268 -28.35 11.09 26.95
C LYS C 268 -28.05 11.15 28.45
N ARG C 269 -28.35 12.30 29.06
CA ARG C 269 -28.04 12.52 30.47
C ARG C 269 -28.95 11.73 31.41
N SER C 270 -30.03 11.15 30.91
CA SER C 270 -30.81 10.24 31.74
C SER C 270 -30.26 8.81 31.72
N GLU C 271 -29.31 8.52 30.83
CA GLU C 271 -28.56 7.26 30.85
C GLU C 271 -27.17 7.42 31.43
N THR C 272 -26.43 8.46 31.01
CA THR C 272 -25.09 8.76 31.54
C THR C 272 -25.11 10.22 31.99
N PRO C 273 -25.45 10.48 33.25
CA PRO C 273 -25.58 11.88 33.69
C PRO C 273 -24.27 12.64 33.75
N TRP C 274 -23.14 11.96 33.88
CA TRP C 274 -21.84 12.62 34.03
C TRP C 274 -21.20 12.78 32.66
N LEU C 275 -21.09 14.02 32.21
CA LEU C 275 -20.56 14.31 30.89
C LEU C 275 -19.16 14.89 31.10
N ILE C 276 -18.16 14.15 30.66
CA ILE C 276 -16.76 14.42 30.96
C ILE C 276 -16.03 14.59 29.62
N VAL C 277 -15.24 15.66 29.50
CA VAL C 277 -14.42 15.88 28.32
C VAL C 277 -12.95 15.78 28.72
N LEU C 278 -12.17 15.05 27.93
CA LEU C 278 -10.73 14.97 28.07
C LEU C 278 -10.05 15.63 26.87
N MET C 279 -9.03 16.43 27.15
CA MET C 279 -8.20 17.02 26.10
C MET C 279 -6.82 17.27 26.70
N HIS C 280 -5.81 17.43 25.86
CA HIS C 280 -4.49 17.66 26.45
C HIS C 280 -4.31 19.11 26.89
N SER C 281 -4.62 20.06 26.01
CA SER C 281 -4.27 21.45 26.30
C SER C 281 -5.44 22.16 26.99
N PRO C 282 -5.24 22.76 28.16
CA PRO C 282 -6.38 23.32 28.92
C PRO C 282 -6.92 24.61 28.30
N LEU C 283 -8.25 24.72 28.30
CA LEU C 283 -8.89 25.94 27.81
C LEU C 283 -8.82 27.04 28.83
N TYR C 284 -8.79 26.70 30.12
CA TYR C 284 -8.62 27.64 31.21
C TYR C 284 -7.34 27.27 31.95
N ASN C 285 -6.43 28.23 32.08
CA ASN C 285 -5.10 27.97 32.60
C ASN C 285 -4.45 29.29 32.98
N SER C 286 -4.17 29.50 34.28
CA SER C 286 -3.59 30.75 34.75
C SER C 286 -2.12 30.59 35.14
N TYR C 287 -1.49 29.51 34.68
CA TYR C 287 -0.05 29.37 34.78
C TYR C 287 0.62 30.06 33.59
N ASN C 288 1.84 30.55 33.83
CA ASN C 288 2.59 31.18 32.73
CA ASN C 288 2.60 31.17 32.75
C ASN C 288 2.93 30.16 31.65
N HIS C 289 3.31 28.96 32.04
CA HIS C 289 3.66 27.95 31.05
C HIS C 289 2.46 27.54 30.22
N HIS C 290 2.59 27.65 28.89
CA HIS C 290 1.51 27.38 27.93
C HIS C 290 0.29 28.27 28.14
N PHE C 291 0.47 29.43 28.78
CA PHE C 291 -0.64 30.37 28.93
C PHE C 291 -1.26 30.69 27.58
N MET C 292 -2.59 30.58 27.50
CA MET C 292 -3.45 30.87 26.36
C MET C 292 -3.24 29.96 25.15
N GLU C 293 -2.49 28.88 25.28
CA GLU C 293 -2.40 27.93 24.17
C GLU C 293 -3.76 27.33 23.82
N GLY C 294 -4.65 27.18 24.81
CA GLY C 294 -5.96 26.62 24.56
C GLY C 294 -6.99 27.55 23.94
N GLU C 295 -6.62 28.80 23.65
CA GLU C 295 -7.59 29.77 23.16
C GLU C 295 -8.24 29.33 21.85
N ALA C 296 -7.45 28.81 20.91
CA ALA C 296 -8.00 28.47 19.60
C ALA C 296 -9.11 27.42 19.73
N MET C 297 -8.82 26.32 20.43
CA MET C 297 -9.87 25.33 20.64
C MET C 297 -11.01 25.89 21.47
N ARG C 298 -10.70 26.78 22.42
CA ARG C 298 -11.77 27.38 23.22
C ARG C 298 -12.76 28.15 22.34
N THR C 299 -12.26 28.95 21.38
CA THR C 299 -13.18 29.67 20.50
C THR C 299 -14.13 28.73 19.78
N LYS C 300 -13.69 27.50 19.47
CA LYS C 300 -14.54 26.59 18.69
C LYS C 300 -15.53 25.81 19.56
N PHE C 301 -15.12 25.35 20.73
CA PHE C 301 -15.88 24.33 21.46
C PHE C 301 -16.47 24.80 22.78
N GLU C 302 -16.03 25.94 23.33
CA GLU C 302 -16.49 26.33 24.66
C GLU C 302 -18.00 26.51 24.69
N ALA C 303 -18.55 27.20 23.69
CA ALA C 303 -20.00 27.44 23.68
C ALA C 303 -20.78 26.13 23.59
N TRP C 304 -20.25 25.13 22.89
CA TRP C 304 -20.88 23.81 22.88
C TRP C 304 -20.86 23.16 24.25
N PHE C 305 -19.73 23.25 24.96
CA PHE C 305 -19.66 22.67 26.31
C PHE C 305 -20.70 23.30 27.23
N VAL C 306 -20.87 24.61 27.14
CA VAL C 306 -21.89 25.28 27.96
C VAL C 306 -23.27 24.87 27.51
N LYS C 307 -23.50 24.84 26.19
CA LYS C 307 -24.80 24.47 25.66
C LYS C 307 -25.22 23.09 26.11
N TYR C 308 -24.29 22.14 26.13
CA TYR C 308 -24.61 20.77 26.51
C TYR C 308 -24.33 20.49 27.97
N LYS C 309 -23.97 21.50 28.76
CA LYS C 309 -23.84 21.37 30.22
C LYS C 309 -22.85 20.27 30.61
N VAL C 310 -21.66 20.33 30.00
CA VAL C 310 -20.57 19.45 30.41
C VAL C 310 -20.31 19.65 31.89
N ASP C 311 -20.16 18.55 32.63
CA ASP C 311 -19.88 18.66 34.06
C ASP C 311 -18.44 19.12 34.29
N VAL C 312 -17.48 18.53 33.59
CA VAL C 312 -16.08 18.77 33.92
C VAL C 312 -15.25 18.53 32.67
N VAL C 313 -14.22 19.35 32.47
CA VAL C 313 -13.24 19.20 31.40
C VAL C 313 -11.89 18.98 32.04
N PHE C 314 -11.26 17.83 31.77
CA PHE C 314 -9.94 17.54 32.32
C PHE C 314 -8.86 17.73 31.27
N ALA C 315 -7.76 18.36 31.64
CA ALA C 315 -6.64 18.54 30.74
C ALA C 315 -5.33 18.35 31.50
N GLY C 316 -4.23 18.32 30.76
CA GLY C 316 -2.92 18.24 31.36
C GLY C 316 -2.02 19.35 30.86
N HIS C 317 -0.85 18.95 30.33
CA HIS C 317 0.02 19.84 29.56
C HIS C 317 0.76 20.82 30.46
N VAL C 318 0.03 21.52 31.34
CA VAL C 318 0.65 22.32 32.39
C VAL C 318 1.04 21.39 33.53
N HIS C 319 2.30 21.49 33.98
CA HIS C 319 2.84 20.54 34.95
C HIS C 319 2.57 21.05 36.36
N ALA C 320 1.28 21.09 36.69
CA ALA C 320 0.77 21.63 37.93
C ALA C 320 -0.70 21.23 38.04
N TYR C 321 -1.38 21.76 39.05
CA TYR C 321 -2.79 21.46 39.29
C TYR C 321 -3.57 22.76 39.28
N GLU C 322 -4.73 22.76 38.65
CA GLU C 322 -5.63 23.91 38.74
C GLU C 322 -7.06 23.44 38.65
N ARG C 323 -7.94 24.14 39.37
CA ARG C 323 -9.38 23.94 39.34
C ARG C 323 -10.02 25.30 39.10
N SER C 324 -10.85 25.41 38.07
CA SER C 324 -11.48 26.68 37.76
C SER C 324 -12.80 26.82 38.51
N GLU C 325 -13.34 28.04 38.49
CA GLU C 325 -14.74 28.23 38.77
C GLU C 325 -15.58 27.83 37.56
N ARG C 326 -16.88 27.69 37.76
CA ARG C 326 -17.78 27.47 36.62
C ARG C 326 -17.98 28.81 35.94
N VAL C 327 -17.33 29.00 34.79
CA VAL C 327 -17.35 30.26 34.07
C VAL C 327 -17.47 29.98 32.59
N SER C 328 -17.92 30.99 31.86
CA SER C 328 -17.90 30.96 30.41
C SER C 328 -17.38 32.29 29.92
N ASN C 329 -16.86 32.27 28.69
CA ASN C 329 -16.31 33.44 28.05
C ASN C 329 -16.72 33.35 26.57
N ILE C 330 -18.04 33.27 26.36
CA ILE C 330 -18.62 32.90 25.07
C ILE C 330 -19.39 34.05 24.44
N ALA C 331 -19.32 35.24 25.03
CA ALA C 331 -20.16 36.37 24.61
C ALA C 331 -19.42 37.36 23.72
N TYR C 332 -18.14 37.12 23.42
CA TYR C 332 -17.34 38.07 22.67
C TYR C 332 -17.79 38.14 21.21
N LYS C 333 -17.91 39.36 20.68
CA LYS C 333 -18.29 39.62 19.29
C LYS C 333 -17.38 40.66 18.64
N ILE C 334 -16.08 40.63 18.98
CA ILE C 334 -15.02 41.43 18.35
C ILE C 334 -15.00 42.88 18.88
N THR C 335 -16.15 43.55 18.83
CA THR C 335 -16.20 44.96 19.17
C THR C 335 -17.17 45.26 20.29
N ASN C 336 -17.81 44.26 20.88
CA ASN C 336 -18.78 44.49 21.94
C ASN C 336 -18.16 44.54 23.32
N GLY C 337 -16.84 44.33 23.43
CA GLY C 337 -16.15 44.41 24.69
C GLY C 337 -16.46 43.33 25.70
N LEU C 338 -17.15 42.26 25.33
CA LEU C 338 -17.51 41.22 26.29
C LEU C 338 -16.48 40.11 26.25
N CYS C 339 -15.33 40.36 26.89
CA CYS C 339 -14.23 39.41 26.80
C CYS C 339 -13.68 38.99 28.16
N THR C 340 -14.48 39.10 29.23
CA THR C 340 -14.10 38.60 30.55
C THR C 340 -14.92 37.38 30.91
N PRO C 341 -14.33 36.30 31.42
CA PRO C 341 -15.15 35.16 31.87
C PRO C 341 -16.08 35.59 33.00
N VAL C 342 -17.29 35.02 32.98
CA VAL C 342 -18.32 35.36 33.96
C VAL C 342 -18.85 34.06 34.54
N LYS C 343 -19.33 34.13 35.78
CA LYS C 343 -19.92 32.95 36.41
C LYS C 343 -21.05 32.44 35.54
N ASP C 344 -21.14 31.12 35.43
CA ASP C 344 -22.08 30.51 34.50
C ASP C 344 -22.35 29.10 34.99
N GLN C 345 -23.54 28.87 35.52
CA GLN C 345 -23.83 27.58 36.14
C GLN C 345 -24.13 26.48 35.13
N SER C 346 -24.21 26.80 33.84
CA SER C 346 -24.27 25.76 32.81
C SER C 346 -22.89 25.34 32.32
N ALA C 347 -21.82 26.00 32.75
CA ALA C 347 -20.48 25.67 32.25
C ALA C 347 -19.87 24.55 33.09
N PRO C 348 -18.92 23.80 32.51
CA PRO C 348 -18.16 22.83 33.28
C PRO C 348 -17.15 23.51 34.20
N VAL C 349 -16.64 22.74 35.15
CA VAL C 349 -15.39 23.08 35.83
C VAL C 349 -14.23 22.59 34.99
N TYR C 350 -13.20 23.42 34.83
CA TYR C 350 -12.02 23.06 34.06
C TYR C 350 -10.92 22.70 35.06
N ILE C 351 -10.42 21.47 34.98
CA ILE C 351 -9.38 21.00 35.89
C ILE C 351 -8.12 20.67 35.10
N THR C 352 -7.00 21.29 35.50
CA THR C 352 -5.69 20.93 34.97
C THR C 352 -5.05 19.95 35.91
N ILE C 353 -4.58 18.83 35.37
CA ILE C 353 -4.08 17.75 36.22
C ILE C 353 -2.86 17.12 35.53
N GLY C 354 -2.05 17.96 34.89
CA GLY C 354 -0.86 17.48 34.20
C GLY C 354 0.38 17.39 35.07
N ASP C 355 0.22 16.99 36.33
CA ASP C 355 1.28 17.07 37.33
C ASP C 355 1.72 15.70 37.84
N ALA C 356 1.56 14.65 37.03
CA ALA C 356 1.93 13.32 37.52
C ALA C 356 3.45 13.10 37.56
N GLY C 357 4.26 13.99 37.00
CA GLY C 357 5.70 13.84 37.18
C GLY C 357 6.56 14.20 35.99
N ASN C 358 6.05 13.95 34.78
CA ASN C 358 6.78 14.14 33.53
C ASN C 358 8.24 13.72 33.64
N TYR C 359 9.17 14.59 33.27
CA TYR C 359 10.60 14.32 33.43
C TYR C 359 11.16 14.97 34.69
N GLY C 360 10.30 15.30 35.65
CA GLY C 360 10.73 15.76 36.95
C GLY C 360 10.65 17.25 37.19
N VAL C 361 9.91 18.00 36.38
CA VAL C 361 9.85 19.46 36.50
C VAL C 361 8.41 19.90 36.77
N ILE C 362 8.22 20.73 37.79
CA ILE C 362 6.93 21.35 38.08
C ILE C 362 6.86 22.72 37.43
N ASP C 363 5.66 23.13 37.03
CA ASP C 363 5.43 24.50 36.56
C ASP C 363 4.96 25.33 37.75
N SER C 364 5.83 26.19 38.28
CA SER C 364 5.47 26.95 39.46
C SER C 364 5.16 28.42 39.19
N ASN C 365 5.57 28.98 38.05
CA ASN C 365 5.30 30.37 37.73
CA ASN C 365 5.30 30.38 37.75
C ASN C 365 3.84 30.55 37.35
N MET C 366 3.11 31.36 38.11
CA MET C 366 1.68 31.59 37.91
C MET C 366 1.40 33.02 37.52
N ILE C 367 0.34 33.24 36.74
CA ILE C 367 -0.12 34.60 36.51
C ILE C 367 -0.60 35.17 37.85
N GLN C 368 -0.17 36.40 38.15
CA GLN C 368 -0.49 37.06 39.41
C GLN C 368 -1.21 38.38 39.14
N PRO C 369 -2.24 38.72 39.93
CA PRO C 369 -2.85 37.90 40.98
C PRO C 369 -3.66 36.75 40.38
N GLN C 370 -4.04 35.79 41.20
CA GLN C 370 -4.89 34.69 40.73
C GLN C 370 -6.18 35.25 40.16
N PRO C 371 -6.53 34.94 38.92
CA PRO C 371 -7.75 35.53 38.35
C PRO C 371 -8.99 34.95 39.00
N GLU C 372 -10.09 35.69 38.86
CA GLU C 372 -11.35 35.25 39.46
C GLU C 372 -11.83 33.92 38.90
N TYR C 373 -11.48 33.62 37.64
CA TYR C 373 -11.94 32.34 37.10
C TYR C 373 -11.20 31.15 37.69
N SER C 374 -10.09 31.37 38.40
CA SER C 374 -9.32 30.29 39.01
C SER C 374 -9.76 30.05 40.45
N ALA C 375 -10.25 28.85 40.74
CA ALA C 375 -10.71 28.56 42.10
C ALA C 375 -9.57 28.14 43.00
N PHE C 376 -8.67 27.29 42.50
CA PHE C 376 -7.58 26.73 43.29
C PHE C 376 -6.47 26.34 42.32
N ARG C 377 -5.22 26.60 42.71
CA ARG C 377 -4.10 26.16 41.90
C ARG C 377 -2.90 25.92 42.80
N GLU C 378 -2.09 24.92 42.48
CA GLU C 378 -0.88 24.65 43.24
C GLU C 378 0.10 23.86 42.38
N ALA C 379 1.37 24.24 42.46
CA ALA C 379 2.43 23.57 41.71
C ALA C 379 3.04 22.46 42.57
N SER C 380 2.33 21.35 42.65
CA SER C 380 2.84 20.14 43.29
C SER C 380 2.54 18.95 42.38
N PHE C 381 3.33 17.89 42.52
CA PHE C 381 3.09 16.66 41.79
C PHE C 381 1.95 15.87 42.42
N GLY C 382 1.23 15.12 41.61
CA GLY C 382 0.13 14.33 42.16
C GLY C 382 -0.82 13.85 41.07
N HIS C 383 -2.02 13.47 41.53
CA HIS C 383 -3.03 12.88 40.66
C HIS C 383 -4.41 13.21 41.24
N GLY C 384 -5.45 12.94 40.45
CA GLY C 384 -6.80 13.22 40.84
C GLY C 384 -7.66 11.97 40.88
N MET C 385 -8.83 12.11 41.49
CA MET C 385 -9.83 11.04 41.53
C MET C 385 -11.21 11.67 41.37
N PHE C 386 -11.99 11.15 40.43
CA PHE C 386 -13.36 11.62 40.20
C PHE C 386 -14.27 10.46 40.55
N ASP C 387 -14.88 10.55 41.74
CA ASP C 387 -15.59 9.44 42.36
C ASP C 387 -17.09 9.74 42.25
N ILE C 388 -17.74 9.12 41.28
CA ILE C 388 -19.16 9.32 41.02
C ILE C 388 -19.95 8.52 42.04
N LYS C 389 -20.83 9.18 42.78
CA LYS C 389 -21.65 8.49 43.76
C LYS C 389 -22.99 8.07 43.19
N ASN C 390 -23.60 8.95 42.39
CA ASN C 390 -24.95 8.79 41.86
C ASN C 390 -25.16 9.91 40.86
N ARG C 391 -26.42 10.11 40.43
CA ARG C 391 -26.69 11.04 39.35
C ARG C 391 -26.51 12.49 39.77
N THR C 392 -26.56 12.79 41.07
CA THR C 392 -26.44 14.18 41.53
C THR C 392 -25.05 14.55 42.01
N HIS C 393 -24.26 13.59 42.53
CA HIS C 393 -23.05 13.89 43.28
C HIS C 393 -21.86 13.11 42.76
N ALA C 394 -20.73 13.81 42.56
CA ALA C 394 -19.45 13.15 42.36
C ALA C 394 -18.39 13.91 43.14
N HIS C 395 -17.51 13.17 43.80
CA HIS C 395 -16.49 13.77 44.65
C HIS C 395 -15.15 13.77 43.92
N PHE C 396 -14.57 14.96 43.73
CA PHE C 396 -13.26 15.08 43.12
C PHE C 396 -12.23 15.43 44.18
N SER C 397 -11.10 14.73 44.16
CA SER C 397 -10.03 14.98 45.11
C SER C 397 -8.69 14.97 44.40
N TRP C 398 -7.76 15.74 44.95
CA TRP C 398 -6.41 15.85 44.45
C TRP C 398 -5.45 15.40 45.55
N ASN C 399 -4.60 14.43 45.24
CA ASN C 399 -3.63 13.93 46.21
C ASN C 399 -2.22 14.32 45.79
N ARG C 400 -1.49 14.94 46.71
CA ARG C 400 -0.12 15.39 46.46
C ARG C 400 0.89 14.29 46.80
N ASN C 401 1.94 14.21 45.98
CA ASN C 401 2.98 13.21 46.21
C ASN C 401 3.66 13.41 47.56
N GLN C 402 3.74 14.64 48.05
CA GLN C 402 4.39 14.89 49.33
C GLN C 402 3.51 14.58 50.53
N ASP C 403 2.24 14.26 50.33
CA ASP C 403 1.32 13.90 51.41
C ASP C 403 1.16 12.39 51.51
N GLY C 404 0.53 11.95 52.58
CA GLY C 404 0.14 10.56 52.68
C GLY C 404 -0.87 10.19 51.61
N VAL C 405 -0.93 8.89 51.31
CA VAL C 405 -1.74 8.43 50.20
C VAL C 405 -3.23 8.66 50.42
N ALA C 406 -3.66 8.90 51.68
CA ALA C 406 -5.07 9.14 51.98
C ALA C 406 -5.41 10.62 52.13
N VAL C 407 -4.45 11.51 51.98
CA VAL C 407 -4.66 12.93 52.24
C VAL C 407 -5.06 13.62 50.93
N GLU C 408 -6.07 14.45 51.00
CA GLU C 408 -6.56 15.20 49.85
C GLU C 408 -6.29 16.68 50.09
N ALA C 409 -5.29 17.23 49.41
CA ALA C 409 -5.01 18.65 49.57
C ALA C 409 -6.08 19.52 48.94
N ASP C 410 -6.84 19.01 47.98
CA ASP C 410 -7.99 19.72 47.44
C ASP C 410 -9.09 18.71 47.20
N SER C 411 -10.32 19.10 47.49
CA SER C 411 -11.45 18.23 47.22
C SER C 411 -12.70 19.09 47.12
N VAL C 412 -13.61 18.68 46.24
CA VAL C 412 -14.82 19.44 45.97
C VAL C 412 -15.90 18.47 45.54
N TRP C 413 -17.13 18.78 45.89
CA TRP C 413 -18.27 18.04 45.38
C TRP C 413 -18.68 18.63 44.04
N PHE C 414 -18.83 17.78 43.04
CA PHE C 414 -19.46 18.14 41.79
C PHE C 414 -20.97 17.89 41.93
N PHE C 415 -21.76 18.92 41.71
CA PHE C 415 -23.21 18.77 41.66
C PHE C 415 -23.60 18.70 40.19
N ASN C 416 -24.25 17.61 39.80
CA ASN C 416 -24.45 17.32 38.38
C ASN C 416 -25.21 18.44 37.67
N ARG C 417 -24.72 18.82 36.49
CA ARG C 417 -25.32 19.94 35.76
C ARG C 417 -26.71 19.62 35.23
N HIS C 418 -27.03 18.34 35.04
CA HIS C 418 -28.36 18.01 34.52
C HIS C 418 -29.35 17.70 35.63
N TRP C 419 -28.91 17.00 36.67
CA TRP C 419 -29.82 16.53 37.72
C TRP C 419 -29.75 17.32 39.01
N TYR C 420 -28.73 18.16 39.19
CA TYR C 420 -28.58 18.87 40.46
C TYR C 420 -27.69 20.09 40.28
N PRO C 421 -28.07 21.08 39.42
CA PRO C 421 -27.14 22.18 39.10
C PRO C 421 -27.09 23.24 40.20
N VAL C 422 -26.74 22.80 41.40
CA VAL C 422 -26.48 23.70 42.52
C VAL C 422 -25.16 24.42 42.31
N ASP C 423 -25.07 25.66 42.79
CA ASP C 423 -23.77 26.32 42.86
C ASP C 423 -22.80 25.53 43.72
N ASP C 424 -21.72 25.02 43.11
CA ASP C 424 -20.66 24.36 43.86
C ASP C 424 -19.33 25.13 43.76
N LYS D 1 -16.58 -15.84 -38.23
CA LYS D 1 -15.50 -16.02 -37.28
C LYS D 1 -15.92 -15.52 -35.89
N ASN D 2 -16.64 -14.39 -35.84
CA ASN D 2 -17.17 -13.90 -34.57
C ASN D 2 -18.47 -14.65 -34.26
N ARG D 3 -18.39 -15.65 -33.38
CA ARG D 3 -19.56 -16.41 -32.93
C ARG D 3 -19.97 -16.08 -31.50
N ASP D 4 -19.38 -15.03 -30.92
CA ASP D 4 -19.76 -14.59 -29.59
C ASP D 4 -21.17 -14.01 -29.59
N MET D 5 -21.90 -14.26 -28.52
CA MET D 5 -23.26 -13.75 -28.45
C MET D 5 -23.22 -12.22 -28.34
N PRO D 6 -24.07 -11.52 -29.10
CA PRO D 6 -24.08 -10.05 -29.04
C PRO D 6 -24.48 -9.55 -27.66
N LEU D 7 -24.03 -8.34 -27.34
CA LEU D 7 -24.27 -7.75 -26.03
C LEU D 7 -25.76 -7.69 -25.68
N ASP D 8 -26.63 -7.62 -26.68
CA ASP D 8 -28.04 -7.47 -26.38
C ASP D 8 -28.75 -8.81 -26.22
N SER D 9 -28.01 -9.92 -26.23
CA SER D 9 -28.61 -11.25 -26.06
C SER D 9 -29.35 -11.36 -24.73
N ASP D 10 -30.35 -12.26 -24.71
CA ASP D 10 -31.17 -12.40 -23.50
C ASP D 10 -30.34 -12.87 -22.32
N VAL D 11 -29.34 -13.73 -22.56
CA VAL D 11 -28.50 -14.24 -21.47
C VAL D 11 -27.67 -13.15 -20.82
N PHE D 12 -27.53 -11.99 -21.45
CA PHE D 12 -26.78 -10.89 -20.88
C PHE D 12 -27.67 -9.80 -20.30
N ARG D 13 -28.97 -10.04 -20.19
CA ARG D 13 -29.84 -8.99 -19.67
C ARG D 13 -29.42 -8.60 -18.26
N VAL D 14 -29.59 -7.31 -17.95
CA VAL D 14 -29.23 -6.78 -16.65
C VAL D 14 -30.42 -6.95 -15.70
N PRO D 15 -30.25 -7.58 -14.54
CA PRO D 15 -31.36 -7.69 -13.56
C PRO D 15 -31.89 -6.32 -13.18
N PRO D 16 -33.20 -6.12 -13.23
CA PRO D 16 -33.77 -4.77 -13.09
C PRO D 16 -33.83 -4.32 -11.64
N GLY D 17 -33.99 -3.01 -11.48
CA GLY D 17 -34.04 -2.39 -10.17
C GLY D 17 -32.74 -1.66 -9.84
N TYR D 18 -32.85 -0.62 -9.01
CA TYR D 18 -31.67 0.16 -8.68
C TYR D 18 -30.65 -0.69 -7.95
N ASN D 19 -29.41 -0.70 -8.46
CA ASN D 19 -28.30 -1.43 -7.87
C ASN D 19 -28.63 -2.90 -7.62
N ALA D 20 -29.45 -3.49 -8.50
CA ALA D 20 -29.75 -4.92 -8.39
C ALA D 20 -28.45 -5.73 -8.48
N PRO D 21 -28.23 -6.69 -7.60
CA PRO D 21 -27.05 -7.55 -7.75
C PRO D 21 -27.10 -8.28 -9.08
N GLN D 22 -25.93 -8.44 -9.70
CA GLN D 22 -25.83 -9.20 -10.94
C GLN D 22 -24.59 -10.06 -10.86
N GLN D 23 -24.40 -10.92 -11.87
CA GLN D 23 -23.24 -11.83 -11.91
C GLN D 23 -23.09 -12.60 -10.60
N VAL D 24 -24.22 -13.09 -10.08
CA VAL D 24 -24.18 -13.79 -8.80
C VAL D 24 -23.56 -15.17 -9.02
N HIS D 25 -22.61 -15.53 -8.15
CA HIS D 25 -21.98 -16.86 -8.27
C HIS D 25 -21.51 -17.32 -6.90
N ILE D 26 -21.54 -18.65 -6.69
CA ILE D 26 -21.16 -19.28 -5.44
C ILE D 26 -20.11 -20.35 -5.71
N THR D 27 -19.35 -20.66 -4.66
CA THR D 27 -18.41 -21.78 -4.68
C THR D 27 -18.17 -22.22 -3.24
N GLN D 28 -17.61 -23.43 -3.08
CA GLN D 28 -17.38 -23.94 -1.73
C GLN D 28 -16.44 -23.02 -0.97
N GLY D 29 -16.76 -22.78 0.30
CA GLY D 29 -16.08 -21.76 1.06
C GLY D 29 -15.15 -22.29 2.14
N ASP D 30 -15.07 -23.60 2.28
CA ASP D 30 -14.20 -24.21 3.28
C ASP D 30 -13.65 -25.52 2.73
N LEU D 31 -13.02 -26.31 3.61
CA LEU D 31 -12.38 -27.54 3.16
C LEU D 31 -13.37 -28.67 2.95
N VAL D 32 -14.45 -28.74 3.73
CA VAL D 32 -15.25 -29.96 3.80
C VAL D 32 -16.70 -29.76 3.37
N GLY D 33 -17.13 -28.54 3.05
CA GLY D 33 -18.46 -28.30 2.51
C GLY D 33 -19.46 -27.59 3.41
N ARG D 34 -19.04 -27.13 4.60
CA ARG D 34 -19.94 -26.41 5.50
C ARG D 34 -19.97 -24.90 5.25
N ALA D 35 -19.31 -24.42 4.21
CA ALA D 35 -19.25 -23.00 3.93
C ALA D 35 -19.42 -22.75 2.43
N MET D 36 -19.84 -21.54 2.11
CA MET D 36 -20.03 -21.14 0.72
C MET D 36 -19.59 -19.69 0.56
N ILE D 37 -18.77 -19.43 -0.45
CA ILE D 37 -18.46 -18.05 -0.85
C ILE D 37 -19.56 -17.58 -1.79
N ILE D 38 -20.22 -16.48 -1.42
CA ILE D 38 -21.25 -15.85 -2.24
C ILE D 38 -20.63 -14.62 -2.89
N SER D 39 -20.75 -14.51 -4.21
CA SER D 39 -20.10 -13.42 -4.95
C SER D 39 -21.07 -12.75 -5.90
N TRP D 40 -20.93 -11.44 -6.07
CA TRP D 40 -21.81 -10.71 -6.96
C TRP D 40 -21.25 -9.31 -7.19
N VAL D 41 -21.84 -8.60 -8.15
CA VAL D 41 -21.42 -7.26 -8.52
C VAL D 41 -22.64 -6.34 -8.44
N THR D 42 -22.43 -5.13 -7.91
CA THR D 42 -23.41 -4.05 -8.01
C THR D 42 -22.84 -2.95 -8.90
N MET D 43 -23.68 -2.35 -9.71
CA MET D 43 -23.18 -1.43 -10.72
C MET D 43 -23.44 0.03 -10.43
N ASP D 44 -24.47 0.36 -9.66
CA ASP D 44 -24.86 1.75 -9.47
C ASP D 44 -24.16 2.40 -8.27
N GLU D 45 -23.91 1.65 -7.21
CA GLU D 45 -23.15 2.16 -6.07
C GLU D 45 -22.63 0.99 -5.27
N PRO D 46 -21.68 1.23 -4.35
CA PRO D 46 -21.09 0.12 -3.59
C PRO D 46 -22.10 -0.85 -2.99
N GLY D 47 -23.12 -0.37 -2.26
CA GLY D 47 -24.10 -1.27 -1.71
C GLY D 47 -23.55 -2.10 -0.55
N SER D 48 -24.39 -2.98 -0.02
CA SER D 48 -24.02 -3.78 1.13
C SER D 48 -23.41 -5.11 0.70
N SER D 49 -22.41 -5.57 1.46
CA SER D 49 -21.87 -6.92 1.29
C SER D 49 -22.52 -7.93 2.21
N ALA D 50 -23.65 -7.57 2.82
CA ALA D 50 -24.35 -8.51 3.69
C ALA D 50 -25.08 -9.56 2.86
N VAL D 51 -25.07 -10.80 3.36
CA VAL D 51 -25.85 -11.88 2.77
C VAL D 51 -26.78 -12.42 3.86
N ARG D 52 -28.08 -12.42 3.56
CA ARG D 52 -29.07 -13.02 4.43
CA ARG D 52 -29.07 -13.02 4.43
C ARG D 52 -29.32 -14.45 3.98
N TYR D 53 -29.34 -15.39 4.93
CA TYR D 53 -29.50 -16.78 4.55
C TYR D 53 -30.27 -17.54 5.62
N TRP D 54 -30.95 -18.59 5.20
CA TRP D 54 -31.71 -19.44 6.12
C TRP D 54 -31.98 -20.77 5.45
N SER D 55 -32.04 -21.83 6.26
CA SER D 55 -32.45 -23.12 5.72
C SER D 55 -33.95 -23.18 5.52
N GLU D 56 -34.37 -24.06 4.60
CA GLU D 56 -35.80 -24.23 4.38
C GLU D 56 -36.50 -24.94 5.53
N LYS D 57 -35.76 -25.50 6.49
CA LYS D 57 -36.39 -26.22 7.61
C LYS D 57 -36.63 -25.32 8.81
N ASN D 58 -35.58 -25.08 9.64
CA ASN D 58 -35.79 -24.27 10.84
C ASN D 58 -36.19 -22.85 10.48
N GLY D 59 -35.62 -22.30 9.42
CA GLY D 59 -36.02 -21.00 8.91
C GLY D 59 -35.47 -19.80 9.64
N ARG D 60 -34.42 -19.98 10.45
CA ARG D 60 -33.84 -18.87 11.22
C ARG D 60 -32.91 -18.08 10.32
N LYS D 61 -33.22 -16.80 10.11
CA LYS D 61 -32.52 -15.99 9.12
C LYS D 61 -31.30 -15.32 9.76
N ARG D 62 -30.12 -15.57 9.19
CA ARG D 62 -28.87 -15.02 9.67
C ARG D 62 -28.25 -14.10 8.63
N ILE D 63 -27.33 -13.25 9.09
CA ILE D 63 -26.61 -12.30 8.25
C ILE D 63 -25.13 -12.63 8.28
N ALA D 64 -24.52 -12.77 7.11
CA ALA D 64 -23.07 -12.85 6.96
C ALA D 64 -22.56 -11.57 6.29
N LYS D 65 -21.43 -11.07 6.78
CA LYS D 65 -20.86 -9.81 6.29
C LYS D 65 -19.61 -10.09 5.49
N GLY D 66 -19.51 -9.48 4.31
CA GLY D 66 -18.38 -9.72 3.43
C GLY D 66 -17.60 -8.47 3.10
N LYS D 67 -16.91 -8.46 1.97
CA LYS D 67 -16.04 -7.35 1.60
C LYS D 67 -16.29 -6.95 0.15
N MET D 68 -16.12 -5.66 -0.11
CA MET D 68 -16.28 -5.08 -1.43
C MET D 68 -14.92 -4.69 -1.99
N SER D 69 -14.74 -4.91 -3.29
CA SER D 69 -13.50 -4.51 -3.95
C SER D 69 -13.83 -3.99 -5.33
N THR D 70 -12.88 -3.25 -5.91
CA THR D 70 -12.98 -2.77 -7.28
C THR D 70 -11.61 -2.96 -7.93
N TYR D 71 -11.58 -2.88 -9.27
CA TYR D 71 -10.32 -2.88 -9.98
C TYR D 71 -10.47 -2.08 -11.26
N ARG D 72 -9.33 -1.74 -11.87
CA ARG D 72 -9.26 -1.11 -13.17
C ARG D 72 -8.41 -1.97 -14.08
N PHE D 73 -8.72 -1.96 -15.36
CA PHE D 73 -7.92 -2.67 -16.35
C PHE D 73 -7.85 -1.76 -17.56
N PHE D 74 -6.69 -1.12 -17.76
CA PHE D 74 -6.51 -0.14 -18.81
C PHE D 74 -7.58 0.93 -18.63
N ASN D 75 -8.47 1.16 -19.58
CA ASN D 75 -9.47 2.21 -19.45
C ASN D 75 -10.80 1.68 -18.93
N TYR D 76 -10.84 0.42 -18.50
CA TYR D 76 -12.02 -0.16 -17.87
C TYR D 76 -11.99 0.06 -16.36
N SER D 77 -13.15 0.42 -15.81
CA SER D 77 -13.35 0.51 -14.38
C SER D 77 -14.46 -0.44 -13.98
N SER D 78 -14.17 -1.33 -13.03
CA SER D 78 -15.14 -2.33 -12.62
C SER D 78 -16.23 -1.71 -11.78
N GLY D 79 -17.35 -2.41 -11.70
CA GLY D 79 -18.33 -2.14 -10.67
C GLY D 79 -17.84 -2.65 -9.34
N PHE D 80 -18.77 -2.79 -8.40
CA PHE D 80 -18.42 -3.07 -7.01
C PHE D 80 -18.62 -4.56 -6.75
N ILE D 81 -17.51 -5.25 -6.51
CA ILE D 81 -17.48 -6.70 -6.39
C ILE D 81 -17.59 -7.08 -4.92
N HIS D 82 -18.50 -8.00 -4.61
CA HIS D 82 -18.72 -8.45 -3.24
C HIS D 82 -18.37 -9.92 -3.13
N HIS D 83 -17.67 -10.28 -2.07
CA HIS D 83 -17.43 -11.68 -1.72
C HIS D 83 -17.73 -11.83 -0.23
N THR D 84 -18.63 -12.77 0.10
CA THR D 84 -19.03 -13.01 1.47
C THR D 84 -19.10 -14.51 1.73
N THR D 85 -18.48 -14.95 2.82
CA THR D 85 -18.45 -16.36 3.17
C THR D 85 -19.52 -16.66 4.20
N ILE D 86 -20.43 -17.59 3.87
CA ILE D 86 -21.38 -18.14 4.84
C ILE D 86 -20.75 -19.40 5.42
N ARG D 87 -20.77 -19.53 6.75
CA ARG D 87 -20.05 -20.60 7.44
C ARG D 87 -20.99 -21.39 8.33
N LYS D 88 -20.49 -22.53 8.82
CA LYS D 88 -21.20 -23.38 9.79
C LYS D 88 -22.56 -23.83 9.27
N LEU D 89 -22.67 -24.06 7.97
CA LEU D 89 -23.93 -24.58 7.45
C LEU D 89 -24.12 -26.05 7.83
N LYS D 90 -25.38 -26.49 7.83
CA LYS D 90 -25.71 -27.88 8.03
C LYS D 90 -25.53 -28.65 6.72
N TYR D 91 -25.10 -29.90 6.82
CA TYR D 91 -24.90 -30.73 5.65
C TYR D 91 -26.23 -31.13 5.03
N ASN D 92 -26.21 -31.35 3.71
CA ASN D 92 -27.35 -31.87 2.96
C ASN D 92 -28.66 -31.11 3.27
N THR D 93 -28.59 -29.78 3.32
CA THR D 93 -29.81 -29.01 3.50
C THR D 93 -29.90 -27.87 2.51
N LYS D 94 -31.12 -27.54 2.11
CA LYS D 94 -31.36 -26.44 1.19
C LYS D 94 -31.37 -25.13 1.95
N TYR D 95 -30.59 -24.15 1.47
CA TYR D 95 -30.53 -22.81 2.03
C TYR D 95 -31.00 -21.80 0.99
N TYR D 96 -31.77 -20.81 1.45
CA TYR D 96 -32.03 -19.63 0.66
C TYR D 96 -31.02 -18.56 1.04
N TYR D 97 -30.65 -17.73 0.08
CA TYR D 97 -29.81 -16.59 0.40
C TYR D 97 -30.24 -15.40 -0.43
N GLU D 98 -29.98 -14.21 0.11
CA GLU D 98 -30.42 -12.96 -0.46
C GLU D 98 -29.26 -11.98 -0.48
N VAL D 99 -29.07 -11.32 -1.62
CA VAL D 99 -28.05 -10.30 -1.76
C VAL D 99 -28.73 -9.01 -2.20
N GLY D 100 -28.05 -7.89 -1.99
CA GLY D 100 -28.59 -6.59 -2.34
C GLY D 100 -29.49 -5.97 -1.29
N LEU D 101 -29.18 -6.18 -0.01
CA LEU D 101 -30.12 -5.88 1.06
C LEU D 101 -30.40 -4.38 1.21
N ARG D 102 -29.52 -3.52 0.74
CA ARG D 102 -29.76 -2.09 0.89
C ARG D 102 -30.88 -1.61 -0.05
N ASN D 103 -30.95 -2.15 -1.26
CA ASN D 103 -31.81 -1.56 -2.26
C ASN D 103 -32.64 -2.61 -2.99
N THR D 104 -32.10 -3.29 -4.00
CA THR D 104 -32.87 -4.30 -4.73
C THR D 104 -32.36 -5.67 -4.31
N THR D 105 -33.17 -6.38 -3.53
CA THR D 105 -32.81 -7.71 -3.06
C THR D 105 -33.17 -8.75 -4.11
N ARG D 106 -32.27 -9.72 -4.30
CA ARG D 106 -32.51 -10.87 -5.17
C ARG D 106 -32.23 -12.12 -4.36
N ARG D 107 -33.05 -13.15 -4.55
CA ARG D 107 -33.00 -14.36 -3.74
C ARG D 107 -32.63 -15.57 -4.57
N PHE D 108 -31.79 -16.43 -4.01
CA PHE D 108 -31.32 -17.64 -4.68
C PHE D 108 -31.35 -18.77 -3.66
N SER D 109 -30.83 -19.94 -4.04
CA SER D 109 -30.74 -21.05 -3.11
C SER D 109 -29.62 -21.98 -3.54
N PHE D 110 -29.16 -22.80 -2.59
CA PHE D 110 -28.23 -23.89 -2.86
C PHE D 110 -28.53 -25.02 -1.89
N ILE D 111 -27.92 -26.17 -2.16
CA ILE D 111 -28.06 -27.34 -1.30
C ILE D 111 -26.67 -27.79 -0.90
N THR D 112 -26.37 -27.72 0.41
CA THR D 112 -25.06 -28.13 0.89
C THR D 112 -24.84 -29.61 0.58
N PRO D 113 -23.60 -30.02 0.38
CA PRO D 113 -23.31 -31.43 0.14
C PRO D 113 -23.55 -32.24 1.40
N PRO D 114 -23.64 -33.56 1.29
CA PRO D 114 -23.57 -34.39 2.49
C PRO D 114 -22.20 -34.26 3.10
N GLN D 115 -22.10 -34.66 4.36
CA GLN D 115 -20.79 -34.74 5.01
C GLN D 115 -19.89 -35.69 4.23
N THR D 116 -18.59 -35.37 4.20
CA THR D 116 -17.64 -36.25 3.53
C THR D 116 -17.69 -37.64 4.14
N GLY D 117 -17.45 -38.65 3.31
CA GLY D 117 -17.53 -40.02 3.76
C GLY D 117 -17.24 -40.97 2.63
N LEU D 118 -16.96 -42.22 3.00
CA LEU D 118 -16.41 -43.20 2.08
C LEU D 118 -17.38 -43.54 0.94
N ASP D 119 -18.67 -43.63 1.23
CA ASP D 119 -19.61 -44.17 0.25
C ASP D 119 -20.65 -43.16 -0.17
N VAL D 120 -20.35 -41.86 -0.04
CA VAL D 120 -21.29 -40.79 -0.29
C VAL D 120 -21.40 -40.53 -1.80
N PRO D 121 -22.56 -40.74 -2.42
CA PRO D 121 -22.68 -40.45 -3.85
C PRO D 121 -22.77 -38.95 -4.13
N TYR D 122 -22.36 -38.57 -5.35
CA TYR D 122 -22.38 -37.16 -5.72
C TYR D 122 -22.11 -37.03 -7.22
N THR D 123 -22.76 -36.07 -7.86
CA THR D 123 -22.72 -35.93 -9.31
C THR D 123 -22.03 -34.63 -9.69
N PHE D 124 -20.90 -34.73 -10.38
CA PHE D 124 -20.11 -33.56 -10.76
C PHE D 124 -20.23 -33.33 -12.25
N GLY D 125 -20.54 -32.09 -12.62
CA GLY D 125 -20.43 -31.69 -14.01
C GLY D 125 -19.03 -31.26 -14.36
N LEU D 126 -18.64 -31.49 -15.60
CA LEU D 126 -17.32 -31.11 -16.09
C LEU D 126 -17.47 -30.17 -17.29
N ILE D 127 -16.92 -28.98 -17.15
CA ILE D 127 -17.02 -27.92 -18.15
C ILE D 127 -15.67 -27.24 -18.26
N GLY D 128 -15.17 -27.10 -19.48
CA GLY D 128 -13.93 -26.39 -19.70
C GLY D 128 -14.05 -25.48 -20.89
N ASP D 129 -13.35 -24.34 -20.81
CA ASP D 129 -13.20 -23.43 -21.95
C ASP D 129 -14.57 -22.96 -22.44
N LEU D 130 -15.38 -22.45 -21.51
CA LEU D 130 -16.79 -22.18 -21.80
C LEU D 130 -16.96 -21.03 -22.78
N GLY D 131 -16.44 -19.85 -22.43
CA GLY D 131 -16.64 -18.72 -23.32
C GLY D 131 -18.08 -18.23 -23.33
N GLN D 132 -18.39 -17.44 -24.36
CA GLN D 132 -19.74 -16.89 -24.47
C GLN D 132 -20.17 -16.83 -25.93
N SER D 133 -19.93 -17.92 -26.66
CA SER D 133 -20.46 -18.07 -28.01
C SER D 133 -21.81 -18.78 -27.92
N PHE D 134 -22.51 -18.93 -29.06
CA PHE D 134 -23.76 -19.68 -29.02
C PHE D 134 -23.51 -21.13 -28.65
N ASP D 135 -22.36 -21.67 -29.05
CA ASP D 135 -21.99 -23.02 -28.62
C ASP D 135 -21.91 -23.10 -27.09
N SER D 136 -21.35 -22.07 -26.44
CA SER D 136 -21.28 -22.03 -24.98
C SER D 136 -22.66 -22.15 -24.35
N ASN D 137 -23.62 -21.37 -24.86
CA ASN D 137 -24.98 -21.38 -24.34
C ASN D 137 -25.62 -22.75 -24.48
N THR D 138 -25.46 -23.38 -25.66
CA THR D 138 -25.97 -24.72 -25.86
C THR D 138 -25.38 -25.69 -24.84
N THR D 139 -24.06 -25.64 -24.63
CA THR D 139 -23.44 -26.52 -23.63
C THR D 139 -24.05 -26.30 -22.26
N LEU D 140 -24.15 -25.04 -21.84
CA LEU D 140 -24.74 -24.77 -20.53
C LEU D 140 -26.16 -25.31 -20.47
N SER D 141 -26.94 -25.11 -21.55
CA SER D 141 -28.29 -25.65 -21.60
C SER D 141 -28.29 -27.17 -21.45
N HIS D 142 -27.42 -27.85 -22.19
CA HIS D 142 -27.33 -29.31 -22.08
C HIS D 142 -27.00 -29.72 -20.65
N TYR D 143 -26.09 -29.02 -19.97
CA TYR D 143 -25.76 -29.40 -18.60
C TYR D 143 -26.97 -29.23 -17.68
N GLU D 144 -27.65 -28.08 -17.77
CA GLU D 144 -28.78 -27.84 -16.87
C GLU D 144 -29.90 -28.84 -17.11
N LEU D 145 -30.01 -29.36 -18.33
CA LEU D 145 -31.06 -30.29 -18.68
C LEU D 145 -30.66 -31.74 -18.53
N SER D 146 -29.48 -32.01 -17.98
CA SER D 146 -29.04 -33.39 -17.87
C SER D 146 -29.99 -34.19 -16.99
N PRO D 147 -30.43 -35.36 -17.43
CA PRO D 147 -31.17 -36.26 -16.52
C PRO D 147 -30.35 -36.69 -15.33
N LYS D 148 -29.01 -36.72 -15.44
CA LYS D 148 -28.16 -37.15 -14.34
C LYS D 148 -28.05 -36.11 -13.23
N LYS D 149 -28.47 -34.87 -13.47
CA LYS D 149 -28.59 -33.86 -12.41
C LYS D 149 -27.26 -33.52 -11.73
N GLY D 150 -26.48 -32.66 -12.39
CA GLY D 150 -25.23 -32.22 -11.80
C GLY D 150 -25.47 -31.39 -10.55
N GLN D 151 -24.63 -31.61 -9.54
CA GLN D 151 -24.74 -30.90 -8.28
C GLN D 151 -23.62 -29.89 -8.03
N THR D 152 -22.51 -30.00 -8.75
CA THR D 152 -21.38 -29.08 -8.65
C THR D 152 -20.67 -29.14 -10.00
N VAL D 153 -20.20 -28.00 -10.50
CA VAL D 153 -19.40 -27.98 -11.71
C VAL D 153 -17.92 -27.92 -11.33
N LEU D 154 -17.15 -28.85 -11.88
CA LEU D 154 -15.69 -28.76 -11.85
C LEU D 154 -15.28 -28.06 -13.15
N PHE D 155 -14.78 -26.84 -13.03
CA PHE D 155 -14.52 -26.00 -14.19
C PHE D 155 -13.02 -25.92 -14.42
N VAL D 156 -12.55 -26.41 -15.58
CA VAL D 156 -11.11 -26.62 -15.76
C VAL D 156 -10.43 -25.44 -16.47
N GLY D 157 -11.05 -24.27 -16.47
CA GLY D 157 -10.36 -23.06 -16.86
C GLY D 157 -10.79 -22.54 -18.21
N ASP D 158 -10.38 -21.28 -18.45
CA ASP D 158 -10.76 -20.46 -19.61
C ASP D 158 -12.22 -20.09 -19.49
N LEU D 159 -12.51 -18.99 -18.80
CA LEU D 159 -13.86 -18.64 -18.44
C LEU D 159 -14.51 -17.79 -19.52
N SER D 160 -14.19 -16.49 -19.56
CA SER D 160 -14.96 -15.53 -20.35
C SER D 160 -14.39 -15.27 -21.75
N TYR D 161 -13.09 -15.47 -21.96
CA TYR D 161 -12.40 -15.10 -23.19
C TYR D 161 -12.49 -13.60 -23.48
N ALA D 162 -12.64 -12.81 -22.41
CA ALA D 162 -12.65 -11.36 -22.60
C ALA D 162 -11.34 -10.87 -23.16
N ASP D 163 -10.23 -11.58 -22.87
CA ASP D 163 -8.93 -11.15 -23.37
C ASP D 163 -8.82 -11.23 -24.89
N ARG D 164 -9.78 -11.85 -25.59
CA ARG D 164 -9.78 -11.78 -27.05
CA ARG D 164 -9.79 -11.78 -27.04
C ARG D 164 -10.29 -10.44 -27.58
N TYR D 165 -10.91 -9.62 -26.74
CA TYR D 165 -11.47 -8.35 -27.16
C TYR D 165 -10.43 -7.24 -27.11
N PRO D 166 -10.63 -6.14 -27.82
CA PRO D 166 -9.68 -5.01 -27.75
C PRO D 166 -9.50 -4.55 -26.30
N ASN D 167 -8.24 -4.41 -25.89
CA ASN D 167 -7.87 -4.10 -24.51
C ASN D 167 -8.50 -5.06 -23.51
N HIS D 168 -8.75 -6.29 -23.94
CA HIS D 168 -9.40 -7.33 -23.14
C HIS D 168 -10.77 -6.90 -22.63
N ASP D 169 -11.44 -5.98 -23.33
CA ASP D 169 -12.69 -5.34 -22.92
C ASP D 169 -13.40 -6.06 -21.78
N ASN D 170 -13.15 -5.63 -20.54
CA ASN D 170 -13.61 -6.37 -19.38
C ASN D 170 -15.13 -6.31 -19.21
N VAL D 171 -15.83 -5.52 -20.03
CA VAL D 171 -17.28 -5.69 -20.11
C VAL D 171 -17.63 -7.14 -20.41
N ARG D 172 -16.77 -7.84 -21.14
CA ARG D 172 -17.06 -9.22 -21.48
C ARG D 172 -16.81 -10.19 -20.32
N TRP D 173 -16.18 -9.72 -19.24
CA TRP D 173 -16.25 -10.44 -17.97
C TRP D 173 -17.63 -10.26 -17.34
N ASP D 174 -18.17 -9.04 -17.40
CA ASP D 174 -19.48 -8.78 -16.81
C ASP D 174 -20.56 -9.61 -17.50
N THR D 175 -20.60 -9.58 -18.83
CA THR D 175 -21.58 -10.35 -19.58
C THR D 175 -21.49 -11.84 -19.22
N TRP D 176 -20.26 -12.38 -19.18
CA TRP D 176 -20.09 -13.78 -18.82
C TRP D 176 -20.63 -14.08 -17.44
N GLY D 177 -20.40 -13.18 -16.48
CA GLY D 177 -20.96 -13.34 -15.14
C GLY D 177 -22.47 -13.37 -15.14
N ARG D 178 -23.12 -12.53 -15.95
CA ARG D 178 -24.59 -12.55 -16.03
C ARG D 178 -25.09 -13.81 -16.76
N PHE D 179 -24.39 -14.22 -17.81
CA PHE D 179 -24.76 -15.42 -18.56
C PHE D 179 -24.70 -16.66 -17.69
N THR D 180 -23.61 -16.87 -16.94
CA THR D 180 -23.44 -18.11 -16.19
C THR D 180 -24.24 -18.14 -14.89
N GLU D 181 -24.75 -16.98 -14.44
CA GLU D 181 -25.43 -16.92 -13.15
C GLU D 181 -26.55 -17.96 -13.04
N ARG D 182 -27.30 -18.20 -14.13
CA ARG D 182 -28.42 -19.14 -14.09
C ARG D 182 -27.99 -20.52 -13.62
N SER D 183 -26.71 -20.85 -13.73
CA SER D 183 -26.21 -22.08 -13.13
C SER D 183 -25.50 -21.81 -11.80
N VAL D 184 -24.48 -20.95 -11.81
CA VAL D 184 -23.56 -20.91 -10.67
C VAL D 184 -24.11 -20.13 -9.48
N ALA D 185 -25.23 -19.41 -9.62
CA ALA D 185 -25.88 -18.83 -8.45
C ALA D 185 -26.53 -19.90 -7.57
N TYR D 186 -26.76 -21.09 -8.12
CA TYR D 186 -27.53 -22.13 -7.44
C TYR D 186 -26.72 -23.37 -7.09
N GLN D 187 -25.54 -23.57 -7.69
CA GLN D 187 -24.67 -24.66 -7.31
C GLN D 187 -23.23 -24.19 -7.48
N PRO D 188 -22.31 -24.66 -6.65
CA PRO D 188 -20.93 -24.17 -6.74
C PRO D 188 -20.28 -24.62 -8.04
N TRP D 189 -19.47 -23.73 -8.60
CA TRP D 189 -18.53 -24.09 -9.65
C TRP D 189 -17.15 -24.00 -9.01
N ILE D 190 -16.30 -25.00 -9.26
CA ILE D 190 -14.98 -25.07 -8.65
C ILE D 190 -13.97 -24.57 -9.69
N TRP D 191 -13.35 -23.43 -9.41
CA TRP D 191 -12.58 -22.68 -10.40
C TRP D 191 -11.13 -23.17 -10.55
N THR D 192 -10.73 -23.41 -11.80
CA THR D 192 -9.34 -23.62 -12.21
C THR D 192 -8.93 -22.44 -13.09
N ALA D 193 -7.70 -21.95 -12.94
CA ALA D 193 -7.24 -20.83 -13.78
C ALA D 193 -6.63 -21.35 -15.08
N GLY D 194 -7.13 -20.86 -16.22
CA GLY D 194 -6.59 -21.19 -17.53
C GLY D 194 -5.76 -20.06 -18.13
N ASN D 195 -5.26 -20.28 -19.34
CA ASN D 195 -4.37 -19.28 -19.91
C ASN D 195 -5.12 -18.02 -20.31
N HIS D 196 -6.42 -18.11 -20.61
CA HIS D 196 -7.17 -16.88 -20.87
C HIS D 196 -7.41 -16.05 -19.63
N GLU D 197 -7.13 -16.57 -18.44
CA GLU D 197 -7.22 -15.77 -17.23
C GLU D 197 -5.93 -15.04 -16.88
N ILE D 198 -4.80 -15.42 -17.49
CA ILE D 198 -3.52 -14.78 -17.20
C ILE D 198 -3.62 -13.27 -17.43
N GLU D 199 -4.04 -12.89 -18.64
CA GLU D 199 -4.23 -11.49 -19.02
C GLU D 199 -2.98 -10.66 -18.76
N PHE D 200 -1.84 -11.22 -19.14
CA PHE D 200 -0.57 -10.50 -19.12
C PHE D 200 -0.51 -9.63 -20.37
N ALA D 201 -0.64 -8.32 -20.19
CA ALA D 201 -0.70 -7.38 -21.32
C ALA D 201 0.21 -6.20 -21.04
N PRO D 202 1.54 -6.39 -21.11
CA PRO D 202 2.45 -5.27 -20.85
C PRO D 202 2.29 -4.11 -21.83
N GLU D 203 1.80 -4.38 -23.04
CA GLU D 203 1.62 -3.32 -24.03
C GLU D 203 0.59 -2.28 -23.59
N ILE D 204 -0.27 -2.62 -22.62
CA ILE D 204 -1.21 -1.63 -22.08
C ILE D 204 -1.05 -1.54 -20.58
N ASN D 205 0.15 -1.85 -20.08
CA ASN D 205 0.54 -1.61 -18.69
C ASN D 205 -0.31 -2.41 -17.71
N GLU D 206 -0.69 -3.63 -18.10
CA GLU D 206 -1.38 -4.56 -17.21
C GLU D 206 -0.50 -5.81 -17.09
N THR D 207 0.29 -5.87 -16.02
CA THR D 207 1.32 -6.90 -15.89
C THR D 207 1.13 -7.80 -14.68
N GLU D 208 0.01 -7.68 -13.97
CA GLU D 208 -0.30 -8.54 -12.84
C GLU D 208 -1.06 -9.77 -13.34
N PRO D 209 -0.45 -10.96 -13.36
CA PRO D 209 -1.13 -12.12 -13.93
C PRO D 209 -2.40 -12.44 -13.15
N PHE D 210 -3.45 -12.80 -13.89
CA PHE D 210 -4.72 -13.26 -13.35
C PHE D 210 -5.54 -12.16 -12.68
N LYS D 211 -5.20 -10.88 -12.91
CA LYS D 211 -5.85 -9.82 -12.14
C LYS D 211 -7.38 -9.83 -12.24
N PRO D 212 -7.99 -9.68 -13.42
CA PRO D 212 -9.47 -9.58 -13.43
C PRO D 212 -10.13 -10.83 -12.87
N PHE D 213 -9.66 -12.01 -13.26
CA PHE D 213 -10.18 -13.26 -12.76
C PHE D 213 -10.10 -13.34 -11.24
N SER D 214 -8.94 -12.99 -10.67
CA SER D 214 -8.76 -13.17 -9.23
C SER D 214 -9.59 -12.18 -8.42
N TYR D 215 -9.89 -11.00 -8.96
CA TYR D 215 -10.84 -10.10 -8.31
C TYR D 215 -12.26 -10.67 -8.34
N ARG D 216 -12.63 -11.31 -9.44
CA ARG D 216 -14.03 -11.70 -9.63
C ARG D 216 -14.36 -13.08 -9.08
N TYR D 217 -13.39 -13.99 -9.02
CA TYR D 217 -13.63 -15.37 -8.64
C TYR D 217 -12.69 -15.71 -7.47
N HIS D 218 -13.25 -15.78 -6.27
CA HIS D 218 -12.49 -16.19 -5.09
C HIS D 218 -12.64 -17.67 -4.84
N VAL D 219 -11.63 -18.24 -4.18
CA VAL D 219 -11.61 -19.67 -3.85
C VAL D 219 -11.11 -19.83 -2.41
N PRO D 220 -11.46 -20.93 -1.76
CA PRO D 220 -11.07 -21.12 -0.34
C PRO D 220 -9.65 -21.66 -0.15
N TYR D 221 -8.65 -20.97 -0.69
CA TYR D 221 -7.33 -21.60 -0.78
C TYR D 221 -6.65 -21.70 0.58
N GLU D 222 -6.92 -20.76 1.49
CA GLU D 222 -6.34 -20.87 2.82
C GLU D 222 -6.81 -22.12 3.55
N ALA D 223 -8.00 -22.63 3.20
CA ALA D 223 -8.55 -23.79 3.89
C ALA D 223 -7.68 -25.03 3.72
N SER D 224 -6.91 -25.11 2.63
CA SER D 224 -5.96 -26.21 2.46
C SER D 224 -4.52 -25.76 2.65
N GLN D 225 -4.33 -24.62 3.31
CA GLN D 225 -3.00 -24.11 3.67
C GLN D 225 -2.18 -23.75 2.43
N SER D 226 -2.83 -23.47 1.31
CA SER D 226 -2.14 -22.89 0.18
C SER D 226 -1.94 -21.39 0.39
N THR D 227 -0.88 -20.85 -0.19
CA THR D 227 -0.58 -19.43 -0.09
C THR D 227 -1.05 -18.66 -1.32
N SER D 228 -1.74 -19.31 -2.26
CA SER D 228 -2.17 -18.69 -3.52
C SER D 228 -3.55 -19.19 -3.90
N PRO D 229 -4.40 -18.32 -4.46
CA PRO D 229 -5.70 -18.81 -4.96
C PRO D 229 -5.57 -19.76 -6.13
N PHE D 230 -4.42 -19.81 -6.79
CA PHE D 230 -4.35 -20.54 -8.06
C PHE D 230 -4.11 -22.04 -7.88
N TRP D 231 -3.80 -22.51 -6.67
CA TRP D 231 -3.78 -23.93 -6.37
C TRP D 231 -4.35 -24.13 -4.98
N TYR D 232 -5.17 -25.16 -4.83
CA TYR D 232 -5.89 -25.38 -3.57
C TYR D 232 -6.61 -26.72 -3.67
N SER D 233 -7.13 -27.16 -2.53
CA SER D 233 -7.83 -28.43 -2.41
C SER D 233 -9.16 -28.20 -1.71
N ILE D 234 -10.14 -29.04 -2.06
CA ILE D 234 -11.39 -29.11 -1.31
C ILE D 234 -11.81 -30.56 -1.28
N LYS D 235 -12.59 -30.89 -0.25
CA LYS D 235 -13.27 -32.18 -0.15
C LYS D 235 -14.76 -31.95 -0.26
N ARG D 236 -15.46 -32.82 -0.98
CA ARG D 236 -16.90 -32.68 -1.15
C ARG D 236 -17.47 -34.09 -1.34
N ALA D 237 -18.39 -34.47 -0.47
CA ALA D 237 -18.99 -35.81 -0.47
C ALA D 237 -17.84 -36.81 -0.37
N SER D 238 -17.72 -37.77 -1.30
CA SER D 238 -16.65 -38.77 -1.24
C SER D 238 -15.44 -38.39 -2.08
N ALA D 239 -15.32 -37.13 -2.50
CA ALA D 239 -14.24 -36.73 -3.41
C ALA D 239 -13.29 -35.78 -2.73
N HIS D 240 -12.01 -35.94 -3.05
CA HIS D 240 -10.94 -35.01 -2.71
C HIS D 240 -10.43 -34.43 -4.02
N ILE D 241 -10.58 -33.11 -4.17
CA ILE D 241 -10.36 -32.42 -5.44
C ILE D 241 -9.14 -31.52 -5.27
N ILE D 242 -8.13 -31.71 -6.12
CA ILE D 242 -6.91 -30.92 -6.08
C ILE D 242 -6.89 -30.06 -7.33
N VAL D 243 -6.84 -28.74 -7.15
CA VAL D 243 -6.85 -27.79 -8.26
C VAL D 243 -5.44 -27.22 -8.43
N LEU D 244 -4.86 -27.38 -9.63
CA LEU D 244 -3.51 -26.93 -9.90
C LEU D 244 -3.48 -25.80 -10.92
N SER D 245 -2.34 -25.09 -10.95
CA SER D 245 -2.16 -23.94 -11.84
C SER D 245 -1.10 -24.24 -12.91
N SER D 246 -1.55 -24.50 -14.14
CA SER D 246 -0.64 -24.73 -15.26
C SER D 246 0.24 -23.53 -15.54
N TYR D 247 -0.19 -22.32 -15.18
CA TYR D 247 0.51 -21.11 -15.54
C TYR D 247 1.08 -20.39 -14.31
N SER D 248 1.29 -21.11 -13.21
CA SER D 248 2.12 -20.69 -12.08
C SER D 248 3.39 -21.54 -12.05
N ALA D 249 4.34 -21.14 -11.20
CA ALA D 249 5.57 -21.93 -11.05
C ALA D 249 5.28 -23.31 -10.47
N TYR D 250 5.98 -24.34 -10.97
CA TYR D 250 5.92 -25.64 -10.33
C TYR D 250 7.30 -26.31 -10.28
N GLY D 251 8.38 -25.52 -10.35
CA GLY D 251 9.69 -26.10 -10.19
C GLY D 251 9.86 -26.66 -8.78
N ARG D 252 10.86 -27.51 -8.62
CA ARG D 252 11.17 -28.03 -7.30
C ARG D 252 11.43 -26.88 -6.34
N GLY D 253 10.84 -26.97 -5.15
CA GLY D 253 11.00 -25.95 -4.13
C GLY D 253 10.09 -24.75 -4.25
N THR D 254 9.31 -24.63 -5.34
CA THR D 254 8.38 -23.52 -5.49
C THR D 254 7.16 -23.71 -4.60
N PRO D 255 6.42 -22.63 -4.31
CA PRO D 255 5.23 -22.77 -3.46
C PRO D 255 4.24 -23.84 -3.93
N GLN D 256 3.89 -23.86 -5.22
CA GLN D 256 2.90 -24.82 -5.70
C GLN D 256 3.41 -26.25 -5.60
N TYR D 257 4.67 -26.47 -6.00
CA TYR D 257 5.29 -27.79 -5.89
C TYR D 257 5.29 -28.27 -4.44
N THR D 258 5.79 -27.42 -3.54
CA THR D 258 5.80 -27.73 -2.12
C THR D 258 4.40 -28.02 -1.60
N TRP D 259 3.44 -27.14 -1.93
CA TRP D 259 2.07 -27.34 -1.45
C TRP D 259 1.51 -28.69 -1.89
N LEU D 260 1.67 -29.03 -3.17
CA LEU D 260 1.08 -30.26 -3.69
C LEU D 260 1.70 -31.49 -3.02
N LYS D 261 3.04 -31.50 -2.91
CA LYS D 261 3.70 -32.63 -2.27
C LYS D 261 3.13 -32.88 -0.88
N LYS D 262 2.95 -31.81 -0.08
CA LYS D 262 2.37 -31.98 1.26
C LYS D 262 0.90 -32.35 1.19
N GLU D 263 0.15 -31.77 0.23
CA GLU D 263 -1.29 -32.02 0.17
C GLU D 263 -1.60 -33.46 -0.16
N LEU D 264 -0.82 -34.08 -1.06
CA LEU D 264 -1.07 -35.48 -1.39
C LEU D 264 -0.93 -36.39 -0.15
N ARG D 265 -0.06 -36.01 0.79
CA ARG D 265 0.10 -36.80 2.02
C ARG D 265 -1.09 -36.70 2.94
N LYS D 266 -1.90 -35.66 2.80
CA LYS D 266 -3.11 -35.48 3.60
C LYS D 266 -4.32 -36.22 3.05
N VAL D 267 -4.24 -36.80 1.86
CA VAL D 267 -5.40 -37.47 1.28
C VAL D 267 -5.70 -38.72 2.09
N LYS D 268 -6.96 -38.91 2.48
CA LYS D 268 -7.39 -40.11 3.18
C LYS D 268 -8.46 -40.79 2.34
N ARG D 269 -8.07 -41.87 1.65
CA ARG D 269 -9.00 -42.55 0.73
C ARG D 269 -10.11 -43.29 1.46
N SER D 270 -9.96 -43.54 2.76
CA SER D 270 -11.06 -44.11 3.53
C SER D 270 -12.12 -43.06 3.86
N GLU D 271 -11.81 -41.79 3.68
CA GLU D 271 -12.79 -40.73 3.87
C GLU D 271 -13.31 -40.18 2.54
N THR D 272 -12.43 -39.92 1.59
CA THR D 272 -12.79 -39.44 0.26
C THR D 272 -12.07 -40.38 -0.70
N PRO D 273 -12.73 -41.47 -1.10
CA PRO D 273 -12.04 -42.44 -1.95
C PRO D 273 -11.75 -41.93 -3.35
N TRP D 274 -12.47 -40.91 -3.82
CA TRP D 274 -12.32 -40.41 -5.19
C TRP D 274 -11.33 -39.24 -5.18
N LEU D 275 -10.17 -39.46 -5.78
CA LEU D 275 -9.09 -38.47 -5.82
C LEU D 275 -9.07 -37.90 -7.24
N ILE D 276 -9.38 -36.61 -7.35
CA ILE D 276 -9.62 -35.94 -8.62
C ILE D 276 -8.66 -34.74 -8.70
N VAL D 277 -7.95 -34.62 -9.81
CA VAL D 277 -7.08 -33.46 -10.05
C VAL D 277 -7.66 -32.62 -11.18
N LEU D 278 -7.71 -31.30 -10.98
CA LEU D 278 -8.04 -30.36 -12.04
C LEU D 278 -6.82 -29.51 -12.40
N MET D 279 -6.68 -29.22 -13.70
CA MET D 279 -5.63 -28.35 -14.22
C MET D 279 -6.07 -27.89 -15.60
N HIS D 280 -5.51 -26.78 -16.08
CA HIS D 280 -6.02 -26.34 -17.38
C HIS D 280 -5.38 -27.11 -18.54
N SER D 281 -4.05 -27.25 -18.54
CA SER D 281 -3.34 -27.80 -19.68
C SER D 281 -3.16 -29.30 -19.53
N PRO D 282 -3.64 -30.11 -20.47
CA PRO D 282 -3.60 -31.58 -20.28
C PRO D 282 -2.19 -32.16 -20.40
N LEU D 283 -1.87 -33.08 -19.50
CA LEU D 283 -0.58 -33.78 -19.56
C LEU D 283 -0.57 -34.80 -20.69
N TYR D 284 -1.72 -35.35 -21.02
CA TYR D 284 -1.88 -36.31 -22.12
C TYR D 284 -2.84 -35.69 -23.11
N ASN D 285 -2.40 -35.57 -24.37
CA ASN D 285 -3.17 -34.84 -25.39
C ASN D 285 -2.65 -35.25 -26.76
N SER D 286 -3.49 -35.93 -27.57
CA SER D 286 -3.08 -36.35 -28.89
C SER D 286 -3.68 -35.47 -30.00
N TYR D 287 -4.12 -34.26 -29.67
CA TYR D 287 -4.52 -33.30 -30.68
C TYR D 287 -3.32 -32.45 -31.07
N ASN D 288 -3.31 -31.97 -32.32
CA ASN D 288 -2.24 -31.08 -32.76
C ASN D 288 -2.21 -29.78 -31.94
N HIS D 289 -3.37 -29.18 -31.70
CA HIS D 289 -3.40 -27.92 -30.98
C HIS D 289 -2.90 -28.12 -29.56
N HIS D 290 -1.89 -27.35 -29.17
CA HIS D 290 -1.28 -27.43 -27.83
C HIS D 290 -0.62 -28.78 -27.58
N PHE D 291 -0.27 -29.53 -28.62
CA PHE D 291 0.43 -30.80 -28.43
C PHE D 291 1.70 -30.60 -27.60
N MET D 292 1.82 -31.41 -26.55
CA MET D 292 2.97 -31.49 -25.67
C MET D 292 3.22 -30.23 -24.83
N GLU D 293 2.27 -29.29 -24.76
CA GLU D 293 2.45 -28.17 -23.83
C GLU D 293 2.45 -28.64 -22.37
N GLY D 294 1.79 -29.76 -22.07
CA GLY D 294 1.75 -30.29 -20.72
C GLY D 294 2.98 -31.04 -20.27
N GLU D 295 3.98 -31.18 -21.14
CA GLU D 295 5.15 -31.98 -20.81
C GLU D 295 5.87 -31.47 -19.57
N ALA D 296 6.01 -30.14 -19.41
CA ALA D 296 6.83 -29.65 -18.31
C ALA D 296 6.19 -30.03 -16.96
N MET D 297 4.90 -29.77 -16.80
CA MET D 297 4.25 -30.15 -15.56
C MET D 297 4.21 -31.67 -15.41
N ARG D 298 4.03 -32.37 -16.52
CA ARG D 298 4.05 -33.83 -16.46
C ARG D 298 5.36 -34.35 -15.85
N THR D 299 6.50 -33.76 -16.23
CA THR D 299 7.76 -34.23 -15.66
C THR D 299 7.80 -34.06 -14.15
N LYS D 300 7.13 -33.03 -13.62
CA LYS D 300 7.19 -32.78 -12.20
C LYS D 300 6.19 -33.63 -11.42
N PHE D 301 4.96 -33.77 -11.92
CA PHE D 301 3.86 -34.29 -11.10
C PHE D 301 3.32 -35.66 -11.52
N GLU D 302 3.61 -36.14 -12.73
CA GLU D 302 2.99 -37.40 -13.14
C GLU D 302 3.33 -38.53 -12.18
N ALA D 303 4.61 -38.66 -11.81
CA ALA D 303 5.01 -39.74 -10.91
C ALA D 303 4.26 -39.66 -9.57
N TRP D 304 3.98 -38.44 -9.10
CA TRP D 304 3.22 -38.29 -7.86
C TRP D 304 1.78 -38.79 -8.03
N PHE D 305 1.18 -38.52 -9.19
CA PHE D 305 -0.20 -38.95 -9.42
C PHE D 305 -0.30 -40.47 -9.40
N VAL D 306 0.71 -41.16 -9.94
CA VAL D 306 0.70 -42.61 -9.96
C VAL D 306 0.99 -43.15 -8.57
N LYS D 307 1.95 -42.54 -7.87
CA LYS D 307 2.27 -42.99 -6.52
C LYS D 307 1.05 -42.87 -5.61
N TYR D 308 0.26 -41.81 -5.78
CA TYR D 308 -0.91 -41.63 -4.93
C TYR D 308 -2.19 -42.16 -5.56
N LYS D 309 -2.10 -42.82 -6.71
CA LYS D 309 -3.24 -43.49 -7.34
C LYS D 309 -4.42 -42.54 -7.54
N VAL D 310 -4.12 -41.36 -8.11
CA VAL D 310 -5.20 -40.46 -8.54
C VAL D 310 -6.17 -41.22 -9.44
N ASP D 311 -7.46 -41.03 -9.21
CA ASP D 311 -8.44 -41.71 -10.05
C ASP D 311 -8.53 -41.07 -11.44
N VAL D 312 -8.57 -39.75 -11.51
CA VAL D 312 -8.84 -39.08 -12.79
C VAL D 312 -8.21 -37.68 -12.75
N VAL D 313 -7.70 -37.25 -13.90
CA VAL D 313 -7.18 -35.90 -14.08
C VAL D 313 -7.96 -35.24 -15.21
N PHE D 314 -8.66 -34.16 -14.88
CA PHE D 314 -9.45 -33.39 -15.85
C PHE D 314 -8.72 -32.14 -16.27
N ALA D 315 -8.75 -31.87 -17.58
CA ALA D 315 -8.11 -30.69 -18.14
C ALA D 315 -8.95 -30.13 -19.27
N GLY D 316 -8.65 -28.89 -19.65
CA GLY D 316 -9.31 -28.27 -20.77
C GLY D 316 -8.31 -27.89 -21.84
N HIS D 317 -8.33 -26.62 -22.27
CA HIS D 317 -7.30 -26.02 -23.14
C HIS D 317 -7.42 -26.47 -24.59
N VAL D 318 -7.45 -27.77 -24.84
CA VAL D 318 -7.74 -28.30 -26.17
C VAL D 318 -9.25 -28.27 -26.37
N HIS D 319 -9.71 -27.63 -27.45
CA HIS D 319 -11.16 -27.43 -27.63
C HIS D 319 -11.76 -28.67 -28.30
N ALA D 320 -11.77 -29.76 -27.54
CA ALA D 320 -12.25 -31.07 -28.00
C ALA D 320 -12.30 -31.99 -26.80
N TYR D 321 -12.62 -33.26 -27.03
CA TYR D 321 -12.80 -34.26 -25.98
C TYR D 321 -11.80 -35.38 -26.18
N GLU D 322 -11.18 -35.81 -25.08
CA GLU D 322 -10.29 -36.96 -25.16
C GLU D 322 -10.31 -37.68 -23.83
N ARG D 323 -10.21 -39.01 -23.88
CA ARG D 323 -10.15 -39.86 -22.72
C ARG D 323 -9.00 -40.82 -22.91
N SER D 324 -8.03 -40.80 -21.99
CA SER D 324 -6.87 -41.65 -22.14
C SER D 324 -7.15 -43.05 -21.58
N GLU D 325 -6.26 -43.96 -21.93
CA GLU D 325 -6.12 -45.17 -21.14
C GLU D 325 -5.37 -44.87 -19.85
N ARG D 326 -5.42 -45.82 -18.90
CA ARG D 326 -4.60 -45.72 -17.70
C ARG D 326 -3.16 -46.05 -18.05
N VAL D 327 -2.34 -45.01 -18.21
CA VAL D 327 -0.95 -45.17 -18.59
C VAL D 327 -0.09 -44.27 -17.71
N SER D 328 1.20 -44.58 -17.68
CA SER D 328 2.21 -43.73 -17.07
C SER D 328 3.42 -43.69 -17.99
N ASN D 329 4.20 -42.63 -17.86
CA ASN D 329 5.39 -42.43 -18.67
C ASN D 329 6.47 -41.85 -17.76
N ILE D 330 6.80 -42.61 -16.71
CA ILE D 330 7.57 -42.08 -15.59
C ILE D 330 8.90 -42.80 -15.42
N ALA D 331 9.30 -43.63 -16.38
CA ALA D 331 10.48 -44.46 -16.24
C ALA D 331 11.72 -43.88 -16.92
N TYR D 332 11.60 -42.71 -17.56
CA TYR D 332 12.67 -42.14 -18.36
C TYR D 332 13.82 -41.64 -17.50
N LYS D 333 15.05 -41.93 -17.92
CA LYS D 333 16.25 -41.51 -17.19
C LYS D 333 17.32 -40.98 -18.15
N ILE D 334 16.88 -40.28 -19.21
CA ILE D 334 17.70 -39.57 -20.18
C ILE D 334 18.34 -40.53 -21.17
N THR D 335 19.11 -41.49 -20.66
CA THR D 335 19.86 -42.40 -21.51
C THR D 335 19.28 -43.82 -21.58
N ASN D 336 18.22 -44.13 -20.82
CA ASN D 336 17.71 -45.49 -20.80
C ASN D 336 16.64 -45.75 -21.87
N GLY D 337 16.29 -44.77 -22.69
CA GLY D 337 15.37 -45.00 -23.79
C GLY D 337 13.95 -45.35 -23.39
N LEU D 338 13.58 -45.21 -22.12
CA LEU D 338 12.25 -45.60 -21.65
C LEU D 338 11.36 -44.37 -21.64
N CYS D 339 10.83 -44.02 -22.82
CA CYS D 339 10.03 -42.81 -22.98
C CYS D 339 8.71 -43.10 -23.68
N THR D 340 8.24 -44.34 -23.63
CA THR D 340 6.93 -44.65 -24.18
C THR D 340 5.95 -44.90 -23.06
N PRO D 341 4.76 -44.31 -23.10
CA PRO D 341 3.75 -44.61 -22.07
C PRO D 341 3.41 -46.10 -22.07
N VAL D 342 3.19 -46.66 -20.87
CA VAL D 342 2.81 -48.05 -20.72
C VAL D 342 1.52 -48.13 -19.90
N LYS D 343 0.75 -49.20 -20.14
CA LYS D 343 -0.41 -49.45 -19.29
C LYS D 343 0.06 -49.51 -17.85
N ASP D 344 -0.72 -48.91 -16.96
CA ASP D 344 -0.32 -48.80 -15.56
C ASP D 344 -1.59 -48.68 -14.73
N GLN D 345 -1.96 -49.75 -14.02
CA GLN D 345 -3.25 -49.72 -13.32
C GLN D 345 -3.23 -48.86 -12.06
N SER D 346 -2.08 -48.30 -11.67
CA SER D 346 -2.05 -47.28 -10.62
C SER D 346 -2.23 -45.87 -11.15
N ALA D 347 -2.31 -45.69 -12.46
CA ALA D 347 -2.31 -44.33 -12.99
C ALA D 347 -3.75 -43.82 -13.11
N PRO D 348 -3.93 -42.50 -13.11
CA PRO D 348 -5.24 -41.94 -13.42
C PRO D 348 -5.58 -42.13 -14.90
N VAL D 349 -6.85 -41.95 -15.20
CA VAL D 349 -7.29 -41.63 -16.56
C VAL D 349 -7.21 -40.11 -16.73
N TYR D 350 -6.70 -39.70 -17.89
CA TYR D 350 -6.61 -38.30 -18.25
C TYR D 350 -7.74 -37.98 -19.21
N ILE D 351 -8.58 -37.01 -18.84
CA ILE D 351 -9.71 -36.60 -19.69
C ILE D 351 -9.54 -35.13 -20.07
N THR D 352 -9.54 -34.87 -21.38
CA THR D 352 -9.60 -33.51 -21.90
C THR D 352 -11.07 -33.19 -22.17
N ILE D 353 -11.54 -32.08 -21.60
CA ILE D 353 -12.95 -31.73 -21.72
C ILE D 353 -13.03 -30.23 -21.96
N GLY D 354 -12.09 -29.70 -22.74
CA GLY D 354 -12.09 -28.28 -23.03
C GLY D 354 -12.99 -27.86 -24.17
N ASP D 355 -14.13 -28.53 -24.35
CA ASP D 355 -14.95 -28.35 -25.55
C ASP D 355 -16.32 -27.72 -25.27
N ALA D 356 -16.45 -26.88 -24.23
CA ALA D 356 -17.77 -26.33 -23.96
C ALA D 356 -18.15 -25.17 -24.90
N GLY D 357 -17.23 -24.70 -25.75
CA GLY D 357 -17.69 -23.78 -26.78
C GLY D 357 -16.76 -22.65 -27.15
N ASP D 358 -15.96 -22.22 -26.17
CA ASP D 358 -15.04 -21.08 -26.28
C ASP D 358 -15.66 -19.96 -27.11
N TYR D 359 -14.94 -19.43 -28.09
CA TYR D 359 -15.46 -18.42 -29.01
C TYR D 359 -15.98 -19.04 -30.30
N GLY D 360 -16.26 -20.34 -30.30
CA GLY D 360 -16.95 -20.99 -31.39
C GLY D 360 -16.13 -21.89 -32.29
N VAL D 361 -14.92 -22.29 -31.87
CA VAL D 361 -14.00 -23.03 -32.74
C VAL D 361 -13.63 -24.35 -32.06
N ILE D 362 -13.69 -25.44 -32.82
CA ILE D 362 -13.36 -26.76 -32.33
C ILE D 362 -11.97 -27.12 -32.83
N ASP D 363 -11.24 -27.91 -32.05
CA ASP D 363 -9.93 -28.41 -32.46
C ASP D 363 -10.13 -29.78 -33.09
N SER D 364 -9.99 -29.87 -34.41
CA SER D 364 -10.26 -31.13 -35.10
C SER D 364 -9.03 -31.85 -35.61
N ASN D 365 -7.90 -31.17 -35.78
CA ASN D 365 -6.68 -31.83 -36.24
C ASN D 365 -6.09 -32.68 -35.14
N MET D 366 -5.93 -33.97 -35.40
CA MET D 366 -5.39 -34.90 -34.43
C MET D 366 -4.09 -35.52 -34.91
N ILE D 367 -3.23 -35.89 -33.95
CA ILE D 367 -2.07 -36.71 -34.24
C ILE D 367 -2.54 -38.06 -34.78
N GLN D 368 -1.94 -38.52 -35.89
CA GLN D 368 -2.30 -39.79 -36.50
C GLN D 368 -1.11 -40.74 -36.54
N PRO D 369 -1.32 -42.05 -36.27
CA PRO D 369 -2.61 -42.62 -35.89
C PRO D 369 -2.96 -42.31 -34.43
N GLN D 370 -4.18 -42.58 -34.01
CA GLN D 370 -4.50 -42.46 -32.59
C GLN D 370 -3.49 -43.27 -31.77
N PRO D 371 -2.80 -42.66 -30.83
CA PRO D 371 -1.78 -43.41 -30.07
C PRO D 371 -2.42 -44.41 -29.12
N GLU D 372 -1.62 -45.40 -28.71
CA GLU D 372 -2.14 -46.42 -27.82
C GLU D 372 -2.64 -45.82 -26.52
N TYR D 373 -2.04 -44.71 -26.06
CA TYR D 373 -2.46 -44.17 -24.78
C TYR D 373 -3.81 -43.50 -24.84
N SER D 374 -4.35 -43.25 -26.03
CA SER D 374 -5.62 -42.56 -26.21
C SER D 374 -6.73 -43.59 -26.39
N ALA D 375 -7.74 -43.52 -25.53
CA ALA D 375 -8.85 -44.47 -25.62
C ALA D 375 -9.94 -43.99 -26.55
N PHE D 376 -10.27 -42.71 -26.47
CA PHE D 376 -11.38 -42.16 -27.23
C PHE D 376 -11.12 -40.68 -27.39
N ARG D 377 -11.34 -40.15 -28.59
CA ARG D 377 -11.18 -38.73 -28.83
C ARG D 377 -12.17 -38.31 -29.89
N GLU D 378 -12.76 -37.13 -29.72
CA GLU D 378 -13.67 -36.62 -30.73
C GLU D 378 -13.75 -35.12 -30.65
N ALA D 379 -13.72 -34.46 -31.81
CA ALA D 379 -13.82 -33.00 -31.90
C ALA D 379 -15.28 -32.59 -32.07
N SER D 380 -16.00 -32.58 -30.95
CA SER D 380 -17.35 -32.04 -30.87
C SER D 380 -17.48 -31.20 -29.61
N PHE D 381 -18.37 -30.22 -29.64
CA PHE D 381 -18.71 -29.46 -28.45
C PHE D 381 -19.53 -30.32 -27.49
N GLY D 382 -19.34 -30.08 -26.19
CA GLY D 382 -20.13 -30.77 -25.19
C GLY D 382 -19.56 -30.58 -23.79
N HIS D 383 -19.97 -31.45 -22.89
CA HIS D 383 -19.58 -31.37 -21.49
C HIS D 383 -19.62 -32.76 -20.90
N GLY D 384 -19.11 -32.89 -19.67
CA GLY D 384 -18.98 -34.17 -19.04
C GLY D 384 -19.73 -34.24 -17.71
N MET D 385 -19.90 -35.47 -17.22
N MET D 385 -19.85 -35.47 -17.20
CA MET D 385 -20.44 -35.72 -15.89
CA MET D 385 -20.49 -35.74 -15.91
C MET D 385 -19.65 -36.84 -15.26
C MET D 385 -19.72 -36.87 -15.24
N PHE D 386 -19.26 -36.65 -14.01
CA PHE D 386 -18.57 -37.67 -13.22
C PHE D 386 -19.51 -37.99 -12.08
N ASP D 387 -20.19 -39.13 -12.19
CA ASP D 387 -21.30 -39.50 -11.31
C ASP D 387 -20.81 -40.58 -10.35
N ILE D 388 -20.45 -40.17 -9.12
CA ILE D 388 -19.94 -41.11 -8.11
C ILE D 388 -21.12 -41.88 -7.51
N LYS D 389 -21.07 -43.20 -7.62
CA LYS D 389 -22.10 -44.05 -7.01
C LYS D 389 -21.75 -44.50 -5.61
N ASN D 390 -20.46 -44.76 -5.36
CA ASN D 390 -20.00 -45.31 -4.10
C ASN D 390 -18.48 -45.40 -4.13
N ARG D 391 -17.88 -46.10 -3.17
CA ARG D 391 -16.44 -46.08 -3.07
C ARG D 391 -15.73 -46.86 -4.18
N THR D 392 -16.42 -47.77 -4.88
CA THR D 392 -15.78 -48.54 -5.95
C THR D 392 -16.09 -48.04 -7.36
N HIS D 393 -17.23 -47.38 -7.58
CA HIS D 393 -17.75 -47.10 -8.92
C HIS D 393 -18.12 -45.64 -9.07
N ALA D 394 -17.70 -45.06 -10.20
CA ALA D 394 -18.15 -43.75 -10.64
C ALA D 394 -18.40 -43.84 -12.14
N HIS D 395 -19.47 -43.23 -12.62
CA HIS D 395 -19.83 -43.30 -14.03
C HIS D 395 -19.55 -41.96 -14.69
N PHE D 396 -18.67 -41.95 -15.68
CA PHE D 396 -18.37 -40.75 -16.44
C PHE D 396 -19.06 -40.83 -17.80
N SER D 397 -19.76 -39.76 -18.16
N SER D 397 -19.76 -39.76 -18.16
CA SER D 397 -20.43 -39.65 -19.44
CA SER D 397 -20.41 -39.64 -19.45
C SER D 397 -20.04 -38.34 -20.12
C SER D 397 -20.00 -38.35 -20.14
N TRP D 398 -20.05 -38.37 -21.47
CA TRP D 398 -19.78 -37.22 -22.31
C TRP D 398 -20.99 -36.98 -23.22
N ASN D 399 -21.60 -35.80 -23.10
CA ASN D 399 -22.74 -35.44 -23.91
C ASN D 399 -22.34 -34.42 -24.94
N ARG D 400 -22.72 -34.66 -26.20
CA ARG D 400 -22.40 -33.75 -27.29
C ARG D 400 -23.55 -32.77 -27.52
N ASN D 401 -23.19 -31.54 -27.93
CA ASN D 401 -24.21 -30.54 -28.20
C ASN D 401 -25.13 -30.94 -29.36
N GLN D 402 -24.61 -31.68 -30.34
CA GLN D 402 -25.44 -32.09 -31.46
C GLN D 402 -26.39 -33.23 -31.12
N ASP D 403 -26.30 -33.80 -29.93
CA ASP D 403 -27.14 -34.93 -29.53
C ASP D 403 -28.26 -34.45 -28.61
N GLY D 404 -29.22 -35.34 -28.36
CA GLY D 404 -30.19 -35.09 -27.30
C GLY D 404 -29.51 -35.00 -25.95
N VAL D 405 -30.15 -34.27 -25.03
CA VAL D 405 -29.54 -34.01 -23.73
C VAL D 405 -29.33 -35.29 -22.92
N ALA D 406 -30.08 -36.36 -23.21
CA ALA D 406 -29.94 -37.62 -22.47
C ALA D 406 -28.98 -38.60 -23.13
N VAL D 407 -28.44 -38.28 -24.30
CA VAL D 407 -27.60 -39.21 -25.05
C VAL D 407 -26.15 -39.00 -24.64
N GLU D 408 -25.45 -40.11 -24.41
CA GLU D 408 -24.03 -40.08 -24.04
C GLU D 408 -23.21 -40.70 -25.17
N ALA D 409 -22.51 -39.87 -25.94
CA ALA D 409 -21.71 -40.38 -27.05
C ALA D 409 -20.52 -41.19 -26.56
N ASP D 410 -20.03 -40.91 -25.34
CA ASP D 410 -19.00 -41.72 -24.72
C ASP D 410 -19.34 -41.85 -23.25
N SER D 411 -19.05 -43.02 -22.69
CA SER D 411 -19.25 -43.22 -21.28
C SER D 411 -18.40 -44.40 -20.85
N VAL D 412 -18.02 -44.41 -19.58
CA VAL D 412 -17.15 -45.45 -19.05
C VAL D 412 -17.35 -45.51 -17.55
N TRP D 413 -17.22 -46.71 -17.00
CA TRP D 413 -17.23 -46.91 -15.56
C TRP D 413 -15.81 -46.75 -15.04
N PHE D 414 -15.63 -45.84 -14.10
CA PHE D 414 -14.38 -45.71 -13.35
C PHE D 414 -14.42 -46.68 -12.18
N PHE D 415 -13.43 -47.53 -12.08
CA PHE D 415 -13.25 -48.42 -10.93
C PHE D 415 -12.18 -47.82 -10.02
N ASN D 416 -12.53 -47.59 -8.76
CA ASN D 416 -11.72 -46.78 -7.88
C ASN D 416 -10.32 -47.38 -7.69
N ARG D 417 -9.29 -46.53 -7.77
CA ARG D 417 -7.91 -47.03 -7.75
C ARG D 417 -7.51 -47.54 -6.38
N HIS D 418 -8.19 -47.12 -5.32
CA HIS D 418 -7.85 -47.59 -3.98
C HIS D 418 -8.71 -48.77 -3.55
N TRP D 419 -10.01 -48.73 -3.85
CA TRP D 419 -10.91 -49.78 -3.38
C TRP D 419 -11.22 -50.84 -4.43
N TYR D 420 -11.01 -50.56 -5.70
CA TYR D 420 -11.43 -51.52 -6.70
C TYR D 420 -10.62 -51.37 -7.99
N PRO D 421 -9.28 -51.56 -7.96
CA PRO D 421 -8.44 -51.20 -9.12
C PRO D 421 -8.45 -52.27 -10.21
N VAL D 422 -9.63 -52.50 -10.77
CA VAL D 422 -9.81 -53.39 -11.91
C VAL D 422 -9.47 -52.64 -13.18
N ASP D 423 -8.95 -53.35 -14.18
CA ASP D 423 -8.83 -52.76 -15.51
C ASP D 423 -10.20 -52.25 -15.97
N ASP D 424 -10.34 -50.94 -16.14
CA ASP D 424 -11.60 -50.35 -16.59
C ASP D 424 -11.51 -49.82 -18.02
N SER D 425 -10.61 -50.38 -18.83
CA SER D 425 -10.41 -49.92 -20.20
C SER D 425 -11.73 -49.92 -20.97
N THR D 426 -11.84 -48.97 -21.90
CA THR D 426 -13.05 -48.70 -22.67
C THR D 426 -13.70 -49.94 -23.29
#